data_2FIH
# 
_entry.id   2FIH 
# 
_audit_conform.dict_name       mmcif_pdbx.dic 
_audit_conform.dict_version    5.377 
_audit_conform.dict_location   http://mmcif.pdb.org/dictionaries/ascii/mmcif_pdbx.dic 
# 
loop_
_database_2.database_id 
_database_2.database_code 
_database_2.pdbx_database_accession 
_database_2.pdbx_DOI 
PDB   2FIH         pdb_00002fih 10.2210/pdb2fih/pdb 
NDB   BD0091       ?            ?                   
RCSB  RCSB035916   ?            ?                   
WWPDB D_1000035916 ?            ?                   
# 
loop_
_pdbx_database_related.db_name 
_pdbx_database_related.db_id 
_pdbx_database_related.details 
_pdbx_database_related.content_type 
PDB 2FII . unspecified 
PDB 2FIJ . unspecified 
PDB 2FIL . unspecified 
# 
_pdbx_database_status.status_code                     REL 
_pdbx_database_status.entry_id                        2FIH 
_pdbx_database_status.recvd_initial_deposition_date   2005-12-29 
_pdbx_database_status.deposit_site                    RCSB 
_pdbx_database_status.process_site                    RCSB 
_pdbx_database_status.status_code_sf                  REL 
_pdbx_database_status.status_code_mr                  ? 
_pdbx_database_status.SG_entry                        ? 
_pdbx_database_status.status_code_cs                  ? 
_pdbx_database_status.pdb_format_compatible           Y 
_pdbx_database_status.status_code_nmr_data            ? 
_pdbx_database_status.methods_development_category    ? 
# 
loop_
_audit_author.name 
_audit_author.pdbx_ordinal 
'Egli, M.' 1 
'Li, F.'   2 
# 
_citation.id                        primary 
_citation.title                     
;2'-Fluoroarabino- and arabinonucleic acid show different conformations, resulting in deviating RNA affinities and processing of their heteroduplexes with RNA by RNase H.
;
_citation.journal_abbrev            Biochemistry 
_citation.journal_volume            45 
_citation.page_first                4141 
_citation.page_last                 4152 
_citation.year                      2006 
_citation.journal_id_ASTM           BICHAW 
_citation.country                   US 
_citation.journal_id_ISSN           0006-2960 
_citation.journal_id_CSD            0033 
_citation.book_publisher            ? 
_citation.pdbx_database_id_PubMed   16566588 
_citation.pdbx_database_id_DOI      10.1021/bi052322r 
# 
loop_
_citation_author.citation_id 
_citation_author.name 
_citation_author.ordinal 
_citation_author.identifier_ORCID 
primary 'Li, F.'        1 ? 
primary 'Sarkhel, S.'   2 ? 
primary 'Wilds, C.J.'   3 ? 
primary 'Wawrzak, Z.'   4 ? 
primary 'Prakash, T.P.' 5 ? 
primary 'Manoharan, M.' 6 ? 
primary 'Egli, M.'      7 ? 
# 
_cell.entry_id           2FIH 
_cell.length_a           25.474 
_cell.length_b           39.757 
_cell.length_c           65.345 
_cell.angle_alpha        90.00 
_cell.angle_beta         90.00 
_cell.angle_gamma        90.00 
_cell.Z_PDB              8 
_cell.pdbx_unique_axis   ? 
_cell.length_a_esd       ? 
_cell.length_b_esd       ? 
_cell.length_c_esd       ? 
_cell.angle_alpha_esd    ? 
_cell.angle_beta_esd     ? 
_cell.angle_gamma_esd    ? 
# 
_symmetry.entry_id                         2FIH 
_symmetry.space_group_name_H-M             'P 21 21 21' 
_symmetry.pdbx_full_space_group_name_H-M   ? 
_symmetry.cell_setting                     ? 
_symmetry.Int_Tables_number                19 
_symmetry.space_group_name_Hall            ? 
# 
loop_
_entity.id 
_entity.type 
_entity.src_method 
_entity.pdbx_description 
_entity.formula_weight 
_entity.pdbx_number_of_molecules 
_entity.pdbx_ec 
_entity.pdbx_mutation 
_entity.pdbx_fragment 
_entity.details 
1 polymer     syn "5'-D(*CP*GP*CP*GP*AP*AP*(UAR)P*TP*CP*GP*CP*G)-3'" 3665.365 2   ? 'Incorporated arabino-U at position 7' ? ? 
2 non-polymer syn 'MAGNESIUM ION'                                    24.305   1   ? ?                                      ? ? 
3 water       nat water                                              18.015   179 ? ?                                      ? ? 
# 
_entity_poly.entity_id                      1 
_entity_poly.type                           polydeoxyribonucleotide 
_entity_poly.nstd_linkage                   no 
_entity_poly.nstd_monomer                   yes 
_entity_poly.pdbx_seq_one_letter_code       '(DC)(DG)(DC)(DG)(DA)(DA)(UAR)(DT)(DC)(DG)(DC)(DG)' 
_entity_poly.pdbx_seq_one_letter_code_can   CGCGAAUTCGCG 
_entity_poly.pdbx_strand_id                 A,B 
_entity_poly.pdbx_target_identifier         ? 
# 
loop_
_entity_poly_seq.entity_id 
_entity_poly_seq.num 
_entity_poly_seq.mon_id 
_entity_poly_seq.hetero 
1 1  DC  n 
1 2  DG  n 
1 3  DC  n 
1 4  DG  n 
1 5  DA  n 
1 6  DA  n 
1 7  UAR n 
1 8  DT  n 
1 9  DC  n 
1 10 DG  n 
1 11 DC  n 
1 12 DG  n 
# 
_struct_ref.id                         1 
_struct_ref.entity_id                  1 
_struct_ref.db_name                    PDB 
_struct_ref.db_code                    2FIH 
_struct_ref.pdbx_db_accession          2FIH 
_struct_ref.pdbx_align_begin           ? 
_struct_ref.pdbx_seq_one_letter_code   ? 
_struct_ref.pdbx_db_isoform            ? 
# 
loop_
_struct_ref_seq.align_id 
_struct_ref_seq.ref_id 
_struct_ref_seq.pdbx_PDB_id_code 
_struct_ref_seq.pdbx_strand_id 
_struct_ref_seq.seq_align_beg 
_struct_ref_seq.pdbx_seq_align_beg_ins_code 
_struct_ref_seq.seq_align_end 
_struct_ref_seq.pdbx_seq_align_end_ins_code 
_struct_ref_seq.pdbx_db_accession 
_struct_ref_seq.db_align_beg 
_struct_ref_seq.pdbx_db_align_beg_ins_code 
_struct_ref_seq.db_align_end 
_struct_ref_seq.pdbx_db_align_end_ins_code 
_struct_ref_seq.pdbx_auth_seq_align_beg 
_struct_ref_seq.pdbx_auth_seq_align_end 
1 1 2FIH A 1 ? 12 ? 2FIH 1   ? 12  ? 1   12  
2 1 2FIH B 1 ? 12 ? 2FIH 113 ? 124 ? 113 124 
# 
loop_
_chem_comp.id 
_chem_comp.type 
_chem_comp.mon_nstd_flag 
_chem_comp.name 
_chem_comp.pdbx_synonyms 
_chem_comp.formula 
_chem_comp.formula_weight 
DA  'DNA linking' y "2'-DEOXYADENOSINE-5'-MONOPHOSPHATE" ? 'C10 H14 N5 O6 P' 331.222 
DC  'DNA linking' y "2'-DEOXYCYTIDINE-5'-MONOPHOSPHATE"  ? 'C9 H14 N3 O7 P'  307.197 
DG  'DNA linking' y "2'-DEOXYGUANOSINE-5'-MONOPHOSPHATE" ? 'C10 H14 N5 O7 P' 347.221 
DT  'DNA linking' y "THYMIDINE-5'-MONOPHOSPHATE"         ? 'C10 H15 N2 O8 P' 322.208 
HOH non-polymer   . WATER                                ? 'H2 O'            18.015  
MG  non-polymer   . 'MAGNESIUM ION'                      ? 'Mg 2'            24.305  
UAR 'RNA linking' n 
;URACIL ARABINOSE-5'-PHOSPHATE
;
? 'C9 H13 N2 O9 P'  324.181 
# 
_exptl.entry_id          2FIH 
_exptl.method            'X-RAY DIFFRACTION' 
_exptl.crystals_number   1 
# 
_exptl_crystal.id                    1 
_exptl_crystal.density_meas          ? 
_exptl_crystal.density_Matthews      2.16 
_exptl_crystal.density_percent_sol   43.12 
_exptl_crystal.description           ? 
_exptl_crystal.F_000                 ? 
_exptl_crystal.preparation           ? 
# 
_exptl_crystal_grow.crystal_id      1 
_exptl_crystal_grow.method          ? 
_exptl_crystal_grow.temp            291 
_exptl_crystal_grow.temp_details    ? 
_exptl_crystal_grow.pH              7.00 
_exptl_crystal_grow.pdbx_details    
;Final droplet composition: 0.6mM oligonucleotide, 20mM sodium cacodylate, 6.3mM Mg(OAc)2, and 3mM spermine tetrahydrochloride., pH 7.0, VAPOR DIFFUSION, HANGING DROP, temperature 291K, pH 7.00
;
_exptl_crystal_grow.pdbx_pH_range   . 
# 
loop_
_exptl_crystal_grow_comp.crystal_id 
_exptl_crystal_grow_comp.id 
_exptl_crystal_grow_comp.sol_id 
_exptl_crystal_grow_comp.name 
_exptl_crystal_grow_comp.volume 
_exptl_crystal_grow_comp.conc 
_exptl_crystal_grow_comp.details 
1 1 1 'sodium cacodylate' ? ? ? 
1 2 1 'Mg(OAc)2'          ? ? ? 
1 3 1 spermine            ? ? ? 
1 4 1 tetrahydrochloride  ? ? ? 
1 5 1 H2O                 ? ? ? 
1 6 2 'sodium cacodylate' ? ? ? 
1 7 2 'Mg(OAc)2'          ? ? ? 
1 8 2 H2O                 ? ? ? 
# 
_diffrn.id                     1 
_diffrn.ambient_temp           103.0 
_diffrn.ambient_temp_details   ? 
_diffrn.crystal_id             1 
# 
_diffrn_detector.diffrn_id              1 
_diffrn_detector.detector               CCD 
_diffrn_detector.type                   MARRESEARCH 
_diffrn_detector.pdbx_collection_date   2002-08-15 
_diffrn_detector.details                ? 
# 
_diffrn_radiation.diffrn_id                        1 
_diffrn_radiation.wavelength_id                    1 
_diffrn_radiation.pdbx_monochromatic_or_laue_m_l   M 
_diffrn_radiation.monochromator                    ? 
_diffrn_radiation.pdbx_diffrn_protocol             'SINGLE WAVELENGTH' 
_diffrn_radiation.pdbx_scattering_type             x-ray 
# 
_diffrn_radiation_wavelength.id           1 
_diffrn_radiation_wavelength.wavelength   0.82600 
_diffrn_radiation_wavelength.wt           1.0 
# 
_diffrn_source.diffrn_id                   1 
_diffrn_source.source                      SYNCHROTRON 
_diffrn_source.type                        'APS BEAMLINE 5ID-B' 
_diffrn_source.pdbx_synchrotron_site       APS 
_diffrn_source.pdbx_synchrotron_beamline   5ID-B 
_diffrn_source.pdbx_wavelength             0.82600 
_diffrn_source.pdbx_wavelength_list        ? 
# 
_reflns.entry_id                     2FIH 
_reflns.observed_criterion_sigma_I   0.000 
_reflns.observed_criterion_sigma_F   ? 
_reflns.d_resolution_low             50.000 
_reflns.d_resolution_high            1.130 
_reflns.number_obs                   23845 
_reflns.number_all                   ? 
_reflns.percent_possible_obs         96.3 
_reflns.pdbx_Rmerge_I_obs            0.033 
_reflns.pdbx_Rsym_value              ? 
_reflns.pdbx_netI_over_sigmaI        ? 
_reflns.B_iso_Wilson_estimate        ? 
_reflns.pdbx_redundancy              ? 
_reflns.R_free_details               ? 
_reflns.pdbx_chi_squared             ? 
_reflns.pdbx_scaling_rejects         ? 
_reflns.pdbx_ordinal                 1 
_reflns.pdbx_diffrn_id               1 
# 
_reflns_shell.d_res_high             1.13 
_reflns_shell.d_res_low              1.17 
_reflns_shell.percent_possible_all   59.5 
_reflns_shell.Rmerge_I_obs           0.2 
_reflns_shell.pdbx_Rsym_value        ? 
_reflns_shell.meanI_over_sigI_obs    ? 
_reflns_shell.pdbx_redundancy        ? 
_reflns_shell.percent_possible_obs   ? 
_reflns_shell.number_unique_all      ? 
_reflns_shell.number_measured_all    ? 
_reflns_shell.number_measured_obs    ? 
_reflns_shell.number_unique_obs      ? 
_reflns_shell.pdbx_chi_squared       ? 
_reflns_shell.pdbx_ordinal           1 
_reflns_shell.pdbx_diffrn_id         1 
# 
_refine.entry_id                                 2FIH 
_refine.ls_number_reflns_obs                     ? 
_refine.ls_number_reflns_all                     23685 
_refine.pdbx_ls_sigma_I                          ? 
_refine.pdbx_ls_sigma_F                          0.000 
_refine.pdbx_data_cutoff_high_absF               ? 
_refine.pdbx_data_cutoff_low_absF                ? 
_refine.pdbx_data_cutoff_high_rms_absF           ? 
_refine.ls_d_res_low                             50.00 
_refine.ls_d_res_high                            1.13 
_refine.ls_percent_reflns_obs                    ? 
_refine.ls_R_factor_obs                          0.191 
_refine.ls_R_factor_all                          0.188 
_refine.ls_R_factor_R_work                       ? 
_refine.ls_R_factor_R_free                       0.24 
_refine.ls_R_factor_R_free_error                 ? 
_refine.ls_R_factor_R_free_error_details         ? 
_refine.ls_percent_reflns_R_free                 4.97 
_refine.ls_number_reflns_R_free                  1178 
_refine.ls_number_parameters                     ? 
_refine.ls_number_restraints                     15328 
_refine.occupancy_min                            ? 
_refine.occupancy_max                            ? 
_refine.correlation_coeff_Fo_to_Fc               ? 
_refine.correlation_coeff_Fo_to_Fc_free          ? 
_refine.B_iso_mean                               ? 
_refine.aniso_B[1][1]                            ? 
_refine.aniso_B[2][2]                            ? 
_refine.aniso_B[3][3]                            ? 
_refine.aniso_B[1][2]                            ? 
_refine.aniso_B[1][3]                            ? 
_refine.aniso_B[2][3]                            ? 
_refine.solvent_model_details                    ? 
_refine.solvent_model_param_ksol                 ? 
_refine.solvent_model_param_bsol                 ? 
_refine.pdbx_solvent_vdw_probe_radii             ? 
_refine.pdbx_solvent_ion_probe_radii             ? 
_refine.pdbx_solvent_shrinkage_radii             ? 
_refine.pdbx_ls_cross_valid_method               ? 
_refine.details                                  
;The hkl data was processed from 50.0 A(low) to 1.09 A(high) according to the
scalepack output. Authors performed the refinement from 50.0 A to 1.13 A, because the last shell (1.13-1.09A) has a low completeness and was exluded. The low resolution range 50.0A-23.7A might not contain any data.
;
_refine.pdbx_starting_model                      'NDB entry BDL084/PDB entry 355D' 
_refine.pdbx_method_to_determine_struct          'MOLECULAR REPLACEMENT' 
_refine.pdbx_isotropic_thermal_model             ? 
_refine.pdbx_stereochemistry_target_values       ? 
_refine.pdbx_stereochem_target_val_spec_case     ? 
_refine.pdbx_R_Free_selection_details            RANDOM 
_refine.pdbx_overall_ESU_R                       ? 
_refine.pdbx_overall_ESU_R_Free                  ? 
_refine.overall_SU_ML                            ? 
_refine.overall_SU_B                             ? 
_refine.ls_redundancy_reflns_obs                 ? 
_refine.overall_SU_R_Cruickshank_DPI             ? 
_refine.overall_SU_R_free                        ? 
_refine.ls_wR_factor_R_free                      ? 
_refine.ls_wR_factor_R_work                      ? 
_refine.overall_FOM_free_R_set                   ? 
_refine.overall_FOM_work_R_set                   ? 
_refine.pdbx_refine_id                           'X-RAY DIFFRACTION' 
_refine.pdbx_overall_phase_error                 ? 
_refine.pdbx_diffrn_id                           1 
_refine.pdbx_TLS_residual_ADP_flag               ? 
_refine.pdbx_overall_SU_R_free_Cruickshank_DPI   ? 
_refine.pdbx_overall_SU_R_Blow_DPI               ? 
_refine.pdbx_overall_SU_R_free_Blow_DPI          ? 
# 
_refine_hist.pdbx_refine_id                   'X-RAY DIFFRACTION' 
_refine_hist.cycle_id                         LAST 
_refine_hist.pdbx_number_atoms_protein        0 
_refine_hist.pdbx_number_atoms_nucleic_acid   486 
_refine_hist.pdbx_number_atoms_ligand         1 
_refine_hist.number_atoms_solvent             179 
_refine_hist.number_atoms_total               666 
_refine_hist.d_res_high                       1.13 
_refine_hist.d_res_low                        50.00 
# 
_pdbx_refine.entry_id                                    2FIH 
_pdbx_refine.R_factor_all_no_cutoff                      0.188 
_pdbx_refine.R_factor_obs_no_cutoff                      0.191 
_pdbx_refine.free_R_factor_no_cutoff                     0.24 
_pdbx_refine.free_R_val_test_set_size_perc_no_cutoff     4.97 
_pdbx_refine.free_R_val_test_set_ct_no_cutoff            1178 
_pdbx_refine.R_factor_all_4sig_cutoff                    0.177 
_pdbx_refine.R_factor_obs_4sig_cutoff                    0.174 
_pdbx_refine.free_R_factor_4sig_cutoff                   0.22 
_pdbx_refine.free_R_val_test_set_size_perc_4sig_cutoff   4.97 
_pdbx_refine.free_R_val_test_set_ct_4sig_cutoff          991 
_pdbx_refine.number_reflns_obs_4sig_cutoff               19923 
_pdbx_refine.pdbx_refine_id                              'X-RAY DIFFRACTION' 
_pdbx_refine.free_R_error_no_cutoff                      ? 
# 
_struct.entry_id                  2FIH 
_struct.title                     
'Crystal Structure Analysis of the B-DNA Dodecamer CGCGAA-aU-TCGCG, with Incorporated Arabino-Uridine (aU)' 
_struct.pdbx_model_details        ? 
_struct.pdbx_CASP_flag            ? 
_struct.pdbx_model_type_details   ? 
# 
_struct_keywords.entry_id        2FIH 
_struct_keywords.pdbx_keywords   DNA 
_struct_keywords.text            'Arabinonucleic Acid, Sugar Modifications, B-form DNA, DNA' 
# 
loop_
_struct_asym.id 
_struct_asym.pdbx_blank_PDB_chainid_flag 
_struct_asym.pdbx_modified 
_struct_asym.entity_id 
_struct_asym.details 
A N N 1 ? 
B N N 1 ? 
C N N 2 ? 
D N N 3 ? 
E N N 3 ? 
# 
_struct_biol.id                    1 
_struct_biol.details               
'The biological assembly is a duplex and corresponds to the crystallographic asymmetric unit, hence no symmetry operators are needed' 
_struct_biol.pdbx_parent_biol_id   ? 
# 
loop_
_struct_conn.id 
_struct_conn.conn_type_id 
_struct_conn.pdbx_leaving_atom_flag 
_struct_conn.pdbx_PDB_id 
_struct_conn.ptnr1_label_asym_id 
_struct_conn.ptnr1_label_comp_id 
_struct_conn.ptnr1_label_seq_id 
_struct_conn.ptnr1_label_atom_id 
_struct_conn.pdbx_ptnr1_label_alt_id 
_struct_conn.pdbx_ptnr1_PDB_ins_code 
_struct_conn.pdbx_ptnr1_standard_comp_id 
_struct_conn.ptnr1_symmetry 
_struct_conn.ptnr2_label_asym_id 
_struct_conn.ptnr2_label_comp_id 
_struct_conn.ptnr2_label_seq_id 
_struct_conn.ptnr2_label_atom_id 
_struct_conn.pdbx_ptnr2_label_alt_id 
_struct_conn.pdbx_ptnr2_PDB_ins_code 
_struct_conn.ptnr1_auth_asym_id 
_struct_conn.ptnr1_auth_comp_id 
_struct_conn.ptnr1_auth_seq_id 
_struct_conn.ptnr2_auth_asym_id 
_struct_conn.ptnr2_auth_comp_id 
_struct_conn.ptnr2_auth_seq_id 
_struct_conn.ptnr2_symmetry 
_struct_conn.pdbx_ptnr3_label_atom_id 
_struct_conn.pdbx_ptnr3_label_seq_id 
_struct_conn.pdbx_ptnr3_label_comp_id 
_struct_conn.pdbx_ptnr3_label_asym_id 
_struct_conn.pdbx_ptnr3_label_alt_id 
_struct_conn.pdbx_ptnr3_PDB_ins_code 
_struct_conn.details 
_struct_conn.pdbx_dist_value 
_struct_conn.pdbx_value_order 
_struct_conn.pdbx_role 
covale1  covale both ? A DA  6  "O3'" ? ? ? 1_555 A UAR 7  P  ? ? A DA  6   A UAR 7   1_555 ? ? ? ? ? ? ?            1.567 ? ? 
covale2  covale both ? A UAR 7  "O3'" ? ? ? 1_555 A DT  8  P  ? ? A UAR 7   A DT  8   1_555 ? ? ? ? ? ? ?            1.564 ? ? 
covale3  covale both ? B DA  6  "O3'" ? ? ? 1_555 B UAR 7  P  ? ? B DA  118 B UAR 119 1_555 ? ? ? ? ? ? ?            1.566 ? ? 
covale4  covale both ? B UAR 7  "O3'" ? ? ? 1_555 B DT  8  P  ? ? B UAR 119 B DT  120 1_555 ? ? ? ? ? ? ?            1.569 ? ? 
metalc1  metalc ?    ? D HOH .  O     ? ? ? 3_446 C MG  .  MG ? ? A HOH 305 A MG  493 1_555 ? ? ? ? ? ? ?            2.067 ? ? 
metalc2  metalc ?    ? D HOH .  O     ? ? ? 3_446 C MG  .  MG ? ? A HOH 308 A MG  493 1_555 ? ? ? ? ? ? ?            2.052 ? ? 
metalc3  metalc ?    ? D HOH .  O     ? ? ? 3_446 C MG  .  MG ? ? A HOH 309 A MG  493 1_555 ? ? ? ? ? ? ?            2.066 ? ? 
metalc4  metalc ?    ? D HOH .  O     ? ? ? 1_555 C MG  .  MG ? ? A HOH 340 A MG  493 1_555 ? ? ? ? ? ? ?            2.043 ? ? 
metalc5  metalc ?    ? D HOH .  O     ? ? ? 3_446 C MG  .  MG ? ? A HOH 372 A MG  493 1_555 ? ? ? ? ? ? ?            2.105 ? ? 
metalc6  metalc ?    ? C MG  .  MG    ? ? ? 1_555 E HOH .  O  ? ? A MG  493 B HOH 341 1_555 ? ? ? ? ? ? ?            2.039 ? ? 
hydrog1  hydrog ?    ? A DC  1  N3    ? ? ? 1_555 B DG  12 N1 ? ? A DC  1   B DG  124 1_555 ? ? ? ? ? ? WATSON-CRICK ?     ? ? 
hydrog2  hydrog ?    ? A DC  1  N4    ? ? ? 1_555 B DG  12 O6 ? ? A DC  1   B DG  124 1_555 ? ? ? ? ? ? WATSON-CRICK ?     ? ? 
hydrog3  hydrog ?    ? A DC  1  O2    ? ? ? 1_555 B DG  12 N2 ? ? A DC  1   B DG  124 1_555 ? ? ? ? ? ? WATSON-CRICK ?     ? ? 
hydrog4  hydrog ?    ? A DG  2  N1    ? ? ? 1_555 B DC  11 N3 ? ? A DG  2   B DC  123 1_555 ? ? ? ? ? ? WATSON-CRICK ?     ? ? 
hydrog5  hydrog ?    ? A DG  2  N2    ? ? ? 1_555 B DC  11 O2 ? ? A DG  2   B DC  123 1_555 ? ? ? ? ? ? WATSON-CRICK ?     ? ? 
hydrog6  hydrog ?    ? A DG  2  O6    ? ? ? 1_555 B DC  11 N4 ? ? A DG  2   B DC  123 1_555 ? ? ? ? ? ? WATSON-CRICK ?     ? ? 
hydrog7  hydrog ?    ? A DC  3  N3    ? ? ? 1_555 B DG  10 N1 ? ? A DC  3   B DG  122 1_555 ? ? ? ? ? ? WATSON-CRICK ?     ? ? 
hydrog8  hydrog ?    ? A DC  3  N4    ? ? ? 1_555 B DG  10 O6 ? ? A DC  3   B DG  122 1_555 ? ? ? ? ? ? WATSON-CRICK ?     ? ? 
hydrog9  hydrog ?    ? A DC  3  O2    ? ? ? 1_555 B DG  10 N2 ? ? A DC  3   B DG  122 1_555 ? ? ? ? ? ? WATSON-CRICK ?     ? ? 
hydrog10 hydrog ?    ? A DG  4  N1    ? ? ? 1_555 B DC  9  N3 ? ? A DG  4   B DC  121 1_555 ? ? ? ? ? ? WATSON-CRICK ?     ? ? 
hydrog11 hydrog ?    ? A DG  4  N2    ? ? ? 1_555 B DC  9  O2 ? ? A DG  4   B DC  121 1_555 ? ? ? ? ? ? WATSON-CRICK ?     ? ? 
hydrog12 hydrog ?    ? A DG  4  O6    ? ? ? 1_555 B DC  9  N4 ? ? A DG  4   B DC  121 1_555 ? ? ? ? ? ? WATSON-CRICK ?     ? ? 
hydrog13 hydrog ?    ? A DA  5  N1    ? ? ? 1_555 B DT  8  N3 ? ? A DA  5   B DT  120 1_555 ? ? ? ? ? ? WATSON-CRICK ?     ? ? 
hydrog14 hydrog ?    ? A DA  5  N6    ? ? ? 1_555 B DT  8  O4 ? ? A DA  5   B DT  120 1_555 ? ? ? ? ? ? WATSON-CRICK ?     ? ? 
hydrog15 hydrog ?    ? A DA  6  N1    ? ? ? 1_555 B UAR 7  N3 ? ? A DA  6   B UAR 119 1_555 ? ? ? ? ? ? WATSON-CRICK ?     ? ? 
hydrog16 hydrog ?    ? A DA  6  N6    ? ? ? 1_555 B UAR 7  O4 ? ? A DA  6   B UAR 119 1_555 ? ? ? ? ? ? WATSON-CRICK ?     ? ? 
hydrog17 hydrog ?    ? A UAR 7  N3    ? ? ? 1_555 B DA  6  N1 ? ? A UAR 7   B DA  118 1_555 ? ? ? ? ? ? WATSON-CRICK ?     ? ? 
hydrog18 hydrog ?    ? A UAR 7  O4    ? ? ? 1_555 B DA  6  N6 ? ? A UAR 7   B DA  118 1_555 ? ? ? ? ? ? WATSON-CRICK ?     ? ? 
hydrog19 hydrog ?    ? A DT  8  N3    ? ? ? 1_555 B DA  5  N1 ? ? A DT  8   B DA  117 1_555 ? ? ? ? ? ? WATSON-CRICK ?     ? ? 
hydrog20 hydrog ?    ? A DT  8  O4    ? ? ? 1_555 B DA  5  N6 ? ? A DT  8   B DA  117 1_555 ? ? ? ? ? ? WATSON-CRICK ?     ? ? 
hydrog21 hydrog ?    ? A DC  9  N3    ? ? ? 1_555 B DG  4  N1 ? ? A DC  9   B DG  116 1_555 ? ? ? ? ? ? WATSON-CRICK ?     ? ? 
hydrog22 hydrog ?    ? A DC  9  N4    ? ? ? 1_555 B DG  4  O6 ? ? A DC  9   B DG  116 1_555 ? ? ? ? ? ? WATSON-CRICK ?     ? ? 
hydrog23 hydrog ?    ? A DC  9  O2    ? ? ? 1_555 B DG  4  N2 ? ? A DC  9   B DG  116 1_555 ? ? ? ? ? ? WATSON-CRICK ?     ? ? 
hydrog24 hydrog ?    ? A DG  10 N1    ? ? ? 1_555 B DC  3  N3 ? ? A DG  10  B DC  115 1_555 ? ? ? ? ? ? WATSON-CRICK ?     ? ? 
hydrog25 hydrog ?    ? A DG  10 N2    ? ? ? 1_555 B DC  3  O2 ? ? A DG  10  B DC  115 1_555 ? ? ? ? ? ? WATSON-CRICK ?     ? ? 
hydrog26 hydrog ?    ? A DG  10 O6    ? ? ? 1_555 B DC  3  N4 ? ? A DG  10  B DC  115 1_555 ? ? ? ? ? ? WATSON-CRICK ?     ? ? 
hydrog27 hydrog ?    ? A DC  11 N3    ? ? ? 1_555 B DG  2  N1 ? ? A DC  11  B DG  114 1_555 ? ? ? ? ? ? WATSON-CRICK ?     ? ? 
hydrog28 hydrog ?    ? A DC  11 N4    ? ? ? 1_555 B DG  2  O6 ? ? A DC  11  B DG  114 1_555 ? ? ? ? ? ? WATSON-CRICK ?     ? ? 
hydrog29 hydrog ?    ? A DC  11 O2    ? ? ? 1_555 B DG  2  N2 ? ? A DC  11  B DG  114 1_555 ? ? ? ? ? ? WATSON-CRICK ?     ? ? 
hydrog30 hydrog ?    ? A DG  12 N1    ? ? ? 1_555 B DC  1  N3 ? ? A DG  12  B DC  113 1_555 ? ? ? ? ? ? WATSON-CRICK ?     ? ? 
hydrog31 hydrog ?    ? A DG  12 N2    ? ? ? 1_555 B DC  1  O2 ? ? A DG  12  B DC  113 1_555 ? ? ? ? ? ? WATSON-CRICK ?     ? ? 
hydrog32 hydrog ?    ? A DG  12 O6    ? ? ? 1_555 B DC  1  N4 ? ? A DG  12  B DC  113 1_555 ? ? ? ? ? ? WATSON-CRICK ?     ? ? 
# 
loop_
_struct_conn_type.id 
_struct_conn_type.criteria 
_struct_conn_type.reference 
covale ? ? 
metalc ? ? 
hydrog ? ? 
# 
_struct_site.id                   AC1 
_struct_site.pdbx_evidence_code   Software 
_struct_site.pdbx_auth_asym_id    A 
_struct_site.pdbx_auth_comp_id    MG 
_struct_site.pdbx_auth_seq_id     493 
_struct_site.pdbx_auth_ins_code   ? 
_struct_site.pdbx_num_residues    6 
_struct_site.details              'BINDING SITE FOR RESIDUE MG A 493' 
# 
loop_
_struct_site_gen.id 
_struct_site_gen.site_id 
_struct_site_gen.pdbx_num_res 
_struct_site_gen.label_comp_id 
_struct_site_gen.label_asym_id 
_struct_site_gen.label_seq_id 
_struct_site_gen.pdbx_auth_ins_code 
_struct_site_gen.auth_comp_id 
_struct_site_gen.auth_asym_id 
_struct_site_gen.auth_seq_id 
_struct_site_gen.label_atom_id 
_struct_site_gen.label_alt_id 
_struct_site_gen.symmetry 
_struct_site_gen.details 
1 AC1 6 HOH D . ? HOH A 305 . ? 3_446 ? 
2 AC1 6 HOH D . ? HOH A 308 . ? 3_446 ? 
3 AC1 6 HOH D . ? HOH A 309 . ? 3_446 ? 
4 AC1 6 HOH D . ? HOH A 340 . ? 1_555 ? 
5 AC1 6 HOH D . ? HOH A 372 . ? 3_446 ? 
6 AC1 6 HOH E . ? HOH B 341 . ? 1_555 ? 
# 
_atom_sites.entry_id                    2FIH 
_atom_sites.fract_transf_matrix[1][1]   0.03074750 
_atom_sites.fract_transf_matrix[1][2]   0.02404993 
_atom_sites.fract_transf_matrix[1][3]   0.00415036 
_atom_sites.fract_transf_matrix[2][1]   0.01174429 
_atom_sites.fract_transf_matrix[2][2]   -0.01175639 
_atom_sites.fract_transf_matrix[2][3]   -0.01888207 
_atom_sites.fract_transf_matrix[3][1]   -0.00628171 
_atom_sites.fract_transf_matrix[3][2]   0.00975331 
_atom_sites.fract_transf_matrix[3][3]   -0.00997973 
_atom_sites.fract_transf_vector[1]      -0.576227 
_atom_sites.fract_transf_vector[2]      -0.022982 
_atom_sites.fract_transf_vector[3]      0.630140 
# 
loop_
_atom_type.symbol 
C  
MG 
N  
O  
P  
# 
loop_
_atom_site.group_PDB 
_atom_site.id 
_atom_site.type_symbol 
_atom_site.label_atom_id 
_atom_site.label_alt_id 
_atom_site.label_comp_id 
_atom_site.label_asym_id 
_atom_site.label_entity_id 
_atom_site.label_seq_id 
_atom_site.pdbx_PDB_ins_code 
_atom_site.Cartn_x 
_atom_site.Cartn_y 
_atom_site.Cartn_z 
_atom_site.occupancy 
_atom_site.B_iso_or_equiv 
_atom_site.pdbx_formal_charge 
_atom_site.auth_seq_id 
_atom_site.auth_comp_id 
_atom_site.auth_asym_id 
_atom_site.auth_atom_id 
_atom_site.pdbx_PDB_model_num 
ATOM   1   O  "O5'" . DC  A 1 1  ? -17.012 12.175  0.188   1.00 23.92 ? 1   DC  A "O5'" 1 
ATOM   2   C  "C5'" . DC  A 1 1  ? -16.128 12.368  -0.924  1.00 19.15 ? 1   DC  A "C5'" 1 
ATOM   3   C  "C4'" . DC  A 1 1  ? -16.274 11.237  -1.893  1.00 18.48 ? 1   DC  A "C4'" 1 
ATOM   4   O  "O4'" . DC  A 1 1  ? -15.483 11.558  -3.076  1.00 17.99 ? 1   DC  A "O4'" 1 
ATOM   5   C  "C3'" . DC  A 1 1  ? -15.757 9.886   -1.444  1.00 19.58 ? 1   DC  A "C3'" 1 
ATOM   6   O  "O3'" . DC  A 1 1  ? -16.630 8.842   -1.898  1.00 22.69 ? 1   DC  A "O3'" 1 
ATOM   7   C  "C2'" . DC  A 1 1  ? -14.372 9.760   -2.041  1.00 17.44 ? 1   DC  A "C2'" 1 
ATOM   8   C  "C1'" . DC  A 1 1  ? -14.525 10.425  -3.329  1.00 16.64 ? 1   DC  A "C1'" 1 
ATOM   9   N  N1    . DC  A 1 1  ? -13.392 11.111  -3.929  1.00 15.56 ? 1   DC  A N1    1 
ATOM   10  C  C2    . DC  A 1 1  ? -13.153 10.963  -5.306  1.00 15.51 ? 1   DC  A C2    1 
ATOM   11  O  O2    . DC  A 1 1  ? -13.923 10.236  -5.977  1.00 17.07 ? 1   DC  A O2    1 
ATOM   12  N  N3    . DC  A 1 1  ? -12.102 11.608  -5.850  1.00 15.51 ? 1   DC  A N3    1 
ATOM   13  C  C4    . DC  A 1 1  ? -11.287 12.383  -5.116  1.00 15.59 ? 1   DC  A C4    1 
ATOM   14  N  N4    . DC  A 1 1  ? -10.289 12.976  -5.727  1.00 17.12 ? 1   DC  A N4    1 
ATOM   15  C  C5    . DC  A 1 1  ? -11.501 12.554  -3.724  1.00 16.51 ? 1   DC  A C5    1 
ATOM   16  C  C6    . DC  A 1 1  ? -12.553 11.905  -3.202  1.00 16.52 ? 1   DC  A C6    1 
ATOM   17  P  P     . DG  A 1 2  ? -16.560 7.339   -1.440  1.00 24.77 ? 2   DG  A P     1 
ATOM   18  O  OP1   . DG  A 1 2  ? -17.956 6.770   -1.444  1.00 33.17 ? 2   DG  A OP1   1 
ATOM   19  O  OP2   . DG  A 1 2  ? -15.834 7.340   -0.133  1.00 29.24 ? 2   DG  A OP2   1 
ATOM   20  O  "O5'" . DG  A 1 2  ? -15.683 6.619   -2.544  1.00 23.36 ? 2   DG  A "O5'" 1 
ATOM   21  C  "C5'" . DG  A 1 2  ? -16.322 6.541   -3.834  1.00 22.78 ? 2   DG  A "C5'" 1 
ATOM   22  C  "C4'" . DG  A 1 2  ? -15.418 5.707   -4.708  1.00 20.62 ? 2   DG  A "C4'" 1 
ATOM   23  O  "O4'" . DG  A 1 2  ? -14.314 6.532   -5.125  1.00 23.08 ? 2   DG  A "O4'" 1 
ATOM   24  C  "C3'" . DG  A 1 2  ? -14.800 4.508   -4.031  1.00 21.51 ? 2   DG  A "C3'" 1 
ATOM   25  O  "O3'" . DG  A 1 2  ? -14.942 3.434   -4.936  1.00 26.76 ? 2   DG  A "O3'" 1 
ATOM   26  C  "C2'" . DG  A 1 2  ? -13.378 4.928   -3.777  1.00 20.46 ? 2   DG  A "C2'" 1 
ATOM   27  C  "C1'" . DG  A 1 2  ? -13.033 5.817   -4.878  1.00 19.03 ? 2   DG  A "C1'" 1 
ATOM   28  N  N9    . DG  A 1 2  ? -12.087 6.890   -4.661  1.00 16.38 ? 2   DG  A N9    1 
ATOM   29  C  C8    . DG  A 1 2  ? -11.817 7.563   -3.508  1.00 17.18 ? 2   DG  A C8    1 
ATOM   30  N  N7    . DG  A 1 2  ? -10.886 8.488   -3.668  1.00 15.81 ? 2   DG  A N7    1 
ATOM   31  C  C5    . DG  A 1 2  ? -10.545 8.394   -5.008  1.00 15.30 ? 2   DG  A C5    1 
ATOM   32  C  C6    . DG  A 1 2  ? -9.594  9.133   -5.766  1.00 14.79 ? 2   DG  A C6    1 
ATOM   33  O  O6    . DG  A 1 2  ? -8.850  10.049  -5.377  1.00 16.37 ? 2   DG  A O6    1 
ATOM   34  N  N1    . DG  A 1 2  ? -9.554  8.716   -7.101  1.00 15.10 ? 2   DG  A N1    1 
ATOM   35  C  C2    . DG  A 1 2  ? -10.341 7.708   -7.632  1.00 15.31 ? 2   DG  A C2    1 
ATOM   36  N  N2    . DG  A 1 2  ? -10.172 7.440   -8.935  1.00 16.40 ? 2   DG  A N2    1 
ATOM   37  N  N3    . DG  A 1 2  ? -11.223 7.022   -6.927  1.00 15.72 ? 2   DG  A N3    1 
ATOM   38  C  C4    . DG  A 1 2  ? -11.275 7.415   -5.617  1.00 15.94 ? 2   DG  A C4    1 
ATOM   39  P  P     . DC  A 1 3  ? -14.740 1.947   -4.643  1.00 23.98 ? 3   DC  A P     1 
ATOM   40  O  OP1   . DC  A 1 3  ? -16.054 1.255   -4.880  1.00 33.45 ? 3   DC  A OP1   1 
ATOM   41  O  OP2   . DC  A 1 3  ? -14.126 1.751   -3.294  1.00 35.95 ? 3   DC  A OP2   1 
ATOM   42  O  "O5'" . DC  A 1 3  ? -13.692 1.475   -5.746  1.00 26.14 ? 3   DC  A "O5'" 1 
ATOM   43  C  "C5'" . DC  A 1 3  ? -13.843 1.831   -7.112  1.00 21.91 ? 3   DC  A "C5'" 1 
ATOM   44  C  "C4'" . DC  A 1 3  ? -12.461 2.000   -7.705  1.00 19.18 ? 3   DC  A "C4'" 1 
ATOM   45  O  "O4'" . DC  A 1 3  ? -11.874 3.166   -7.073  1.00 19.49 ? 3   DC  A "O4'" 1 
ATOM   46  C  "C3'" . DC  A 1 3  ? -11.477 0.878   -7.492  1.00 21.43 ? 3   DC  A "C3'" 1 
ATOM   47  O  "O3'" . DC  A 1 3  ? -11.489 0.075   -8.658  1.00 26.30 ? 3   DC  A "O3'" 1 
ATOM   48  C  "C2'" . DC  A 1 3  ? -10.166 1.540   -7.305  1.00 24.25 ? 3   DC  A "C2'" 1 
ATOM   49  C  "C1'" . DC  A 1 3  ? -10.362 2.972   -7.282  1.00 21.47 ? 3   DC  A "C1'" 1 
ATOM   50  N  N1    . DC  A 1 3  ? -9.851  3.796   -6.203  1.00 18.91 ? 3   DC  A N1    1 
ATOM   51  C  C2    . DC  A 1 3  ? -8.871  4.745   -6.493  1.00 16.82 ? 3   DC  A C2    1 
ATOM   52  O  O2    . DC  A 1 3  ? -8.462  4.872   -7.635  1.00 17.44 ? 3   DC  A O2    1 
ATOM   53  N  N3    . DC  A 1 3  ? -8.408  5.500   -5.477  1.00 16.68 ? 3   DC  A N3    1 
ATOM   54  C  C4    . DC  A 1 3  ? -8.859  5.360   -4.222  1.00 16.70 ? 3   DC  A C4    1 
ATOM   55  N  N4    . DC  A 1 3  ? -8.354  6.135   -3.282  1.00 18.07 ? 3   DC  A N4    1 
ATOM   56  C  C5    . DC  A 1 3  ? -9.858  4.374   -3.886  1.00 19.40 ? 3   DC  A C5    1 
ATOM   57  C  C6    . DC  A 1 3  ? -10.304 3.647   -4.917  1.00 18.95 ? 3   DC  A C6    1 
ATOM   58  P  P     . DG  A 1 4  ? -10.823 -1.305  -8.782  1.00 36.24 ? 4   DG  A P     1 
ATOM   59  O  OP1   . DG  A 1 4  ? -11.459 -2.013  -9.927  1.00 45.98 ? 4   DG  A OP1   1 
ATOM   60  O  OP2   . DG  A 1 4  ? -10.853 -1.940  -7.437  1.00 46.36 ? 4   DG  A OP2   1 
ATOM   61  O  "O5'" . DG  A 1 4  ? -9.297  -1.002  -9.082  1.00 27.81 ? 4   DG  A "O5'" 1 
ATOM   62  C  "C5'" . DG  A 1 4  ? -9.041  -0.423  -10.388 1.00 26.05 ? 4   DG  A "C5'" 1 
ATOM   63  C  "C4'" . DG  A 1 4  ? -7.565  -0.122  -10.453 1.00 25.19 ? 4   DG  A "C4'" 1 
ATOM   64  O  "O4'" . DG  A 1 4  ? -7.299  0.921   -9.521  1.00 24.43 ? 4   DG  A "O4'" 1 
ATOM   65  C  "C3'" . DG  A 1 4  ? -6.627  -1.257  -10.055 1.00 25.52 ? 4   DG  A "C3'" 1 
ATOM   66  O  "O3'" . DG  A 1 4  ? -5.600  -1.297  -11.014 1.00 33.07 ? 4   DG  A "O3'" 1 
ATOM   67  C  "C2'" . DG  A 1 4  ? -6.136  -0.927  -8.670  1.00 26.52 ? 4   DG  A "C2'" 1 
ATOM   68  C  "C1'" . DG  A 1 4  ? -6.170  0.557   -8.672  1.00 24.84 ? 4   DG  A "C1'" 1 
ATOM   69  N  N9    . DG  A 1 4  ? -6.378  1.108   -7.358  1.00 23.34 ? 4   DG  A N9    1 
ATOM   70  C  C8    . DG  A 1 4  ? -7.154  0.646   -6.332  1.00 23.29 ? 4   DG  A C8    1 
ATOM   71  N  N7    . DG  A 1 4  ? -7.135  1.372   -5.255  1.00 22.08 ? 4   DG  A N7    1 
ATOM   72  C  C5    . DG  A 1 4  ? -6.263  2.402   -5.613  1.00 21.09 ? 4   DG  A C5    1 
ATOM   73  C  C6    . DG  A 1 4  ? -5.814  3.520   -4.877  1.00 20.76 ? 4   DG  A C6    1 
ATOM   74  O  O6    . DG  A 1 4  ? -6.140  3.810   -3.700  1.00 21.51 ? 4   DG  A O6    1 
ATOM   75  N  N1    . DG  A 1 4  ? -4.938  4.289   -5.643  1.00 19.06 ? 4   DG  A N1    1 
ATOM   76  C  C2    . DG  A 1 4  ? -4.531  4.047   -6.935  1.00 21.15 ? 4   DG  A C2    1 
ATOM   77  N  N2    . DG  A 1 4  ? -3.674  4.922   -7.490  1.00 20.83 ? 4   DG  A N2    1 
ATOM   78  N  N3    . DG  A 1 4  ? -4.940  3.015   -7.623  1.00 21.15 ? 4   DG  A N3    1 
ATOM   79  C  C4    . DG  A 1 4  ? -5.790  2.249   -6.910  1.00 21.94 ? 4   DG  A C4    1 
ATOM   80  P  P     . DA  A 1 5  ? -4.355  -2.254  -11.073 1.00 35.01 ? 5   DA  A P     1 
ATOM   81  O  OP1   . DA  A 1 5  ? -4.298  -2.639  -12.518 1.00 46.72 ? 5   DA  A OP1   1 
ATOM   82  O  OP2   . DA  A 1 5  ? -4.393  -3.314  -10.052 1.00 43.04 ? 5   DA  A OP2   1 
ATOM   83  O  "O5'" . DA  A 1 5  ? -3.122  -1.286  -10.787 1.00 30.97 ? 5   DA  A "O5'" 1 
ATOM   84  C  "C5'" . DA  A 1 5  ? -2.944  -0.118  -11.636 1.00 27.42 ? 5   DA  A "C5'" 1 
ATOM   85  C  "C4'" . DA  A 1 5  ? -1.880  0.707   -10.951 1.00 24.34 ? 5   DA  A "C4'" 1 
ATOM   86  O  "O4'" . DA  A 1 5  ? -2.369  1.123   -9.658  1.00 22.93 ? 5   DA  A "O4'" 1 
ATOM   87  C  "C3'" . DA  A 1 5  ? -0.572  -0.011  -10.669 1.00 22.90 ? 5   DA  A "C3'" 1 
ATOM   88  O  "O3'" . DA  A 1 5  ? 0.473   0.773   -11.258 1.00 21.60 ? 5   DA  A "O3'" 1 
ATOM   89  C  "C2'" . DA  A 1 5  ? -0.482  -0.158  -9.159  1.00 19.96 ? 5   DA  A "C2'" 1 
ATOM   90  C  "C1'" . DA  A 1 5  ? -1.289  0.953   -8.622  1.00 21.79 ? 5   DA  A "C1'" 1 
ATOM   91  N  N9    . DA  A 1 5  ? -2.044  0.796   -7.400  1.00 21.38 ? 5   DA  A N9    1 
ATOM   92  C  C8    . DA  A 1 5  ? -2.924  -0.194  -7.084  1.00 22.11 ? 5   DA  A C8    1 
ATOM   93  N  N7    . DA  A 1 5  ? -3.475  -0.095  -5.895  1.00 21.21 ? 5   DA  A N7    1 
ATOM   94  C  C5    . DA  A 1 5  ? -2.920  1.061   -5.350  1.00 19.84 ? 5   DA  A C5    1 
ATOM   95  C  C6    . DA  A 1 5  ? -3.107  1.702   -4.113  1.00 19.93 ? 5   DA  A C6    1 
ATOM   96  N  N6    . DA  A 1 5  ? -3.913  1.323   -3.100  1.00 21.20 ? 5   DA  A N6    1 
ATOM   97  N  N1    . DA  A 1 5  ? -2.388  2.841   -3.905  1.00 19.75 ? 5   DA  A N1    1 
ATOM   98  C  C2    . DA  A 1 5  ? -1.582  3.257   -4.872  1.00 19.47 ? 5   DA  A C2    1 
ATOM   99  N  N3    . DA  A 1 5  ? -1.338  2.729   -6.072  1.00 20.03 ? 5   DA  A N3    1 
ATOM   100 C  C4    . DA  A 1 5  ? -2.041  1.612   -6.278  1.00 20.36 ? 5   DA  A C4    1 
ATOM   101 P  P     . DA  A 1 6  ? 2.003   0.456   -11.145 1.00 20.94 ? 6   DA  A P     1 
ATOM   102 O  OP1   . DA  A 1 6  ? 2.667   1.176   -12.261 1.00 22.36 ? 6   DA  A OP1   1 
ATOM   103 O  OP2   . DA  A 1 6  ? 2.232   -1.005  -11.007 1.00 21.08 ? 6   DA  A OP2   1 
ATOM   104 O  "O5'" . DA  A 1 6  ? 2.435   1.061   -9.736  1.00 19.55 ? 6   DA  A "O5'" 1 
ATOM   105 C  "C5'" . DA  A 1 6  ? 2.505   2.480   -9.587  1.00 19.36 ? 6   DA  A "C5'" 1 
ATOM   106 C  "C4'" . DA  A 1 6  ? 2.990   2.772   -8.191  1.00 17.68 ? 6   DA  A "C4'" 1 
ATOM   107 O  "O4'" . DA  A 1 6  ? 1.983   2.381   -7.216  1.00 17.98 ? 6   DA  A "O4'" 1 
ATOM   108 C  "C3'" . DA  A 1 6  ? 4.254   2.033   -7.798  1.00 16.74 ? 6   DA  A "C3'" 1 
ATOM   109 O  "O3'" . DA  A 1 6  ? 5.260   3.073   -7.609  1.00 18.30 ? 6   DA  A "O3'" 1 
ATOM   110 C  "C2'" . DA  A 1 6  ? 3.886   1.234   -6.600  1.00 15.61 ? 6   DA  A "C2'" 1 
ATOM   111 C  "C1'" . DA  A 1 6  ? 2.717   1.869   -6.009  1.00 15.91 ? 6   DA  A "C1'" 1 
ATOM   112 N  N9    . DA  A 1 6  ? 1.733   1.061   -5.325  1.00 15.13 ? 6   DA  A N9    1 
ATOM   113 C  C8    . DA  A 1 6  ? 1.175   -0.102  -5.770  1.00 15.60 ? 6   DA  A C8    1 
ATOM   114 N  N7    . DA  A 1 6  ? 0.313   -0.626  -4.944  1.00 15.34 ? 6   DA  A N7    1 
ATOM   115 C  C5    . DA  A 1 6  ? 0.270   0.255   -3.875  1.00 15.13 ? 6   DA  A C5    1 
ATOM   116 C  C6    . DA  A 1 6  ? -0.469  0.241   -2.670  1.00 15.16 ? 6   DA  A C6    1 
ATOM   117 N  N6    . DA  A 1 6  ? -1.353  -0.702  -2.321  1.00 16.44 ? 6   DA  A N6    1 
ATOM   118 N  N1    . DA  A 1 6  ? -0.238  1.268   -1.836  1.00 16.22 ? 6   DA  A N1    1 
ATOM   119 C  C2    . DA  A 1 6  ? 0.634   2.223   -2.175  1.00 15.97 ? 6   DA  A C2    1 
ATOM   120 N  N3    . DA  A 1 6  ? 1.363   2.327   -3.249  1.00 16.24 ? 6   DA  A N3    1 
ATOM   121 C  C4    . DA  A 1 6  ? 1.142   1.284   -4.098  1.00 14.52 ? 6   DA  A C4    1 
HETATM 122 P  P     . UAR A 1 7  ? 6.712   2.817   -7.079  1.00 17.08 ? 7   UAR A P     1 
HETATM 123 O  OP1   . UAR A 1 7  ? 7.516   3.963   -7.591  1.00 19.82 ? 7   UAR A OP1   1 
HETATM 124 O  OP2   . UAR A 1 7  ? 7.180   1.443   -7.345  1.00 17.41 ? 7   UAR A OP2   1 
HETATM 125 O  "O5'" . UAR A 1 7  ? 6.546   2.934   -5.508  1.00 16.99 ? 7   UAR A "O5'" 1 
HETATM 126 C  "C5'" . UAR A 1 7  ? 5.944   4.101   -4.911  1.00 17.77 ? 7   UAR A "C5'" 1 
HETATM 127 C  "C4'" . UAR A 1 7  ? 5.686   3.811   -3.440  1.00 18.26 ? 7   UAR A "C4'" 1 
HETATM 128 O  "O4'" . UAR A 1 7  ? 4.709   2.738   -3.383  1.00 16.42 ? 7   UAR A "O4'" 1 
HETATM 129 C  "C3'" . UAR A 1 7  ? 6.883   3.369   -2.629  1.00 19.07 ? 7   UAR A "C3'" 1 
HETATM 130 O  "O3'" . UAR A 1 7  ? 7.286   4.462   -1.788  1.00 23.00 ? 7   UAR A "O3'" 1 
HETATM 131 C  "C2'" . UAR A 1 7  ? 6.434   2.131   -1.867  1.00 17.35 ? 7   UAR A "C2'" 1 
HETATM 132 O  "O2'" . UAR A 1 7  ? 6.908   0.944   -2.448  1.00 17.07 ? 7   UAR A "O2'" 1 
HETATM 133 C  "C1'" . UAR A 1 7  ? 5.001   2.136   -1.977  1.00 16.78 ? 7   UAR A "C1'" 1 
HETATM 134 N  N1    . UAR A 1 7  ? 4.162   0.919   -2.023  1.00 14.79 ? 7   UAR A N1    1 
HETATM 135 C  C2    . UAR A 1 7  ? 3.361   0.668   -0.929  1.00 14.41 ? 7   UAR A C2    1 
HETATM 136 O  O2    . UAR A 1 7  ? 3.309   1.409   0.053   1.00 15.73 ? 7   UAR A O2    1 
HETATM 137 N  N3    . UAR A 1 7  ? 2.595   -0.458  -0.994  1.00 14.24 ? 7   UAR A N3    1 
HETATM 138 C  C4    . UAR A 1 7  ? 2.548   -1.368  -2.025  1.00 14.07 ? 7   UAR A C4    1 
HETATM 139 O  O4    . UAR A 1 7  ? 1.810   -2.338  -1.933  1.00 15.43 ? 7   UAR A O4    1 
HETATM 140 C  C5    . UAR A 1 7  ? 3.423   -1.083  -3.142  1.00 14.15 ? 7   UAR A C5    1 
HETATM 141 C  C6    . UAR A 1 7  ? 4.173   0.026   -3.088  1.00 14.75 ? 7   UAR A C6    1 
ATOM   142 P  P     . DT  A 1 8  ? 8.599   4.423   -0.939  1.00 25.75 ? 8   DT  A P     1 
ATOM   143 O  OP1   . DT  A 1 8  ? 9.015   5.823   -0.650  1.00 33.90 ? 8   DT  A OP1   1 
ATOM   144 O  OP2   . DT  A 1 8  ? 9.644   3.541   -1.535  1.00 30.52 ? 8   DT  A OP2   1 
ATOM   145 O  "O5'" . DT  A 1 8  ? 8.129   3.744   0.413   1.00 20.42 ? 8   DT  A "O5'" 1 
ATOM   146 C  "C5'" . DT  A 1 8  ? 7.092   4.383   1.180   1.00 19.67 ? 8   DT  A "C5'" 1 
ATOM   147 C  "C4'" . DT  A 1 8  ? 6.716   3.425   2.307   1.00 17.96 ? 8   DT  A "C4'" 1 
ATOM   148 O  "O4'" . DT  A 1 8  ? 6.039   2.296   1.705   1.00 17.21 ? 8   DT  A "O4'" 1 
ATOM   149 C  "C3'" . DT  A 1 8  ? 7.837   2.833   3.129   1.00 18.05 ? 8   DT  A "C3'" 1 
ATOM   150 O  "O3'" . DT  A 1 8  ? 7.731   3.408   4.425   1.00 20.82 ? 8   DT  A "O3'" 1 
ATOM   151 C  "C2'" . DT  A 1 8  ? 7.639   1.338   3.143   1.00 20.65 ? 8   DT  A "C2'" 1 
ATOM   152 C  "C1'" . DT  A 1 8  ? 6.261   1.158   2.718   1.00 17.71 ? 8   DT  A "C1'" 1 
ATOM   153 N  N1    . DT  A 1 8  ? 5.808   -0.014  1.970   1.00 15.25 ? 8   DT  A N1    1 
ATOM   154 C  C2    . DT  A 1 8  ? 4.729   -0.727  2.455   1.00 14.98 ? 8   DT  A C2    1 
ATOM   155 O  O2    . DT  A 1 8  ? 4.117   -0.427  3.454   1.00 16.02 ? 8   DT  A O2    1 
ATOM   156 N  N3    . DT  A 1 8  ? 4.369   -1.833  1.689   1.00 14.06 ? 8   DT  A N3    1 
ATOM   157 C  C4    . DT  A 1 8  ? 4.981   -2.268  0.545   1.00 14.03 ? 8   DT  A C4    1 
ATOM   158 O  O4    . DT  A 1 8  ? 4.554   -3.255  -0.016  1.00 14.54 ? 8   DT  A O4    1 
ATOM   159 C  C5    . DT  A 1 8  ? 6.138   -1.503  0.083   1.00 14.13 ? 8   DT  A C5    1 
ATOM   160 C  C7    . DT  A 1 8  ? 6.855   -1.919  -1.166  1.00 16.03 ? 8   DT  A C7    1 
ATOM   161 C  C6    . DT  A 1 8  ? 6.453   -0.444  0.817   1.00 15.36 ? 8   DT  A C6    1 
ATOM   162 P  P     . DC  A 1 9  ? 8.405   2.940   5.740   1.00 20.95 ? 9   DC  A P     1 
ATOM   163 O  OP1   . DC  A 1 9  ? 8.562   4.140   6.613   1.00 23.76 ? 9   DC  A OP1   1 
ATOM   164 O  OP2   . DC  A 1 9  ? 9.636   2.144   5.460   1.00 24.02 ? 9   DC  A OP2   1 
ATOM   165 O  "O5'" . DC  A 1 9  ? 7.357   1.965   6.413   1.00 20.05 ? 9   DC  A "O5'" 1 
ATOM   166 C  "C5'" . DC  A 1 9  ? 6.020   2.416   6.697   1.00 20.30 ? 9   DC  A "C5'" 1 
ATOM   167 C  "C4'" . DC  A 1 9  ? 5.279   1.269   7.340   1.00 18.52 ? 9   DC  A "C4'" 1 
ATOM   168 O  "O4'" . DC  A 1 9  ? 5.129   0.156   6.446   1.00 18.98 ? 9   DC  A "O4'" 1 
ATOM   169 C  "C3'" . DC  A 1 9  ? 5.972   0.689   8.590   1.00 18.85 ? 9   DC  A "C3'" 1 
ATOM   170 O  "O3'" . DC  A 1 9  ? 5.000   0.714   9.637   1.00 20.99 ? 9   DC  A "O3'" 1 
ATOM   171 C  "C2'" . DC  A 1 9  ? 6.440   -0.675  8.213   1.00 19.63 ? 9   DC  A "C2'" 1 
ATOM   172 C  "C1'" . DC  A 1 9  ? 5.514   -1.135  7.251   1.00 18.27 ? 9   DC  A "C1'" 1 
ATOM   173 N  N1    . DC  A 1 9  ? 5.838   -1.964  6.079   1.00 15.53 ? 9   DC  A N1    1 
ATOM   174 C  C2    . DC  A 1 9  ? 5.110   -3.131  5.793   1.00 14.36 ? 9   DC  A C2    1 
ATOM   175 O  O2    . DC  A 1 9  ? 4.192   -3.466  6.560   1.00 14.69 ? 9   DC  A O2    1 
ATOM   176 N  N3    . DC  A 1 9  ? 5.447   -3.860  4.701   1.00 14.38 ? 9   DC  A N3    1 
ATOM   177 C  C4    . DC  A 1 9  ? 6.443   -3.480  3.889   1.00 14.13 ? 9   DC  A C4    1 
ATOM   178 N  N4    . DC  A 1 9  ? 6.739   -4.228  2.801   1.00 15.67 ? 9   DC  A N4    1 
ATOM   179 C  C5    . DC  A 1 9  ? 7.181   -2.290  4.179   1.00 16.31 ? 9   DC  A C5    1 
ATOM   180 C  C6    . DC  A 1 9  ? 6.847   -1.583  5.264   1.00 16.25 ? 9   DC  A C6    1 
ATOM   181 P  P     . DG  A 1 10 ? 5.293   0.644   11.171  1.00 22.15 ? 10  DG  A P     1 
ATOM   182 O  OP1   . DG  A 1 10 ? 4.165   1.202   11.893  1.00 27.23 ? 10  DG  A OP1   1 
ATOM   183 O  OP2   . DG  A 1 10 ? 6.672   1.173   11.394  1.00 29.48 ? 10  DG  A OP2   1 
ATOM   184 O  "O5'" . DG  A 1 10 ? 5.444   -0.919  11.461  1.00 21.97 ? 10  DG  A "O5'" 1 
ATOM   185 C  "C5'" . DG  A 1 10 ? 4.247   -1.725  11.412  1.00 20.77 ? 10  DG  A "C5'" 1 
ATOM   186 C  "C4'" . DG  A 1 10 ? 4.670   -3.177  11.394  1.00 22.72 ? 10  DG  A "C4'" 1 
ATOM   187 O  "O4'" . DG  A 1 10 ? 5.172   -3.423  10.052  1.00 20.00 ? 10  DG  A "O4'" 1 
ATOM   188 C  "C3'" . DG  A 1 10 ? 5.773   -3.617  12.339  1.00 24.25 ? 10  DG  A "C3'" 1 
ATOM   189 O  "O3'" . DG  A 1 10 ? 5.450   -4.852  12.967  1.00 25.60 ? 10  DG  A "O3'" 1 
ATOM   190 C  "C2'" . DG  A 1 10 ? 7.005   -3.787  11.480  1.00 23.34 ? 10  DG  A "C2'" 1 
ATOM   191 C  "C1'" . DG  A 1 10 ? 6.315   -4.344  10.266  1.00 20.31 ? 10  DG  A "C1'" 1 
ATOM   192 N  N9    . DG  A 1 10 ? 7.089   -4.410  9.056   1.00 19.31 ? 10  DG  A N9    1 
ATOM   193 C  C8    . DG  A 1 10 ? 8.150   -3.625  8.644   1.00 19.63 ? 10  DG  A C8    1 
ATOM   194 N  N7    . DG  A 1 10 ? 8.595   -3.996  7.484   1.00 19.75 ? 10  DG  A N7    1 
ATOM   195 C  C5    . DG  A 1 10 ? 7.787   -5.084  7.104   1.00 17.07 ? 10  DG  A C5    1 
ATOM   196 C  C6    . DG  A 1 10 ? 7.783   -5.910  5.943   1.00 15.89 ? 10  DG  A C6    1 
ATOM   197 O  O6    . DG  A 1 10 ? 8.529   -5.847  4.962   1.00 16.39 ? 10  DG  A O6    1 
ATOM   198 N  N1    . DG  A 1 10 ? 6.795   -6.877  5.998   1.00 14.79 ? 10  DG  A N1    1 
ATOM   199 C  C2    . DG  A 1 10 ? 5.917   -7.049  7.017   1.00 15.59 ? 10  DG  A C2    1 
ATOM   200 N  N2    . DG  A 1 10 ? 5.025   -8.031  6.911   1.00 15.83 ? 10  DG  A N2    1 
ATOM   201 N  N3    . DG  A 1 10 ? 5.919   -6.273  8.101   1.00 17.45 ? 10  DG  A N3    1 
ATOM   202 C  C4    . DG  A 1 10 ? 6.870   -5.335  8.063   1.00 17.02 ? 10  DG  A C4    1 
ATOM   203 P  P     . DC  A 1 11 ? 4.807   -5.068  14.349  1.00 27.62 ? 11  DC  A P     1 
ATOM   204 O  OP1   . DC  A 1 11 ? 4.014   -3.830  14.634  1.00 31.29 ? 11  DC  A OP1   1 
ATOM   205 O  OP2   . DC  A 1 11 ? 5.808   -5.512  15.356  1.00 31.39 ? 11  DC  A OP2   1 
ATOM   206 O  "O5'" . DC  A 1 11 ? 3.840   -6.305  14.102  1.00 27.32 ? 11  DC  A "O5'" 1 
ATOM   207 C  "C5'" . DC  A 1 11 ? 2.665   -6.166  13.257  1.00 25.69 ? 11  DC  A "C5'" 1 
ATOM   208 C  "C4'" . DC  A 1 11 ? 2.457   -7.475  12.497  1.00 22.39 ? 11  DC  A "C4'" 1 
ATOM   209 O  "O4'" . DC  A 1 11 ? 3.532   -7.611  11.557  1.00 21.70 ? 11  DC  A "O4'" 1 
ATOM   210 C  "C3'" . DC  A 1 11 ? 2.488   -8.739  13.312  1.00 22.54 ? 11  DC  A "C3'" 1 
ATOM   211 O  "O3'" . DC  A 1 11 ? 1.431   -9.604  12.866  1.00 26.35 ? 11  DC  A "O3'" 1 
ATOM   212 C  "C2'" . DC  A 1 11 ? 3.870   -9.334  13.097  1.00 22.39 ? 11  DC  A "C2'" 1 
ATOM   213 C  "C1'" . DC  A 1 11 ? 4.170   -9.029  11.725  1.00 21.39 ? 11  DC  A "C1'" 1 
ATOM   214 N  N1    . DC  A 1 11 ? 5.469   -8.691  11.182  1.00 19.46 ? 11  DC  A N1    1 
ATOM   215 C  C2    . DC  A 1 11 ? 5.902   -9.261  9.973   1.00 17.31 ? 11  DC  A C2    1 
ATOM   216 O  O2    . DC  A 1 11 ? 5.170   -10.052 9.397   1.00 17.39 ? 11  DC  A O2    1 
ATOM   217 N  N3    . DC  A 1 11 ? 7.107   -8.945  9.455   1.00 17.52 ? 11  DC  A N3    1 
ATOM   218 C  C4    . DC  A 1 11 ? 7.884   -8.057  10.106  1.00 18.83 ? 11  DC  A C4    1 
ATOM   219 N  N4    . DC  A 1 11 ? 9.070   -7.768  9.574   1.00 20.29 ? 11  DC  A N4    1 
ATOM   220 C  C5    . DC  A 1 11 ? 7.493   -7.459  11.341  1.00 21.49 ? 11  DC  A C5    1 
ATOM   221 C  C6    . DC  A 1 11 ? 6.295   -7.815  11.799  1.00 22.95 ? 11  DC  A C6    1 
ATOM   222 P  P     . DG  A 1 12 ? 0.968   -10.866 13.644  1.00 33.52 ? 12  DG  A P     1 
ATOM   223 O  OP1   . DG  A 1 12 ? -0.398  -11.259 13.233  1.00 41.16 ? 12  DG  A OP1   1 
ATOM   224 O  OP2   . DG  A 1 12 ? 1.193   -10.618 15.109  1.00 43.34 ? 12  DG  A OP2   1 
ATOM   225 O  "O5'" . DG  A 1 12 ? 2.014   -11.998 13.270  1.00 29.59 ? 12  DG  A "O5'" 1 
ATOM   226 C  "C5'" . DG  A 1 12 ? 1.780   -12.527 11.945  1.00 29.05 ? 12  DG  A "C5'" 1 
ATOM   227 C  "C4'" . DG  A 1 12 ? 2.645   -13.791 11.776  1.00 20.38 ? 12  DG  A "C4'" 1 
ATOM   228 O  "O4'" . DG  A 1 12 ? 3.915   -13.352 11.293  1.00 28.53 ? 12  DG  A "O4'" 1 
ATOM   229 C  "C3'" . DG  A 1 12 ? 2.962   -14.627 13.005  1.00 19.06 ? 12  DG  A "C3'" 1 
ATOM   230 O  "O3'" . DG  A 1 12 ? 2.416   -15.910 12.757  1.00 20.31 ? 12  DG  A "O3'" 1 
ATOM   231 C  "C2'" . DG  A 1 12 ? 4.460   -14.616 13.156  1.00 19.41 ? 12  DG  A "C2'" 1 
ATOM   232 C  "C1'" . DG  A 1 12 ? 5.054   -14.136 11.938  1.00 20.08 ? 12  DG  A "C1'" 1 
ATOM   233 N  N9    . DG  A 1 12 ? 6.081   -13.139 11.957  1.00 18.14 ? 12  DG  A N9    1 
ATOM   234 C  C8    . DG  A 1 12 ? 6.273   -12.159 12.885  1.00 19.50 ? 12  DG  A C8    1 
ATOM   235 N  N7    . DG  A 1 12 ? 7.297   -11.406 12.616  1.00 19.62 ? 12  DG  A N7    1 
ATOM   236 C  C5    . DG  A 1 12 ? 7.816   -11.920 11.429  1.00 18.98 ? 12  DG  A C5    1 
ATOM   237 C  C6    . DG  A 1 12 ? 8.917   -11.518 10.662  1.00 19.02 ? 12  DG  A C6    1 
ATOM   238 O  O6    . DG  A 1 12 ? 9.704   -10.570 10.885  1.00 21.96 ? 12  DG  A O6    1 
ATOM   239 N  N1    . DG  A 1 12 ? 9.109   -12.294 9.532   1.00 18.40 ? 12  DG  A N1    1 
ATOM   240 C  C2    . DG  A 1 12 ? 8.322   -13.346 9.180   1.00 17.70 ? 12  DG  A C2    1 
ATOM   241 N  N2    . DG  A 1 12 ? 8.665   -13.975 8.061   1.00 18.50 ? 12  DG  A N2    1 
ATOM   242 N  N3    . DG  A 1 12 ? 7.274   -13.732 9.912   1.00 17.63 ? 12  DG  A N3    1 
ATOM   243 C  C4    . DG  A 1 12 ? 7.074   -12.989 11.004  1.00 17.35 ? 12  DG  A C4    1 
ATOM   244 O  "O5'" . DC  B 1 1  ? 16.391  -11.665 4.775   1.00 36.62 ? 113 DC  B "O5'" 1 
ATOM   245 C  "C5'" . DC  B 1 1  ? 16.597  -13.074 4.748   1.00 27.13 ? 113 DC  B "C5'" 1 
ATOM   246 C  "C4'" . DC  B 1 1  ? 15.282  -13.736 4.341   1.00 25.35 ? 113 DC  B "C4'" 1 
ATOM   247 O  "O4'" . DC  B 1 1  ? 14.362  -13.476 5.418   1.00 24.75 ? 113 DC  B "O4'" 1 
ATOM   248 C  "C3'" . DC  B 1 1  ? 14.600  -13.242 3.092   1.00 26.19 ? 113 DC  B "C3'" 1 
ATOM   249 O  "O3'" . DC  B 1 1  ? 14.177  -14.393 2.335   1.00 25.44 ? 113 DC  B "O3'" 1 
ATOM   250 C  "C2'" . DC  B 1 1  ? 13.436  -12.386 3.519   1.00 24.49 ? 113 DC  B "C2'" 1 
ATOM   251 C  "C1'" . DC  B 1 1  ? 13.087  -12.872 4.854   1.00 21.70 ? 113 DC  B "C1'" 1 
ATOM   252 N  N1    . DC  B 1 1  ? 12.758  -11.977 5.962   1.00 21.81 ? 113 DC  B N1    1 
ATOM   253 C  C2    . DC  B 1 1  ? 11.642  -12.283 6.779   1.00 21.18 ? 113 DC  B C2    1 
ATOM   254 O  O2    . DC  B 1 1  ? 10.959  -13.293 6.554   1.00 21.59 ? 113 DC  B O2    1 
ATOM   255 N  N3    . DC  B 1 1  ? 11.337  -11.477 7.797   1.00 21.15 ? 113 DC  B N3    1 
ATOM   256 C  C4    . DC  B 1 1  ? 12.104  -10.377 8.008   1.00 22.43 ? 113 DC  B C4    1 
ATOM   257 N  N4    . DC  B 1 1  ? 11.745  -9.609  9.043   1.00 23.22 ? 113 DC  B N4    1 
ATOM   258 C  C5    . DC  B 1 1  ? 13.244  -10.005 7.233   1.00 24.79 ? 113 DC  B C5    1 
ATOM   259 C  C6    . DC  B 1 1  ? 13.515  -10.851 6.220   1.00 24.94 ? 113 DC  B C6    1 
ATOM   260 P  P     . DG  B 1 2  ? 13.653  -14.271 0.826   1.00 28.20 ? 114 DG  B P     1 
ATOM   261 O  OP1   . DG  B 1 2  ? 14.031  -15.580 0.197   1.00 34.65 ? 114 DG  B OP1   1 
ATOM   262 O  OP2   . DG  B 1 2  ? 14.129  -13.035 0.221   1.00 35.26 ? 114 DG  B OP2   1 
ATOM   263 O  "O5'" . DG  B 1 2  ? 12.057  -14.221 1.008   1.00 24.07 ? 114 DG  B "O5'" 1 
ATOM   264 C  "C5'" . DG  B 1 2  ? 11.354  -15.331 1.637   1.00 24.30 ? 114 DG  B "C5'" 1 
ATOM   265 C  "C4'" . DG  B 1 2  ? 9.979   -14.861 1.986   1.00 19.36 ? 114 DG  B "C4'" 1 
ATOM   266 O  "O4'" . DG  B 1 2  ? 10.077  -13.910 3.042   1.00 18.55 ? 114 DG  B "O4'" 1 
ATOM   267 C  "C3'" . DG  B 1 2  ? 9.236   -14.113 0.878   1.00 19.91 ? 114 DG  B "C3'" 1 
ATOM   268 O  "O3'" . DG  B 1 2  ? 8.214   -14.991 0.401   1.00 21.51 ? 114 DG  B "O3'" 1 
ATOM   269 C  "C2'" . DG  B 1 2  ? 8.732   -12.851 1.495   1.00 18.37 ? 114 DG  B "C2'" 1 
ATOM   270 C  "C1'" . DG  B 1 2  ? 8.896   -13.003 2.926   1.00 17.02 ? 114 DG  B "C1'" 1 
ATOM   271 N  N9    . DG  B 1 2  ? 9.254   -11.826 3.696   1.00 16.88 ? 114 DG  B N9    1 
ATOM   272 C  C8    . DG  B 1 2  ? 10.271  -10.955 3.383   1.00 18.85 ? 114 DG  B C8    1 
ATOM   273 N  N7    . DG  B 1 2  ? 10.381  -9.961  4.253   1.00 17.71 ? 114 DG  B N7    1 
ATOM   274 C  C5    . DG  B 1 2  ? 9.367   -10.221 5.188   1.00 15.55 ? 114 DG  B C5    1 
ATOM   275 C  C6    . DG  B 1 2  ? 8.994   -9.511  6.346   1.00 15.08 ? 114 DG  B C6    1 
ATOM   276 O  O6    . DG  B 1 2  ? 9.495   -8.480  6.803   1.00 17.16 ? 114 DG  B O6    1 
ATOM   277 N  N1    . DG  B 1 2  ? 7.935   -10.109 6.986   1.00 14.89 ? 114 DG  B N1    1 
ATOM   278 C  C2    . DG  B 1 2  ? 7.284   -11.270 6.574   1.00 14.25 ? 114 DG  B C2    1 
ATOM   279 N  N2    . DG  B 1 2  ? 6.286   -11.684 7.329   1.00 15.46 ? 114 DG  B N2    1 
ATOM   280 N  N3    . DG  B 1 2  ? 7.619   -11.964 5.483   1.00 15.13 ? 114 DG  B N3    1 
ATOM   281 C  C4    . DG  B 1 2  ? 8.670   -11.370 4.849   1.00 14.76 ? 114 DG  B C4    1 
ATOM   282 P  P     . DC  B 1 3  ? 7.125   -14.603 -0.644  1.00 22.17 ? 115 DC  B P     1 
ATOM   283 O  OP1   . DC  B 1 3  ? 6.662   -15.852 -1.283  1.00 26.66 ? 115 DC  B OP1   1 
ATOM   284 O  OP2   . DC  B 1 3  ? 7.551   -13.528 -1.564  1.00 25.86 ? 115 DC  B OP2   1 
ATOM   285 O  "O5'" . DC  B 1 3  ? 5.921   -13.986 0.185   1.00 21.14 ? 115 DC  B "O5'" 1 
ATOM   286 C  "C5'" . DC  B 1 3  ? 5.267   -14.813 1.162   1.00 20.46 ? 115 DC  B "C5'" 1 
ATOM   287 C  "C4'" . DC  B 1 3  ? 4.523   -13.875 2.108   1.00 18.07 ? 115 DC  B "C4'" 1 
ATOM   288 O  "O4'" . DC  B 1 3  ? 5.479   -12.981 2.719   1.00 17.54 ? 115 DC  B "O4'" 1 
ATOM   289 C  "C3'" . DC  B 1 3  ? 3.502   -12.924 1.526   1.00 17.68 ? 115 DC  B "C3'" 1 
ATOM   290 O  "O3'" . DC  B 1 3  ? 2.308   -13.647 1.319   1.00 19.63 ? 115 DC  B "O3'" 1 
ATOM   291 C  "C2'" . DC  B 1 3  ? 3.352   -11.855 2.565   1.00 21.76 ? 115 DC  B "C2'" 1 
ATOM   292 C  "C1'" . DC  B 1 3  ? 4.616   -11.792 3.203   1.00 17.18 ? 115 DC  B "C1'" 1 
ATOM   293 N  N1    . DC  B 1 3  ? 5.572   -10.697 2.910   1.00 16.94 ? 115 DC  B N1    1 
ATOM   294 C  C2    . DC  B 1 3  ? 5.665   -9.726  3.915   1.00 14.98 ? 115 DC  B C2    1 
ATOM   295 O  O2    . DC  B 1 3  ? 4.955   -9.867  4.910   1.00 16.00 ? 115 DC  B O2    1 
ATOM   296 N  N3    . DC  B 1 3  ? 6.503   -8.691  3.743   1.00 14.93 ? 115 DC  B N3    1 
ATOM   297 C  C4    . DC  B 1 3  ? 7.230   -8.582  2.636   1.00 15.77 ? 115 DC  B C4    1 
ATOM   298 N  N4    . DC  B 1 3  ? 8.042   -7.520  2.542   1.00 17.57 ? 115 DC  B N4    1 
ATOM   299 C  C5    . DC  B 1 3  ? 7.158   -9.533  1.592   1.00 17.61 ? 115 DC  B C5    1 
ATOM   300 C  C6    . DC  B 1 3  ? 6.329   -10.574 1.750   1.00 17.93 ? 115 DC  B C6    1 
ATOM   301 P  P     . DG  B 1 4  ? 1.094   -13.023 0.541   1.00 22.83 ? 116 DG  B P     1 
ATOM   302 O  OP1   . DG  B 1 4  ? 0.255   -14.165 0.077   1.00 28.43 ? 116 DG  B OP1   1 
ATOM   303 O  OP2   . DG  B 1 4  ? 1.623   -12.074 -0.491  1.00 25.29 ? 116 DG  B OP2   1 
ATOM   304 O  "O5'" . DG  B 1 4  ? 0.329   -12.193 1.625   1.00 21.21 ? 116 DG  B "O5'" 1 
ATOM   305 C  "C5'" . DG  B 1 4  ? -0.251  -12.817 2.768   1.00 21.12 ? 116 DG  B "C5'" 1 
ATOM   306 C  "C4'" . DG  B 1 4  ? -0.755  -11.737 3.685   1.00 19.81 ? 116 DG  B "C4'" 1 
ATOM   307 O  "O4'" . DG  B 1 4  ? 0.312   -10.816 4.005   1.00 18.14 ? 116 DG  B "O4'" 1 
ATOM   308 C  "C3'" . DG  B 1 4  ? -1.858  -10.848 3.110   1.00 21.65 ? 116 DG  B "C3'" 1 
ATOM   309 O  "O3'" . DG  B 1 4  ? -2.814  -10.488 4.108   1.00 24.18 ? 116 DG  B "O3'" 1 
ATOM   310 C  "C2'" . DG  B 1 4  ? -1.091  -9.667  2.542   1.00 20.47 ? 116 DG  B "C2'" 1 
ATOM   311 C  "C1'" . DG  B 1 4  ? 0.052   -9.496  3.524   1.00 18.38 ? 116 DG  B "C1'" 1 
ATOM   312 N  N9    . DG  B 1 4  ? 1.198   -8.902  2.875   1.00 16.36 ? 116 DG  B N9    1 
ATOM   313 C  C8    . DG  B 1 4  ? 1.713   -9.112  1.608   1.00 17.70 ? 116 DG  B C8    1 
ATOM   314 N  N7    . DG  B 1 4  ? 2.756   -8.389  1.379   1.00 16.53 ? 116 DG  B N7    1 
ATOM   315 C  C5    . DG  B 1 4  ? 2.943   -7.662  2.541   1.00 15.05 ? 116 DG  B C5    1 
ATOM   316 C  C6    . DG  B 1 4  ? 3.931   -6.708  2.860   1.00 13.25 ? 116 DG  B C6    1 
ATOM   317 O  O6    . DG  B 1 4  ? 4.874   -6.293  2.160   1.00 14.64 ? 116 DG  B O6    1 
ATOM   318 N  N1    . DG  B 1 4  ? 3.765   -6.197  4.124   1.00 13.76 ? 116 DG  B N1    1 
ATOM   319 C  C2    . DG  B 1 4  ? 2.777   -6.562  5.013   1.00 13.39 ? 116 DG  B C2    1 
ATOM   320 N  N2    . DG  B 1 4  ? 2.796   -5.951  6.199   1.00 15.34 ? 116 DG  B N2    1 
ATOM   321 N  N3    . DG  B 1 4  ? 1.868   -7.450  4.716   1.00 14.90 ? 116 DG  B N3    1 
ATOM   322 C  C4    . DG  B 1 4  ? 1.995   -7.965  3.469   1.00 15.17 ? 116 DG  B C4    1 
ATOM   323 P  P     . DA  B 1 5  ? -3.779  -9.249  4.208   1.00 24.41 ? 117 DA  B P     1 
ATOM   324 O  OP1   . DA  B 1 5  ? -4.941  -9.726  4.988   1.00 29.30 ? 117 DA  B OP1   1 
ATOM   325 O  OP2   . DA  B 1 5  ? -4.023  -8.697  2.836   1.00 27.68 ? 117 DA  B OP2   1 
ATOM   326 O  "O5'" . DA  B 1 5  ? -2.943  -8.166  5.023   1.00 23.05 ? 117 DA  B "O5'" 1 
ATOM   327 C  "C5'" . DA  B 1 5  ? -2.451  -8.491  6.308   1.00 21.56 ? 117 DA  B "C5'" 1 
ATOM   328 C  "C4'" . DA  B 1 5  ? -2.046  -7.225  7.041   1.00 21.03 ? 117 DA  B "C4'" 1 
ATOM   329 O  "O4'" . DA  B 1 5  ? -0.935  -6.605  6.355   1.00 20.22 ? 117 DA  B "O4'" 1 
ATOM   330 C  "C3'" . DA  B 1 5  ? -3.095  -6.153  7.110   1.00 21.37 ? 117 DA  B "C3'" 1 
ATOM   331 O  "O3'" . DA  B 1 5  ? -2.931  -5.491  8.374   1.00 22.93 ? 117 DA  B "O3'" 1 
ATOM   332 C  "C2'" . DA  B 1 5  ? -2.845  -5.295  5.877   1.00 20.82 ? 117 DA  B "C2'" 1 
ATOM   333 C  "C1'" . DA  B 1 5  ? -1.393  -5.264  5.754   1.00 19.00 ? 117 DA  B "C1'" 1 
ATOM   334 N  N9    . DA  B 1 5  ? -0.744  -5.288  4.474   1.00 17.46 ? 117 DA  B N9    1 
ATOM   335 C  C8    . DA  B 1 5  ? -1.086  -6.076  3.404   1.00 17.64 ? 117 DA  B C8    1 
ATOM   336 N  N7    . DA  B 1 5  ? -0.320  -5.899  2.350   1.00 16.80 ? 117 DA  B N7    1 
ATOM   337 C  C5    . DA  B 1 5  ? 0.598   -4.946  2.723   1.00 15.13 ? 117 DA  B C5    1 
ATOM   338 C  C6    . DA  B 1 5  ? 1.673   -4.343  2.055   1.00 13.86 ? 117 DA  B C6    1 
ATOM   339 N  N6    . DA  B 1 5  ? 2.031   -4.610  0.794   1.00 15.10 ? 117 DA  B N6    1 
ATOM   340 N  N1    . DA  B 1 5  ? 2.363   -3.415  2.763   1.00 13.91 ? 117 DA  B N1    1 
ATOM   341 C  C2    . DA  B 1 5  ? 2.029   -3.127  4.014   1.00 14.30 ? 117 DA  B C2    1 
ATOM   342 N  N3    . DA  B 1 5  ? 1.038   -3.638  4.743   1.00 15.63 ? 117 DA  B N3    1 
ATOM   343 C  C4    . DA  B 1 5  ? 0.347   -4.559  4.039   1.00 15.39 ? 117 DA  B C4    1 
ATOM   344 P  P     . DA  B 1 6  ? -3.779  -4.309  8.957   1.00 24.22 ? 118 DA  B P     1 
ATOM   345 O  OP1   . DA  B 1 6  ? -3.684  -4.333  10.426  1.00 29.90 ? 118 DA  B OP1   1 
ATOM   346 O  OP2   . DA  B 1 6  ? -5.098  -4.412  8.225   1.00 28.89 ? 118 DA  B OP2   1 
ATOM   347 O  "O5'" . DA  B 1 6  ? -3.111  -2.987  8.365   1.00 22.87 ? 118 DA  B "O5'" 1 
ATOM   348 C  "C5'" . DA  B 1 6  ? -1.799  -2.645  8.818   1.00 23.47 ? 118 DA  B "C5'" 1 
ATOM   349 C  "C4'" . DA  B 1 6  ? -1.320  -1.412  8.068   1.00 22.15 ? 118 DA  B "C4'" 1 
ATOM   350 O  "O4'" . DA  B 1 6  ? -1.023  -1.814  6.721   1.00 19.78 ? 118 DA  B "O4'" 1 
ATOM   351 C  "C3'" . DA  B 1 6  ? -2.318  -0.266  7.957   1.00 23.22 ? 118 DA  B "C3'" 1 
ATOM   352 O  "O3'" . DA  B 1 6  ? -1.810  0.844   8.675   1.00 25.14 ? 118 DA  B "O3'" 1 
ATOM   353 C  "C2'" . DA  B 1 6  ? -2.455  0.003   6.483   1.00 21.46 ? 118 DA  B "C2'" 1 
ATOM   354 C  "C1'" . DA  B 1 6  ? -1.296  -0.552  5.857   1.00 19.85 ? 118 DA  B "C1'" 1 
ATOM   355 N  N9    . DA  B 1 6  ? -1.337  -1.136  4.556   1.00 17.38 ? 118 DA  B N9    1 
ATOM   356 C  C8    . DA  B 1 6  ? -2.237  -2.041  4.039   1.00 18.07 ? 118 DA  B C8    1 
ATOM   357 N  N7    . DA  B 1 6  ? -2.026  -2.405  2.826   1.00 18.00 ? 118 DA  B N7    1 
ATOM   358 C  C5    . DA  B 1 6  ? -0.883  -1.711  2.452   1.00 16.02 ? 118 DA  B C5    1 
ATOM   359 C  C6    . DA  B 1 6  ? -0.148  -1.681  1.243   1.00 15.12 ? 118 DA  B C6    1 
ATOM   360 N  N6    . DA  B 1 6  ? -0.444  -2.375  0.156   1.00 16.44 ? 118 DA  B N6    1 
ATOM   361 N  N1    . DA  B 1 6  ? 0.929   -0.865  1.213   1.00 14.77 ? 118 DA  B N1    1 
ATOM   362 C  C2    . DA  B 1 6  ? 1.270   -0.150  2.295   1.00 15.37 ? 118 DA  B C2    1 
ATOM   363 N  N3    . DA  B 1 6  ? 0.622   -0.129  3.481   1.00 16.05 ? 118 DA  B N3    1 
ATOM   364 C  C4    . DA  B 1 6  ? -0.441  -0.922  3.504   1.00 15.88 ? 118 DA  B C4    1 
HETATM 365 P  P     . UAR B 1 7  ? -2.446  2.273   8.761   1.00 27.01 ? 119 UAR B P     1 
HETATM 366 O  OP1   . UAR B 1 7  ? -2.001  2.845   10.052  1.00 31.81 ? 119 UAR B OP1   1 
HETATM 367 O  OP2   . UAR B 1 7  ? -3.902  2.124   8.463   1.00 34.01 ? 119 UAR B OP2   1 
HETATM 368 O  "O5'" . UAR B 1 7  ? -1.757  3.023   7.545   1.00 26.36 ? 119 UAR B "O5'" 1 
HETATM 369 C  "C5'" . UAR B 1 7  ? -0.319  3.037   7.387   1.00 23.01 ? 119 UAR B "C5'" 1 
HETATM 370 C  "C4'" . UAR B 1 7  ? -0.005  3.515   5.996   1.00 21.67 ? 119 UAR B "C4'" 1 
HETATM 371 O  "O4'" . UAR B 1 7  ? -0.497  2.589   5.030   1.00 20.26 ? 119 UAR B "O4'" 1 
HETATM 372 C  "C3'" . UAR B 1 7  ? -0.666  4.854   5.604   1.00 23.78 ? 119 UAR B "C3'" 1 
HETATM 373 O  "O3'" . UAR B 1 7  ? 0.346   5.820   5.692   1.00 30.15 ? 119 UAR B "O3'" 1 
HETATM 374 C  "C2'" . UAR B 1 7  ? -1.218  4.659   4.223   1.00 21.45 ? 119 UAR B "C2'" 1 
HETATM 375 O  "O2'" . UAR B 1 7  ? -2.640  4.529   4.133   1.00 26.27 ? 119 UAR B "O2'" 1 
HETATM 376 C  "C1'" . UAR B 1 7  ? -0.620  3.434   3.742   1.00 19.58 ? 119 UAR B "C1'" 1 
HETATM 377 N  N1    . UAR B 1 7  ? -1.299  2.518   2.836   1.00 17.98 ? 119 UAR B N1    1 
HETATM 378 C  C2    . UAR B 1 7  ? -0.747  2.407   1.566   1.00 17.40 ? 119 UAR B C2    1 
HETATM 379 O  O2    . UAR B 1 7  ? 0.244   3.025   1.232   1.00 18.58 ? 119 UAR B O2    1 
HETATM 380 N  N3    . UAR B 1 7  ? -1.403  1.555   0.723   1.00 17.03 ? 119 UAR B N3    1 
HETATM 381 C  C4    . UAR B 1 7  ? -2.535  0.798   1.025   1.00 17.99 ? 119 UAR B C4    1 
HETATM 382 O  O4    . UAR B 1 7  ? -2.981  0.080   0.149   1.00 18.23 ? 119 UAR B O4    1 
HETATM 383 C  C5    . UAR B 1 7  ? -3.070  0.967   2.355   1.00 18.99 ? 119 UAR B C5    1 
HETATM 384 C  C6    . UAR B 1 7  ? -2.417  1.810   3.146   1.00 18.56 ? 119 UAR B C6    1 
ATOM   385 P  P     . DT  B 1 8  ? 0.184   7.354   5.403   1.00 35.67 ? 120 DT  B P     1 
ATOM   386 O  OP1   . DT  B 1 8  ? 1.238   8.049   6.200   1.00 44.51 ? 120 DT  B OP1   1 
ATOM   387 O  OP2   . DT  B 1 8  ? -1.257  7.679   5.679   1.00 41.51 ? 120 DT  B OP2   1 
ATOM   388 O  "O5'" . DT  B 1 8  ? 0.427   7.527   3.856   1.00 33.79 ? 120 DT  B "O5'" 1 
ATOM   389 C  "C5'" . DT  B 1 8  ? 1.669   7.148   3.219   1.00 31.10 ? 120 DT  B "C5'" 1 
ATOM   390 C  "C4'" . DT  B 1 8  ? 1.468   7.290   1.726   1.00 25.57 ? 120 DT  B "C4'" 1 
ATOM   391 O  "O4'" . DT  B 1 8  ? 0.591   6.247   1.284   1.00 23.04 ? 120 DT  B "O4'" 1 
ATOM   392 C  "C3'" . DT  B 1 8  ? 0.792   8.560   1.226   1.00 27.12 ? 120 DT  B "C3'" 1 
ATOM   393 O  "O3'" . DT  B 1 8  ? 1.786   9.243   0.484   1.00 31.15 ? 120 DT  B "O3'" 1 
ATOM   394 C  "C2'" . DT  B 1 8  ? -0.386  8.158   0.393   1.00 27.08 ? 120 DT  B "C2'" 1 
ATOM   395 C  "C1'" . DT  B 1 8  ? -0.132  6.796   0.044   1.00 21.58 ? 120 DT  B "C1'" 1 
ATOM   396 N  N1    . DT  B 1 8  ? -1.220  5.843   -0.127  1.00 20.09 ? 120 DT  B N1    1 
ATOM   397 C  C2    . DT  B 1 8  ? -1.217  5.126   -1.274  1.00 19.74 ? 120 DT  B C2    1 
ATOM   398 O  O2    . DT  B 1 8  ? -0.361  5.227   -2.128  1.00 18.79 ? 120 DT  B O2    1 
ATOM   399 N  N3    . DT  B 1 8  ? -2.249  4.253   -1.424  1.00 19.33 ? 120 DT  B N3    1 
ATOM   400 C  C4    . DT  B 1 8  ? -3.280  4.029   -0.532  1.00 20.94 ? 120 DT  B C4    1 
ATOM   401 O  O4    . DT  B 1 8  ? -4.120  3.203   -0.830  1.00 20.78 ? 120 DT  B O4    1 
ATOM   402 C  C5    . DT  B 1 8  ? -3.234  4.846   0.664   1.00 21.36 ? 120 DT  B C5    1 
ATOM   403 C  C7    . DT  B 1 8  ? -4.328  4.671   1.675   1.00 24.44 ? 120 DT  B C7    1 
ATOM   404 C  C6    . DT  B 1 8  ? -2.226  5.709   0.817   1.00 20.97 ? 120 DT  B C6    1 
ATOM   405 P  P     . DC  B 1 9  ? 1.545   10.564  -0.278  1.00 35.38 ? 121 DC  B P     1 
ATOM   406 O  OP1   . DC  B 1 9  ? 2.863   11.252  -0.248  1.00 44.19 ? 121 DC  B OP1   1 
ATOM   407 O  OP2   . DC  B 1 9  ? 0.350   11.258  0.242   1.00 47.29 ? 121 DC  B OP2   1 
ATOM   408 O  "O5'" . DC  B 1 9  ? 1.264   10.063  -1.733  1.00 26.83 ? 121 DC  B "O5'" 1 
ATOM   409 C  "C5'" . DC  B 1 9  ? 2.221   9.200   -2.420  1.00 23.13 ? 121 DC  B "C5'" 1 
ATOM   410 C  "C4'" . DC  B 1 9  ? 1.589   8.989   -3.792  1.00 22.02 ? 121 DC  B "C4'" 1 
ATOM   411 O  "O4'" . DC  B 1 9  ? 0.474   8.119   -3.550  1.00 22.19 ? 121 DC  B "O4'" 1 
ATOM   412 C  "C3'" . DC  B 1 9  ? 1.068   10.217  -4.512  1.00 25.42 ? 121 DC  B "C3'" 1 
ATOM   413 O  "O3'" . DC  B 1 9  ? 1.872   10.395  -5.708  1.00 33.82 ? 121 DC  B "O3'" 1 
ATOM   414 C  "C2'" . DC  B 1 9  ? -0.382  9.941   -4.755  1.00 21.58 ? 121 DC  B "C2'" 1 
ATOM   415 C  "C1'" . DC  B 1 9  ? -0.583  8.514   -4.603  1.00 21.12 ? 121 DC  B "C1'" 1 
ATOM   416 N  N1    . DC  B 1 9  ? -1.756  7.922   -3.991  1.00 20.71 ? 121 DC  B N1    1 
ATOM   417 C  C2    . DC  B 1 9  ? -2.448  6.923   -4.663  1.00 18.53 ? 121 DC  B C2    1 
ATOM   418 O  O2    . DC  B 1 9  ? -2.058  6.546   -5.780  1.00 20.19 ? 121 DC  B O2    1 
ATOM   419 N  N3    . DC  B 1 9  ? -3.530  6.397   -4.068  1.00 18.45 ? 121 DC  B N3    1 
ATOM   420 C  C4    . DC  B 1 9  ? -3.959  6.779   -2.869  1.00 17.85 ? 121 DC  B C4    1 
ATOM   421 N  N4    . DC  B 1 9  ? -5.041  6.172   -2.391  1.00 18.96 ? 121 DC  B N4    1 
ATOM   422 C  C5    . DC  B 1 9  ? -3.253  7.805   -2.181  1.00 19.95 ? 121 DC  B C5    1 
ATOM   423 C  C6    . DC  B 1 9  ? -2.183  8.345   -2.749  1.00 19.16 ? 121 DC  B C6    1 
ATOM   424 P  P     . DG  B 1 10 ? 1.761   11.727  -6.567  1.00 40.81 ? 122 DG  B P     1 
ATOM   425 O  OP1   . DG  B 1 10 ? 2.953   11.927  -7.395  1.00 49.55 ? 122 DG  B OP1   1 
ATOM   426 O  OP2   . DG  B 1 10 ? 1.304   12.741  -5.582  1.00 40.93 ? 122 DG  B OP2   1 
ATOM   427 O  "O5'" . DG  B 1 10 ? 0.555   11.344  -7.514  1.00 35.66 ? 122 DG  B "O5'" 1 
ATOM   428 C  "C5'" . DG  B 1 10 ? 0.550   10.345  -8.560  1.00 35.21 ? 122 DG  B "C5'" 1 
ATOM   429 C  "C4'" . DG  B 1 10 ? -0.877  10.361  -9.124  1.00 28.53 ? 122 DG  B "C4'" 1 
ATOM   430 O  "O4'" . DG  B 1 10 ? -1.734  9.706   -8.157  1.00 25.89 ? 122 DG  B "O4'" 1 
ATOM   431 C  "C3'" . DG  B 1 10 ? -1.491  11.720  -9.391  1.00 27.29 ? 122 DG  B "C3'" 1 
ATOM   432 O  "O3'" . DG  B 1 10 ? -2.180  11.788  -10.621 1.00 24.55 ? 122 DG  B "O3'" 1 
ATOM   433 C  "C2'" . DG  B 1 10 ? -2.510  11.936  -8.292  1.00 26.26 ? 122 DG  B "C2'" 1 
ATOM   434 C  "C1'" . DG  B 1 10 ? -2.999  10.545  -8.152  1.00 25.16 ? 122 DG  B "C1'" 1 
ATOM   435 N  N9    . DG  B 1 10 ? -3.715  10.235  -6.962  1.00 20.79 ? 122 DG  B N9    1 
ATOM   436 C  C8    . DG  B 1 10 ? -3.618  10.859  -5.723  1.00 21.04 ? 122 DG  B C8    1 
ATOM   437 N  N7    . DG  B 1 10 ? -4.428  10.315  -4.854  1.00 19.19 ? 122 DG  B N7    1 
ATOM   438 C  C5    . DG  B 1 10 ? -5.062  9.314   -5.549  1.00 17.43 ? 122 DG  B C5    1 
ATOM   439 C  C6    . DG  B 1 10 ? -6.050  8.379   -5.127  1.00 17.40 ? 122 DG  B C6    1 
ATOM   440 O  O6    . DG  B 1 10 ? -6.562  8.278   -3.987  1.00 17.58 ? 122 DG  B O6    1 
ATOM   441 N  N1    . DG  B 1 10 ? -6.445  7.511   -6.144  1.00 16.29 ? 122 DG  B N1    1 
ATOM   442 C  C2    . DG  B 1 10 ? -5.954  7.534   -7.419  1.00 16.82 ? 122 DG  B C2    1 
ATOM   443 N  N2    . DG  B 1 10 ? -6.435  6.632   -8.294  1.00 16.65 ? 122 DG  B N2    1 
ATOM   444 N  N3    . DG  B 1 10 ? -5.037  8.385   -7.834  1.00 18.28 ? 122 DG  B N3    1 
ATOM   445 C  C4    . DG  B 1 10 ? -4.642  9.234   -6.864  1.00 18.91 ? 122 DG  B C4    1 
ATOM   446 P  P     . DC  B 1 11 ? -2.447  13.040  -11.542 1.00 25.64 ? 123 DC  B P     1 
ATOM   447 O  OP1   . DC  B 1 11 ? -1.195  13.296  -12.259 1.00 30.50 ? 123 DC  B OP1   1 
ATOM   448 O  OP2   . DC  B 1 11 ? -3.169  14.101  -10.790 1.00 29.82 ? 123 DC  B OP2   1 
ATOM   449 O  "O5'" . DC  B 1 11 ? -3.525  12.380  -12.539 1.00 24.28 ? 123 DC  B "O5'" 1 
ATOM   450 C  "C5'" . DC  B 1 11 ? -3.228  11.264  -13.395 1.00 23.06 ? 123 DC  B "C5'" 1 
ATOM   451 C  "C4'" . DC  B 1 11 ? -4.342  10.247  -13.349 1.00 21.22 ? 123 DC  B "C4'" 1 
ATOM   452 O  "O4'" . DC  B 1 11 ? -4.505  9.771   -12.001 1.00 20.47 ? 123 DC  B "O4'" 1 
ATOM   453 C  "C3'" . DC  B 1 11 ? -5.726  10.743  -13.693 1.00 19.40 ? 123 DC  B "C3'" 1 
ATOM   454 O  "O3'" . DC  B 1 11 ? -5.861  10.819  -15.107 1.00 20.86 ? 123 DC  B "O3'" 1 
ATOM   455 C  "C2'" . DC  B 1 11 ? -6.642  9.716   -13.079 1.00 19.37 ? 123 DC  B "C2'" 1 
ATOM   456 C  "C1'" . DC  B 1 11 ? -6.029  9.432   -11.839 1.00 19.92 ? 123 DC  B "C1'" 1 
ATOM   457 N  N1    . DC  B 1 11 ? -6.296  10.188  -10.606 1.00 18.31 ? 123 DC  B N1    1 
ATOM   458 C  C2    . DC  B 1 11 ? -7.351  9.667   -9.869  1.00 17.13 ? 123 DC  B C2    1 
ATOM   459 O  O2    . DC  B 1 11 ? -7.937  8.659   -10.334 1.00 17.28 ? 123 DC  B O2    1 
ATOM   460 N  N3    . DC  B 1 11 ? -7.714  10.229  -8.706  1.00 16.18 ? 123 DC  B N3    1 
ATOM   461 C  C4    . DC  B 1 11 ? -7.063  11.295  -8.244  1.00 16.06 ? 123 DC  B C4    1 
ATOM   462 N  N4    . DC  B 1 11 ? -7.421  11.873  -7.099  1.00 17.79 ? 123 DC  B N4    1 
ATOM   463 C  C5    . DC  B 1 11 ? -5.988  11.851  -9.006  1.00 19.53 ? 123 DC  B C5    1 
ATOM   464 C  C6    . DC  B 1 11 ? -5.623  11.271  -10.169 1.00 19.13 ? 123 DC  B C6    1 
ATOM   465 P  P     . DG  B 1 12 ? -7.002  11.659  -15.784 1.00 20.93 ? 124 DG  B P     1 
ATOM   466 O  OP1   . DG  B 1 12 ? -6.658  11.605  -17.196 1.00 25.33 ? 124 DG  B OP1   1 
ATOM   467 O  OP2   . DG  B 1 12 ? -7.120  12.992  -15.092 1.00 23.47 ? 124 DG  B OP2   1 
ATOM   468 O  "O5'" . DG  B 1 12 ? -8.348  10.878  -15.488 1.00 19.47 ? 124 DG  B "O5'" 1 
ATOM   469 C  "C5'" . DG  B 1 12 ? -8.633  9.588   -16.109 1.00 18.52 ? 124 DG  B "C5'" 1 
ATOM   470 C  "C4'" . DG  B 1 12 ? -9.879  9.021   -15.443 1.00 16.59 ? 124 DG  B "C4'" 1 
ATOM   471 O  "O4'" . DG  B 1 12 ? -9.641  8.868   -14.029 1.00 16.32 ? 124 DG  B "O4'" 1 
ATOM   472 C  "C3'" . DG  B 1 12 ? -11.123 9.875   -15.525 1.00 16.63 ? 124 DG  B "C3'" 1 
ATOM   473 O  "O3'" . DG  B 1 12 ? -11.746 9.642   -16.792 1.00 16.87 ? 124 DG  B "O3'" 1 
ATOM   474 C  "C2'" . DG  B 1 12 ? -11.938 9.433   -14.339 1.00 16.99 ? 124 DG  B "C2'" 1 
ATOM   475 C  "C1'" . DG  B 1 12 ? -10.995 9.168   -13.317 1.00 16.31 ? 124 DG  B "C1'" 1 
ATOM   476 N  N9    . DG  B 1 12 ? -10.567 10.201  -12.381 1.00 15.50 ? 124 DG  B N9    1 
ATOM   477 C  C8    . DG  B 1 12 ? -9.637  11.187  -12.555 1.00 16.04 ? 124 DG  B C8    1 
ATOM   478 N  N7    . DG  B 1 12 ? -9.482  11.956  -11.512 1.00 17.56 ? 124 DG  B N7    1 
ATOM   479 C  C5    . DG  B 1 12 ? -10.367 11.447  -10.584 1.00 15.61 ? 124 DG  B C5    1 
ATOM   480 C  C6    . DG  B 1 12 ? -10.647 11.857  -9.258  1.00 15.39 ? 124 DG  B C6    1 
ATOM   481 O  O6    . DG  B 1 12 ? -10.150 12.797  -8.629  1.00 16.51 ? 124 DG  B O6    1 
ATOM   482 N  N1    . DG  B 1 12 ? -11.623 11.037  -8.686  1.00 15.63 ? 124 DG  B N1    1 
ATOM   483 C  C2    . DG  B 1 12 ? -12.243 9.984   -9.287  1.00 14.80 ? 124 DG  B C2    1 
ATOM   484 N  N2    . DG  B 1 12 ? -13.150 9.330   -8.572  1.00 14.96 ? 124 DG  B N2    1 
ATOM   485 N  N3    . DG  B 1 12 ? -11.989 9.584   -10.532 1.00 15.15 ? 124 DG  B N3    1 
ATOM   486 C  C4    . DG  B 1 12 ? -11.037 10.368  -11.110 1.00 14.51 ? 124 DG  B C4    1 
HETATM 487 MG MG    . MG  C 2 .  ? -8.285  10.938  -1.145  1.00 17.66 ? 493 MG  A MG    1 
HETATM 488 O  O     . HOH D 3 .  ? -13.081 6.817   -0.499  1.00 21.00 ? 301 HOH A O     1 
HETATM 489 O  O     . HOH D 3 .  ? -7.593  2.924   -1.594  1.00 26.99 ? 302 HOH A O     1 
HETATM 490 O  O     . HOH D 3 .  ? -9.122  5.036   -0.610  1.00 24.12 ? 303 HOH A O     1 
HETATM 491 O  O     . HOH D 3 .  ? -0.759  -3.079  -5.058  1.00 35.54 ? 304 HOH A O     1 
HETATM 492 O  O     . HOH D 3 .  ? 6.326   -0.298  -9.339  1.00 17.39 ? 305 HOH A O     1 
HETATM 493 O  O     . HOH D 3 .  ? 3.300   0.703   -15.061 1.00 32.37 ? 306 HOH A O     1 
HETATM 494 O  O     . HOH D 3 .  ? 7.150   -0.156  -5.051  1.00 18.31 ? 307 HOH A O     1 
HETATM 495 O  O     . HOH D 3 .  ? 4.985   -1.540  -11.523 1.00 18.07 ? 308 HOH A O     1 
HETATM 496 O  O     . HOH D 3 .  ? 5.373   1.376   -11.603 1.00 19.78 ? 309 HOH A O     1 
HETATM 497 O  O     . HOH D 3 .  ? 0.067   4.915   -7.146  1.00 27.26 ? 312 HOH A O     1 
HETATM 498 O  O     . HOH D 3 .  ? 8.310   3.578   -10.196 1.00 20.13 ? 315 HOH A O     1 
HETATM 499 O  O     . HOH D 3 .  ? 3.339   3.569   4.023   1.00 25.22 ? 316 HOH A O     1 
HETATM 500 O  O     . HOH D 3 .  ? 2.538   1.108   5.213   1.00 17.97 ? 317 HOH A O     1 
HETATM 501 O  O     . HOH D 3 .  ? 9.342   0.856   -1.124  1.00 25.69 ? 318 HOH A O     1 
HETATM 502 O  O     . HOH D 3 .  ? 9.131   -3.483  1.381   1.00 24.22 ? 319 HOH A O     1 
HETATM 503 O  O     . HOH D 3 .  ? 10.508  -2.319  6.255   1.00 39.21 ? 320 HOH A O     1 
HETATM 504 O  O     . HOH D 3 .  ? 10.439  -4.383  3.504   1.00 34.96 ? 321 HOH A O     1 
HETATM 505 O  O     . HOH D 3 .  ? 1.749   -2.618  7.321   1.00 17.64 ? 323 HOH A O     1 
HETATM 506 O  O     . HOH D 3 .  ? 1.481   -4.193  9.511   1.00 26.92 ? 324 HOH A O     1 
HETATM 507 O  O     . HOH D 3 .  ? 3.328   -6.144  9.292   1.00 20.56 ? 325 HOH A O     1 
HETATM 508 O  O     . HOH D 3 .  ? 3.161   -14.358 16.592  1.00 34.24 ? 326 HOH A O     1 
HETATM 509 O  O     . HOH D 3 .  ? 4.332   -12.181 15.730  1.00 31.85 ? 327 HOH A O     1 
HETATM 510 O  O     . HOH D 3 .  ? 8.054   -9.659  14.669  1.00 35.33 ? 328 HOH A O     1 
HETATM 511 O  O     . HOH D 3 .  ? -0.292  -15.552 13.401  1.00 36.97 ? 329 HOH A O     1 
HETATM 512 O  O     . HOH D 3 .  ? 3.039   -16.967 15.259  1.00 26.92 ? 330 HOH A O     1 
HETATM 513 O  O     . HOH D 3 .  ? -8.256  11.403  -3.134  1.00 17.21 ? 340 HOH A O     1 
HETATM 514 O  O     . HOH D 3 .  ? -8.156  14.085  -3.787  1.00 27.11 ? 342 HOH A O     1 
HETATM 515 O  O     . HOH D 3 .  ? -0.306  5.971   -9.362  0.50 51.65 ? 343 HOH A O     1 
HETATM 516 O  O     . HOH D 3 .  ? 1.641   -4.485  -3.347  1.00 38.23 ? 346 HOH A O     1 
HETATM 517 O  O     . HOH D 3 .  ? 2.371   -2.015  -8.369  1.00 25.61 ? 347 HOH A O     1 
HETATM 518 O  O     . HOH D 3 .  ? 5.114   -4.904  -2.116  1.00 29.80 ? 348 HOH A O     1 
HETATM 519 O  O     . HOH D 3 .  ? -4.949  -1.913  -4.479  1.00 34.07 ? 351 HOH A O     1 
HETATM 520 O  O     . HOH D 3 .  ? 10.697  -5.680  11.069  1.00 33.96 ? 352 HOH A O     1 
HETATM 521 O  O     . HOH D 3 .  ? -18.369 3.885   -1.639  1.00 47.58 ? 353 HOH A O     1 
HETATM 522 O  O     . HOH D 3 .  ? -14.419 2.686   -0.950  0.50 45.71 ? 355 HOH A O     1 
HETATM 523 O  O     . HOH D 3 .  ? 6.161   6.328   -8.434  1.00 29.40 ? 356 HOH A O     1 
HETATM 524 O  O     . HOH D 3 .  ? -20.607 4.380   -1.819  0.50 61.94 ? 361 HOH A O     1 
HETATM 525 O  O     . HOH D 3 .  ? -9.633  8.607   2.107   1.00 23.51 ? 362 HOH A O     1 
HETATM 526 O  O     . HOH D 3 .  ? -8.056  6.472   1.413   1.00 27.35 ? 363 HOH A O     1 
HETATM 527 O  O     . HOH D 3 .  ? -18.652 2.654   -4.696  1.00 41.00 ? 364 HOH A O     1 
HETATM 528 O  O     . HOH D 3 .  ? -8.075  0.947   -2.779  1.00 39.67 ? 366 HOH A O     1 
HETATM 529 O  O     . HOH D 3 .  ? -3.087  -7.381  -7.835  1.00 47.61 ? 367 HOH A O     1 
HETATM 530 O  O     . HOH D 3 .  ? 3.042   -2.102  -15.337 1.00 29.53 ? 368 HOH A O     1 
HETATM 531 O  O     . HOH D 3 .  ? -2.544  -3.203  -3.280  1.00 29.31 ? 370 HOH A O     1 
HETATM 532 O  O     . HOH D 3 .  ? 1.160   -2.882  -12.567 1.00 35.26 ? 371 HOH A O     1 
HETATM 533 O  O     . HOH D 3 .  ? 8.240   1.001   -11.081 1.00 18.90 ? 372 HOH A O     1 
HETATM 534 O  O     . HOH D 3 .  ? 5.145   -2.327  -8.051  1.00 24.49 ? 374 HOH A O     1 
HETATM 535 O  O     . HOH D 3 .  ? 2.897   3.830   1.301   1.00 21.15 ? 376 HOH A O     1 
HETATM 536 O  O     . HOH D 3 .  ? 9.902   -0.510  1.243   1.00 28.62 ? 377 HOH A O     1 
HETATM 537 O  O     . HOH D 3 .  ? 1.685   1.203   10.080  1.00 37.01 ? 379 HOH A O     1 
HETATM 538 O  O     . HOH D 3 .  ? 4.478   5.791   5.561   1.00 54.49 ? 380 HOH A O     1 
HETATM 539 O  O     . HOH D 3 .  ? 10.626  -0.176  4.027   0.50 51.62 ? 381 HOH A O     1 
HETATM 540 O  O     . HOH D 3 .  ? 13.191  -2.960  7.804   0.50 35.32 ? 382 HOH A O     1 
HETATM 541 O  O     . HOH D 3 .  ? 0.463   -3.384  11.825  1.00 35.11 ? 383 HOH A O     1 
HETATM 542 O  O     . HOH D 3 .  ? 4.071   0.863   14.690  1.00 51.25 ? 384 HOH A O     1 
HETATM 543 O  O     . HOH D 3 .  ? 1.215   -3.048  14.053  0.50 43.19 ? 385 HOH A O     1 
HETATM 544 O  O     . HOH D 3 .  ? 0.468   7.837   -10.459 1.00 46.42 ? 395 HOH A O     1 
HETATM 545 O  O     . HOH D 3 .  ? -16.253 10.560  2.217   1.00 40.20 ? 399 HOH A O     1 
HETATM 546 O  O     . HOH D 3 .  ? 1.461   3.476   -13.026 1.00 47.80 ? 401 HOH A O     1 
HETATM 547 O  O     . HOH D 3 .  ? 9.015   0.022   13.276  0.50 57.49 ? 404 HOH A O     1 
HETATM 548 O  O     . HOH D 3 .  ? -0.822  -7.006  14.377  0.50 48.50 ? 405 HOH A O     1 
HETATM 549 O  O     . HOH D 3 .  ? -1.187  -4.932  15.352  0.50 60.62 ? 408 HOH A O     1 
HETATM 550 O  O     . HOH D 3 .  ? 8.378   4.365   9.267   1.00 47.23 ? 409 HOH A O     1 
HETATM 551 O  O     . HOH D 3 .  ? 11.417  -10.575 13.138  0.50 54.35 ? 414 HOH A O     1 
HETATM 552 O  O     . HOH D 3 .  ? -21.294 15.989  -0.965  0.50 39.39 ? 421 HOH A O     1 
HETATM 553 O  O     . HOH D 3 .  ? -6.207  -0.563  -2.529  1.00 43.72 ? 422 HOH A O     1 
HETATM 554 O  O     . HOH D 3 .  ? -1.099  -3.301  -13.234 0.50 41.96 ? 423 HOH A O     1 
HETATM 555 O  O     . HOH D 3 .  ? 5.518   -2.450  -5.448  1.00 29.48 ? 424 HOH A O     1 
HETATM 556 O  O     . HOH D 3 .  ? 9.027   -1.641  -4.120  0.50 41.28 ? 425 HOH A O     1 
HETATM 557 O  O     . HOH D 3 .  ? 4.499   7.294   -6.753  1.00 55.56 ? 427 HOH A O     1 
HETATM 558 O  O     . HOH D 3 .  ? 8.594   -6.579  14.585  1.00 54.51 ? 430 HOH A O     1 
HETATM 559 O  O     . HOH D 3 .  ? -0.271  -2.107  -14.466 0.50 47.98 ? 446 HOH A O     1 
HETATM 560 O  O     . HOH D 3 .  ? 5.966   -9.805  16.534  1.00 51.50 ? 447 HOH A O     1 
HETATM 561 O  O     . HOH D 3 .  ? 7.976   -5.200  -2.666  0.50 51.98 ? 449 HOH A O     1 
HETATM 562 O  O     . HOH D 3 .  ? 5.581   -4.570  -4.364  1.00 59.80 ? 450 HOH A O     1 
HETATM 563 O  O     . HOH D 3 .  ? -10.058 8.859   4.628   1.00 38.57 ? 451 HOH A O     1 
HETATM 564 O  O     . HOH D 3 .  ? 10.300  -2.411  11.037  1.00 50.42 ? 453 HOH A O     1 
HETATM 565 O  O     . HOH D 3 .  ? -8.415  -2.722  -3.539  0.50 57.84 ? 456 HOH A O     1 
HETATM 566 O  O     . HOH D 3 .  ? -17.831 21.015  -7.832  0.50 49.61 ? 458 HOH A O     1 
HETATM 567 O  O     . HOH D 3 .  ? 3.371   4.676   8.219   0.50 39.89 ? 466 HOH A O     1 
HETATM 568 O  O     . HOH D 3 .  ? 9.802   -4.380  -1.145  0.50 35.64 ? 467 HOH A O     1 
HETATM 569 O  O     . HOH D 3 .  ? 10.461  -0.024  6.310   1.00 49.83 ? 468 HOH A O     1 
HETATM 570 O  O     . HOH D 3 .  ? -23.115 15.910  1.454   1.00 62.12 ? 469 HOH A O     1 
HETATM 571 O  O     . HOH D 3 .  ? 2.908   -8.966  17.159  0.50 53.05 ? 474 HOH A O     1 
HETATM 572 O  O     . HOH D 3 .  ? 1.151   -4.138  -7.812  0.50 48.27 ? 477 HOH A O     1 
HETATM 573 O  O     . HOH D 3 .  ? 8.200   7.745   -9.087  0.50 60.65 ? 478 HOH A O     1 
HETATM 574 O  O     . HOH D 3 .  ? 7.872   -0.115  15.299  0.50 46.15 ? 482 HOH A O     1 
HETATM 575 O  O     . HOH D 3 .  ? -6.346  -1.803  -14.952 0.50 55.50 ? 483 HOH A O     1 
HETATM 576 O  O     . HOH D 3 .  ? -0.762  -10.923 16.278  0.50 64.52 ? 487 HOH A O     1 
HETATM 577 O  O     . HOH D 3 .  ? 1.460   1.070   15.247  0.50 48.63 ? 490 HOH A O     1 
HETATM 578 O  O     . HOH D 3 .  ? -11.052 0.468   -2.861  1.00 66.27 ? 494 HOH A O     1 
HETATM 579 O  O     . HOH D 3 .  ? 0.514   -0.722  16.052  0.50 61.51 ? 496 HOH A O     1 
HETATM 580 O  O     . HOH D 3 .  ? 5.814   -1.636  16.747  0.50 52.19 ? 499 HOH A O     1 
HETATM 581 O  O     . HOH D 3 .  ? -2.836  -6.660  -4.625  1.00 67.13 ? 500 HOH A O     1 
HETATM 582 O  O     . HOH D 3 .  ? 6.553   6.305   6.613   0.50 51.92 ? 502 HOH A O     1 
HETATM 583 O  O     . HOH E 3 .  ? 2.198   5.033   -3.275  1.00 20.64 ? 310 HOH B O     1 
HETATM 584 O  O     . HOH E 3 .  ? 2.631   5.614   -5.953  1.00 24.25 ? 311 HOH B O     1 
HETATM 585 O  O     . HOH E 3 .  ? 3.625   5.531   -0.893  1.00 24.91 ? 313 HOH B O     1 
HETATM 586 O  O     . HOH E 3 .  ? 5.476   7.738   -1.240  1.00 45.42 ? 314 HOH B O     1 
HETATM 587 O  O     . HOH E 3 .  ? 1.680   0.117   7.689   1.00 19.63 ? 322 HOH B O     1 
HETATM 588 O  O     . HOH E 3 .  ? 12.101  -7.916  3.584   1.00 43.18 ? 331 HOH B O     1 
HETATM 589 O  O     . HOH E 3 .  ? -5.165  -1.205  0.194   1.00 52.69 ? 332 HOH B O     1 
HETATM 590 O  O     . HOH E 3 .  ? 8.513   -18.044 -0.657  1.00 42.78 ? 333 HOH B O     1 
HETATM 591 O  O     . HOH E 3 .  ? 9.699   -7.375  0.188   1.00 37.60 ? 334 HOH B O     1 
HETATM 592 O  O     . HOH E 3 .  ? -3.944  -3.951  1.465   1.00 28.69 ? 335 HOH B O     1 
HETATM 593 O  O     . HOH E 3 .  ? -2.532  -4.314  -0.837  1.00 28.41 ? 336 HOH B O     1 
HETATM 594 O  O     . HOH E 3 .  ? -3.206  7.455   3.544   1.00 44.78 ? 337 HOH B O     1 
HETATM 595 O  O     . HOH E 3 .  ? -5.905  7.575   0.066   1.00 21.13 ? 338 HOH B O     1 
HETATM 596 O  O     . HOH E 3 .  ? -4.435  11.641  -2.471  1.00 22.41 ? 339 HOH B O     1 
HETATM 597 O  O     . HOH E 3 .  ? -6.965  9.463   -1.631  1.00 19.24 ? 341 HOH B O     1 
HETATM 598 O  O     . HOH E 3 .  ? -7.648  13.998  -12.395 1.00 24.93 ? 344 HOH B O     1 
HETATM 599 O  O     . HOH E 3 .  ? -10.849 7.678   -18.768 1.00 29.01 ? 345 HOH B O     1 
HETATM 600 O  O     . HOH E 3 .  ? -5.084  -6.095  2.771   1.00 37.43 ? 349 HOH B O     1 
HETATM 601 O  O     . HOH E 3 .  ? -3.293  7.543   -9.932  1.00 30.26 ? 350 HOH B O     1 
HETATM 602 O  O     . HOH E 3 .  ? -5.682  14.214  -6.380  1.00 31.91 ? 354 HOH B O     1 
HETATM 603 O  O     . HOH E 3 .  ? -9.830  16.790  -10.670 1.00 35.39 ? 357 HOH B O     1 
HETATM 604 O  O     . HOH E 3 .  ? 1.222   -6.475  -1.581  1.00 32.70 ? 358 HOH B O     1 
HETATM 605 O  O     . HOH E 3 .  ? -7.012  15.312  -16.392 0.50 33.36 ? 359 HOH B O     1 
HETATM 606 O  O     . HOH E 3 .  ? 18.045  -7.547  8.621   1.00 39.43 ? 360 HOH B O     1 
HETATM 607 O  O     . HOH E 3 .  ? -6.223  1.987   0.517   1.00 30.62 ? 365 HOH B O     1 
HETATM 608 O  O     . HOH E 3 .  ? 5.844   -6.624  -0.413  1.00 32.46 ? 369 HOH B O     1 
HETATM 609 O  O     . HOH E 3 .  ? 7.388   -9.159  -2.427  0.50 44.41 ? 373 HOH B O     1 
HETATM 610 O  O     . HOH E 3 .  ? 6.129   7.831   -3.851  1.00 49.46 ? 378 HOH B O     1 
HETATM 611 O  O     . HOH E 3 .  ? 18.566  -9.087  10.601  1.00 40.67 ? 387 HOH B O     1 
HETATM 612 O  O     . HOH E 3 .  ? 16.840  -11.205 7.510   1.00 42.54 ? 388 HOH B O     1 
HETATM 613 O  O     . HOH E 3 .  ? 6.691   -11.158 -1.539  1.00 37.39 ? 389 HOH B O     1 
HETATM 614 O  O     . HOH E 3 .  ? -0.999  -6.627  -0.290  1.00 26.53 ? 390 HOH B O     1 
HETATM 615 O  O     . HOH E 3 .  ? -6.518  -7.957  6.763   1.00 53.80 ? 391 HOH B O     1 
HETATM 616 O  O     . HOH E 3 .  ? -6.130  -2.189  2.290   1.00 44.65 ? 392 HOH B O     1 
HETATM 617 O  O     . HOH E 3 .  ? -5.054  -6.233  12.002  1.00 39.63 ? 393 HOH B O     1 
HETATM 618 O  O     . HOH E 3 .  ? -6.867  2.660   3.224   1.00 41.18 ? 394 HOH B O     1 
HETATM 619 O  O     . HOH E 3 .  ? -7.098  9.846   -19.519 1.00 41.67 ? 396 HOH B O     1 
HETATM 620 O  O     . HOH E 3 .  ? -3.011  -0.536  12.135  1.00 38.74 ? 397 HOH B O     1 
HETATM 621 O  O     . HOH E 3 .  ? 0.213   -10.764 -2.383  0.50 47.12 ? 398 HOH B O     1 
HETATM 622 O  O     . HOH E 3 .  ? 16.217  -19.570 0.449   0.50 46.36 ? 400 HOH B O     1 
HETATM 623 O  O     . HOH E 3 .  ? -2.574  7.623   8.077   0.50 37.91 ? 402 HOH B O     1 
HETATM 624 O  O     . HOH E 3 .  ? 10.606  -10.185 -0.177  1.00 38.61 ? 403 HOH B O     1 
HETATM 625 O  O     . HOH E 3 .  ? 5.676   -18.139 0.282   1.00 46.17 ? 406 HOH B O     1 
HETATM 626 O  O     . HOH E 3 .  ? 13.803  -7.543  9.941   1.00 60.81 ? 407 HOH B O     1 
HETATM 627 O  O     . HOH E 3 .  ? 11.182  -17.046 -2.050  1.00 60.55 ? 410 HOH B O     1 
HETATM 628 O  O     . HOH E 3 .  ? 3.725   9.502   -8.080  0.50 48.81 ? 412 HOH B O     1 
HETATM 629 O  O     . HOH E 3 .  ? -4.464  2.964   5.727   0.50 38.44 ? 415 HOH B O     1 
HETATM 630 O  O     . HOH E 3 .  ? 3.910   -10.546 -0.888  1.00 52.79 ? 416 HOH B O     1 
HETATM 631 O  O     . HOH E 3 .  ? -0.154  -14.190 -2.757  0.50 42.75 ? 417 HOH B O     1 
HETATM 632 O  O     . HOH E 3 .  ? -5.300  -1.768  4.917   0.50 58.14 ? 418 HOH B O     1 
HETATM 633 O  O     . HOH E 3 .  ? -6.048  6.591   4.730   0.50 52.75 ? 420 HOH B O     1 
HETATM 634 O  O     . HOH E 3 .  ? 6.763   11.272  1.247   0.50 45.65 ? 428 HOH B O     1 
HETATM 635 O  O     . HOH E 3 .  ? -1.473  12.634  -0.016  0.50 55.36 ? 429 HOH B O     1 
HETATM 636 O  O     . HOH E 3 .  ? -3.363  4.602   11.691  1.00 46.77 ? 434 HOH B O     1 
HETATM 637 O  O     . HOH E 3 .  ? -0.303  -0.685  11.515  1.00 46.47 ? 436 HOH B O     1 
HETATM 638 O  O     . HOH E 3 .  ? 0.083   2.807   11.011  0.50 43.67 ? 438 HOH B O     1 
HETATM 639 O  O     . HOH E 3 .  ? -7.621  5.067   3.692   1.00 37.58 ? 439 HOH B O     1 
HETATM 640 O  O     . HOH E 3 .  ? 4.010   15.117  -6.201  1.00 48.58 ? 440 HOH B O     1 
HETATM 641 O  O     . HOH E 3 .  ? -3.001  14.240  -15.946 1.00 50.50 ? 442 HOH B O     1 
HETATM 642 O  O     . HOH E 3 .  ? -1.717  15.984  -8.856  0.50 47.90 ? 443 HOH B O     1 
HETATM 643 O  O     . HOH E 3 .  ? -8.829  15.086  -9.192  1.00 51.10 ? 444 HOH B O     1 
HETATM 644 O  O     . HOH E 3 .  ? -4.464  -9.578  0.763   0.50 51.14 ? 445 HOH B O     1 
HETATM 645 O  O     . HOH E 3 .  ? -0.600  13.473  -15.100 0.50 45.09 ? 448 HOH B O     1 
HETATM 646 O  O     . HOH E 3 .  ? -5.433  6.198   7.426   0.50 48.69 ? 452 HOH B O     1 
HETATM 647 O  O     . HOH E 3 .  ? 5.483   8.180   2.465   1.00 57.68 ? 454 HOH B O     1 
HETATM 648 O  O     . HOH E 3 .  ? 3.889   -7.404  -1.335  1.00 57.84 ? 455 HOH B O     1 
HETATM 649 O  O     . HOH E 3 .  ? 3.094   13.824  -8.799  1.00 52.65 ? 457 HOH B O     1 
HETATM 650 O  O     . HOH E 3 .  ? -5.664  1.201   4.515   0.50 38.98 ? 459 HOH B O     1 
HETATM 651 O  O     . HOH E 3 .  ? -5.808  -10.887 7.173   0.50 44.50 ? 460 HOH B O     1 
HETATM 652 O  O     . HOH E 3 .  ? 15.548  -17.134 1.349   0.50 31.92 ? 461 HOH B O     1 
HETATM 653 O  O     . HOH E 3 .  ? -3.617  13.789  -3.099  1.00 59.04 ? 462 HOH B O     1 
HETATM 654 O  O     . HOH E 3 .  ? 7.174   11.642  -1.374  0.50 44.88 ? 463 HOH B O     1 
HETATM 655 O  O     . HOH E 3 .  ? 11.503  -6.804  6.039   1.00 43.56 ? 465 HOH B O     1 
HETATM 656 O  O     . HOH E 3 .  ? 14.939  -16.735 -2.444  0.50 60.57 ? 473 HOH B O     1 
HETATM 657 O  O     . HOH E 3 .  ? -6.816  15.829  -7.986  0.50 48.24 ? 476 HOH B O     1 
HETATM 658 O  O     . HOH E 3 .  ? 1.398   -16.490 -1.409  0.50 50.08 ? 479 HOH B O     1 
HETATM 659 O  O     . HOH E 3 .  ? 4.112   9.683   4.875   0.50 60.13 ? 480 HOH B O     1 
HETATM 660 O  O     . HOH E 3 .  ? 9.469   -11.924 -2.097  0.50 43.50 ? 485 HOH B O     1 
HETATM 661 O  O     . HOH E 3 .  ? -18.847 22.186  -10.959 0.50 50.95 ? 488 HOH B O     1 
HETATM 662 O  O     . HOH E 3 .  ? 7.457   7.690   3.538   0.50 55.76 ? 492 HOH B O     1 
HETATM 663 O  O     . HOH E 3 .  ? 5.527   9.789   0.009   1.00 53.58 ? 495 HOH B O     1 
HETATM 664 O  O     . HOH E 3 .  ? -5.034  0.748   10.852  0.50 51.51 ? 497 HOH B O     1 
HETATM 665 O  O     . HOH E 3 .  ? 9.896   9.789   -1.650  0.50 73.50 ? 498 HOH B O     1 
HETATM 666 O  O     . HOH E 3 .  ? -6.881  -5.134  4.708   1.00 57.62 ? 501 HOH B O     1 
# 
loop_
_atom_site_anisotrop.id 
_atom_site_anisotrop.type_symbol 
_atom_site_anisotrop.pdbx_label_atom_id 
_atom_site_anisotrop.pdbx_label_alt_id 
_atom_site_anisotrop.pdbx_label_comp_id 
_atom_site_anisotrop.pdbx_label_asym_id 
_atom_site_anisotrop.pdbx_label_seq_id 
_atom_site_anisotrop.pdbx_PDB_ins_code 
_atom_site_anisotrop.U[1][1] 
_atom_site_anisotrop.U[2][2] 
_atom_site_anisotrop.U[3][3] 
_atom_site_anisotrop.U[1][2] 
_atom_site_anisotrop.U[1][3] 
_atom_site_anisotrop.U[2][3] 
_atom_site_anisotrop.pdbx_auth_seq_id 
_atom_site_anisotrop.pdbx_auth_comp_id 
_atom_site_anisotrop.pdbx_auth_asym_id 
_atom_site_anisotrop.pdbx_auth_atom_id 
1   O  "O5'" . DC  A 1  ? 0.3230 0.2836 0.3022 0.0107  0.0956  -0.0701 1   DC  A "O5'" 
2   C  "C5'" . DC  A 1  ? 0.2240 0.2581 0.2457 0.0006  0.0133  -0.0301 1   DC  A "C5'" 
3   C  "C4'" . DC  A 1  ? 0.2351 0.2406 0.2265 0.0437  0.0073  -0.0180 1   DC  A "C4'" 
4   O  "O4'" . DC  A 1  ? 0.2298 0.2225 0.2313 0.0443  0.0002  -0.0023 1   DC  A "O4'" 
5   C  "C3'" . DC  A 1  ? 0.2303 0.2381 0.2755 0.0152  0.0239  0.0157  1   DC  A "C3'" 
6   O  "O3'" . DC  A 1  ? 0.2901 0.2578 0.3142 -0.0247 0.0388  -0.0001 1   DC  A "O3'" 
7   C  "C2'" . DC  A 1  ? 0.2262 0.2518 0.1845 0.0470  -0.0129 -0.0034 1   DC  A "C2'" 
8   C  "C1'" . DC  A 1  ? 0.2030 0.2180 0.2112 0.0390  -0.0122 -0.0010 1   DC  A "C1'" 
9   N  N1    . DC  A 1  ? 0.2122 0.1856 0.1936 0.0383  -0.0317 -0.0047 1   DC  A N1    
10  C  C2    . DC  A 1  ? 0.2026 0.1893 0.1974 0.0524  -0.0245 0.0057  1   DC  A C2    
11  O  O2    . DC  A 1  ? 0.2378 0.2214 0.1892 0.0162  0.0025  -0.0211 1   DC  A O2    
12  N  N3    . DC  A 1  ? 0.2122 0.1778 0.1994 0.0527  -0.0217 -0.0070 1   DC  A N3    
13  C  C4    . DC  A 1  ? 0.2055 0.1823 0.2044 0.0521  -0.0211 -0.0198 1   DC  A C4    
14  N  N4    . DC  A 1  ? 0.2310 0.2129 0.2063 0.0321  -0.0062 0.0114  1   DC  A N4    
15  C  C5    . DC  A 1  ? 0.2258 0.2043 0.1971 0.0295  -0.0073 -0.0053 1   DC  A C5    
16  C  C6    . DC  A 1  ? 0.2062 0.2033 0.2180 0.0332  -0.0292 -0.0092 1   DC  A C6    
17  P  P     . DG  A 2  ? 0.3161 0.2602 0.3647 -0.0204 0.0692  0.0075  2   DG  A P     
18  O  OP1   . DG  A 2  ? 0.3212 0.3234 0.6157 -0.0455 0.1118  0.0950  2   DG  A OP1   
19  O  OP2   . DG  A 2  ? 0.5592 0.2210 0.3308 -0.0086 0.0223  0.0025  2   DG  A OP2   
20  O  "O5'" . DG  A 2  ? 0.2943 0.2602 0.3329 -0.0043 0.0096  -0.0133 2   DG  A "O5'" 
21  C  "C5'" . DG  A 2  ? 0.2690 0.2292 0.3673 0.0124  -0.0258 -0.0088 2   DG  A "C5'" 
22  C  "C4'" . DG  A 2  ? 0.2625 0.2135 0.3075 -0.0266 -0.0053 0.0238  2   DG  A "C4'" 
23  O  "O4'" . DG  A 2  ? 0.2305 0.2512 0.3951 -0.0304 -0.0469 0.0793  2   DG  A "O4'" 
24  C  "C3'" . DG  A 2  ? 0.2894 0.1882 0.3398 -0.0045 0.0199  0.0060  2   DG  A "C3'" 
25  O  "O3'" . DG  A 2  ? 0.4961 0.1981 0.3226 -0.0348 -0.0012 0.0223  2   DG  A "O3'" 
26  C  "C2'" . DG  A 2  ? 0.2582 0.2027 0.3165 0.0255  0.0512  0.0427  2   DG  A "C2'" 
27  C  "C1'" . DG  A 2  ? 0.2620 0.1915 0.2696 -0.0005 -0.0271 0.0328  2   DG  A "C1'" 
28  N  N9    . DG  A 2  ? 0.2035 0.1727 0.2461 0.0398  -0.0024 0.0120  2   DG  A N9    
29  C  C8    . DG  A 2  ? 0.2499 0.1493 0.2537 0.0377  0.0178  0.0049  2   DG  A C8    
30  N  N7    . DG  A 2  ? 0.2085 0.1638 0.2285 0.0521  0.0005  0.0157  2   DG  A N7    
31  C  C5    . DG  A 2  ? 0.1878 0.1736 0.2200 0.0474  -0.0165 0.0103  2   DG  A C5    
32  C  C6    . DG  A 2  ? 0.1781 0.1583 0.2255 0.0534  -0.0159 0.0058  2   DG  A C6    
33  O  O6    . DG  A 2  ? 0.2168 0.1737 0.2313 0.0274  -0.0184 0.0016  2   DG  A O6    
34  N  N1    . DG  A 2  ? 0.1720 0.1785 0.2232 0.0477  -0.0254 0.0045  2   DG  A N1    
35  C  C2    . DG  A 2  ? 0.2000 0.1694 0.2124 0.0316  -0.0347 0.0186  2   DG  A C2    
36  N  N2    . DG  A 2  ? 0.1947 0.2207 0.2079 0.0574  -0.0471 0.0173  2   DG  A N2    
37  N  N3    . DG  A 2  ? 0.1902 0.1702 0.2369 0.0407  -0.0234 0.0101  2   DG  A N3    
38  C  C4    . DG  A 2  ? 0.1971 0.1694 0.2390 0.0386  -0.0101 0.0115  2   DG  A C4    
39  P  P     . DC  A 3  ? 0.4064 0.1917 0.3129 -0.0244 0.0394  0.0115  3   DC  A P     
40  O  OP1   . DC  A 3  ? 0.3602 0.2583 0.6523 -0.0426 0.1157  0.0658  3   DC  A OP1   
41  O  OP2   . DC  A 3  ? 0.8363 0.2292 0.3003 -0.0280 -0.0296 0.0532  3   DC  A OP2   
42  O  "O5'" . DC  A 3  ? 0.3332 0.3294 0.3306 0.0303  0.0351  0.0645  3   DC  A "O5'" 
43  C  "C5'" . DC  A 3  ? 0.2462 0.2797 0.3065 0.0111  -0.0075 0.0088  3   DC  A "C5'" 
44  C  "C4'" . DC  A 3  ? 0.2288 0.2322 0.2678 0.0323  -0.0396 0.0434  3   DC  A "C4'" 
45  O  "O4'" . DC  A 3  ? 0.2285 0.2206 0.2915 0.0443  -0.0334 0.0470  3   DC  A "O4'" 
46  C  "C3'" . DC  A 3  ? 0.2658 0.2298 0.3185 0.0437  -0.0388 0.0157  3   DC  A "C3'" 
47  O  "O3'" . DC  A 3  ? 0.2577 0.2956 0.4460 0.0050  -0.0185 -0.0953 3   DC  A "O3'" 
48  C  "C2'" . DC  A 3  ? 0.2444 0.2482 0.4288 0.0560  -0.0455 -0.0795 3   DC  A "C2'" 
49  C  "C1'" . DC  A 3  ? 0.2196 0.2456 0.3506 0.0481  -0.0622 -0.0106 3   DC  A "C1'" 
50  N  N1    . DC  A 3  ? 0.2177 0.1796 0.3211 0.0480  -0.0081 0.0084  3   DC  A N1    
51  C  C2    . DC  A 3  ? 0.1937 0.1969 0.2485 0.0539  -0.0398 0.0370  3   DC  A C2    
52  O  O2    . DC  A 3  ? 0.2019 0.2092 0.2515 0.0595  -0.0395 0.0154  3   DC  A O2    
53  N  N3    . DC  A 3  ? 0.1753 0.2021 0.2563 0.0629  -0.0209 0.0148  3   DC  A N3    
54  C  C4    . DC  A 3  ? 0.1792 0.1950 0.2604 0.0560  -0.0186 0.0172  3   DC  A C4    
55  N  N4    . DC  A 3  ? 0.2326 0.2049 0.2490 0.0670  -0.0482 0.0219  3   DC  A N4    
56  C  C5    . DC  A 3  ? 0.2141 0.2260 0.2970 0.0347  -0.0297 0.0555  3   DC  A C5    
57  C  C6    . DC  A 3  ? 0.1913 0.1939 0.3348 0.0335  0.0032  0.0200  3   DC  A C6    
58  P  P     . DG  A 4  ? 0.4325 0.2582 0.6863 0.0003  0.1767  -0.0919 4   DG  A P     
59  O  OP1   . DG  A 4  ? 0.3992 0.3850 0.9630 -0.1116 0.2251  -0.3269 4   DG  A OP1   
60  O  OP2   . DG  A 4  ? 0.6031 0.2991 0.8592 0.1633  0.3549  0.0970  4   DG  A OP2   
61  O  "O5'" . DG  A 4  ? 0.3293 0.3098 0.4178 0.1135  -0.0142 0.0514  4   DG  A "O5'" 
62  C  "C5'" . DG  A 4  ? 0.2705 0.3421 0.3773 0.0534  -0.0727 0.0254  4   DG  A "C5'" 
63  C  "C4'" . DG  A 4  ? 0.2727 0.2861 0.3981 0.0465  -0.0733 -0.0048 4   DG  A "C4'" 
64  O  "O4'" . DG  A 4  ? 0.2911 0.2693 0.3679 0.0589  -0.0563 0.0147  4   DG  A "O4'" 
65  C  "C3'" . DG  A 4  ? 0.2773 0.2793 0.4131 0.0579  -0.0566 -0.0314 4   DG  A "C3'" 
66  O  "O3'" . DG  A 4  ? 0.2925 0.3904 0.5737 0.0404  0.0261  -0.0774 4   DG  A "O3'" 
67  C  "C2'" . DG  A 4  ? 0.2854 0.2391 0.4833 0.0335  -0.1449 -0.0217 4   DG  A "C2'" 
68  C  "C1'" . DG  A 4  ? 0.2983 0.2341 0.4114 0.0199  -0.0911 0.0161  4   DG  A "C1'" 
69  N  N9    . DG  A 4  ? 0.2025 0.2609 0.4233 0.0609  -0.0963 -0.0030 4   DG  A N9    
70  C  C8    . DG  A 4  ? 0.2613 0.2021 0.4214 0.0675  -0.0946 0.0260  4   DG  A C8    
71  N  N7    . DG  A 4  ? 0.2196 0.2069 0.4125 0.0604  -0.0916 0.0381  4   DG  A N7    
72  C  C5    . DG  A 4  ? 0.1985 0.1992 0.4037 0.0709  -0.0595 0.0320  4   DG  A C5    
73  C  C6    . DG  A 4  ? 0.2119 0.2018 0.3753 0.0671  -0.0395 0.0364  4   DG  A C6    
74  O  O6    . DG  A 4  ? 0.2080 0.2595 0.3500 0.0916  -0.0567 0.0489  4   DG  A O6    
75  N  N1    . DG  A 4  ? 0.2038 0.1876 0.3330 0.0674  -0.0700 0.0426  4   DG  A N1    
76  C  C2    . DG  A 4  ? 0.2533 0.2136 0.3368 0.0758  -0.0575 0.0307  4   DG  A C2    
77  N  N2    . DG  A 4  ? 0.2444 0.2251 0.3219 0.0810  -0.0367 0.0076  4   DG  A N2    
78  N  N3    . DG  A 4  ? 0.2012 0.2365 0.3660 0.0881  -0.0668 0.0066  4   DG  A N3    
79  C  C4    . DG  A 4  ? 0.1716 0.2831 0.3790 0.0513  -0.1039 0.0093  4   DG  A C4    
80  P  P     . DA  A 5  ? 0.3645 0.3281 0.6374 0.0596  0.0415  -0.1534 5   DA  A P     
81  O  OP1   . DA  A 5  ? 0.4909 0.5756 0.7086 0.0388  0.0281  -0.3219 5   DA  A OP1   
82  O  OP2   . DA  A 5  ? 0.3855 0.3465 0.9034 0.1161  0.1740  -0.0166 5   DA  A OP2   
83  O  "O5'" . DA  A 5  ? 0.3060 0.3394 0.5313 0.0845  -0.0025 -0.0691 5   DA  A "O5'" 
84  C  "C5'" . DA  A 5  ? 0.2857 0.3516 0.4046 0.0769  -0.1058 -0.0845 5   DA  A "C5'" 
85  C  "C4'" . DA  A 5  ? 0.2708 0.3389 0.3150 0.0890  -0.1041 -0.0414 5   DA  A "C4'" 
86  O  "O4'" . DA  A 5  ? 0.2883 0.2788 0.3043 0.0974  -0.0846 0.0013  5   DA  A "O4'" 
87  C  "C3'" . DA  A 5  ? 0.2651 0.3011 0.3041 0.0766  -0.0605 0.0034  5   DA  A "C3'" 
88  O  "O3'" . DA  A 5  ? 0.2780 0.2993 0.2433 0.0908  -0.0637 0.0179  5   DA  A "O3'" 
89  C  "C2'" . DA  A 5  ? 0.2031 0.2523 0.3029 0.0346  -0.0560 0.0168  5   DA  A "C2'" 
90  C  "C1'" . DA  A 5  ? 0.3036 0.2388 0.2856 0.0749  -0.0792 0.0174  5   DA  A "C1'" 
91  N  N9    . DA  A 5  ? 0.2772 0.2320 0.3029 0.0785  -0.0708 0.0011  5   DA  A N9    
92  C  C8    . DA  A 5  ? 0.3286 0.2375 0.2739 0.0595  -0.0994 0.0392  5   DA  A C8    
93  N  N7    . DA  A 5  ? 0.2627 0.2230 0.3201 0.0945  -0.0714 0.0116  5   DA  A N7    
94  C  C5    . DA  A 5  ? 0.2285 0.2138 0.3114 0.1047  -0.0760 0.0169  5   DA  A C5    
95  C  C6    . DA  A 5  ? 0.2261 0.2102 0.3208 0.1168  -0.0608 0.0168  5   DA  A C6    
96  N  N6    . DA  A 5  ? 0.2239 0.2469 0.3345 0.1055  -0.0549 0.0251  5   DA  A N6    
97  N  N1    . DA  A 5  ? 0.2409 0.2147 0.2948 0.1094  -0.0456 0.0063  5   DA  A N1    
98  C  C2    . DA  A 5  ? 0.2342 0.2335 0.2721 0.1105  -0.0625 0.0168  5   DA  A C2    
99  N  N3    . DA  A 5  ? 0.2744 0.2219 0.2649 0.0880  -0.0670 0.0150  5   DA  A N3    
100 C  C4    . DA  A 5  ? 0.2543 0.2329 0.2863 0.0894  -0.0846 0.0177  5   DA  A C4    
101 P  P     . DA  A 6  ? 0.2785 0.2917 0.2252 0.0630  -0.0424 0.0425  6   DA  A P     
102 O  OP1   . DA  A 6  ? 0.3002 0.3271 0.2222 0.0642  -0.0598 0.0657  6   DA  A OP1   
103 O  OP2   . DA  A 6  ? 0.2456 0.2882 0.2670 0.0719  -0.0166 0.0335  6   DA  A OP2   
104 O  "O5'" . DA  A 6  ? 0.2362 0.2795 0.2269 0.0428  -0.0267 0.0530  6   DA  A "O5'" 
105 C  "C5'" . DA  A 6  ? 0.2577 0.2876 0.1902 0.0508  -0.0151 0.0456  6   DA  A "C5'" 
106 C  "C4'" . DA  A 6  ? 0.2287 0.2603 0.1829 0.0522  -0.0066 0.0712  6   DA  A "C4'" 
107 O  "O4'" . DA  A 6  ? 0.2327 0.2601 0.1904 0.0796  0.0044  0.0783  6   DA  A "O4'" 
108 C  "C3'" . DA  A 6  ? 0.2188 0.2430 0.1743 0.0391  -0.0016 0.0418  6   DA  A "C3'" 
109 O  "O3'" . DA  A 6  ? 0.2372 0.2612 0.1970 0.0162  -0.0066 0.0735  6   DA  A "O3'" 
110 C  "C2'" . DA  A 6  ? 0.1965 0.2104 0.1863 0.0496  0.0002  0.0490  6   DA  A "C2'" 
111 C  "C1'" . DA  A 6  ? 0.1883 0.2270 0.1891 0.0486  -0.0028 0.0664  6   DA  A "C1'" 
112 N  N9    . DA  A 6  ? 0.1851 0.2086 0.1813 0.0400  -0.0146 0.0507  6   DA  A N9    
113 C  C8    . DA  A 6  ? 0.1852 0.2257 0.1817 0.0442  -0.0287 0.0418  6   DA  A C8    
114 N  N7    . DA  A 6  ? 0.1814 0.2066 0.1949 0.0447  -0.0222 0.0479  6   DA  A N7    
115 C  C5    . DA  A 6  ? 0.1893 0.1829 0.2028 0.0594  -0.0051 0.0531  6   DA  A C5    
116 C  C6    . DA  A 6  ? 0.1997 0.1655 0.2108 0.0732  0.0091  0.0694  6   DA  A C6    
117 N  N6    . DA  A 6  ? 0.1755 0.1863 0.2628 0.0606  0.0006  0.0679  6   DA  A N6    
118 N  N1    . DA  A 6  ? 0.2071 0.1780 0.2311 0.0680  0.0189  0.0491  6   DA  A N1    
119 C  C2    . DA  A 6  ? 0.2105 0.1918 0.2045 0.0587  0.0075  0.0457  6   DA  A C2    
120 N  N3    . DA  A 6  ? 0.2039 0.1996 0.2137 0.0475  0.0053  0.0360  6   DA  A N3    
121 C  C4    . DA  A 6  ? 0.1931 0.1754 0.1831 0.0616  -0.0065 0.0612  6   DA  A C4    
122 P  P     . UAR A 7  ? 0.2346 0.2567 0.1576 0.0150  -0.0009 0.0453  7   UAR A P     
123 O  OP1   . UAR A 7  ? 0.2625 0.2862 0.2047 -0.0054 0.0123  0.0831  7   UAR A OP1   
124 O  OP2   . UAR A 7  ? 0.2335 0.2647 0.1632 0.0316  0.0063  0.0338  7   UAR A OP2   
125 O  "O5'" . UAR A 7  ? 0.2543 0.2231 0.1680 0.0325  0.0072  0.0483  7   UAR A "O5'" 
126 C  "C5'" . UAR A 7  ? 0.2790 0.2055 0.1908 0.0096  0.0406  0.0483  7   UAR A "C5'" 
127 C  "C4'" . UAR A 7  ? 0.2778 0.2260 0.1899 -0.0043 0.0398  0.0436  7   UAR A "C4'" 
128 O  "O4'" . UAR A 7  ? 0.2335 0.2173 0.1733 0.0117  0.0191  0.0475  7   UAR A "O4'" 
129 C  "C3'" . UAR A 7  ? 0.2834 0.2489 0.1924 -0.0559 0.0013  0.0384  7   UAR A "C3'" 
130 O  "O3'" . UAR A 7  ? 0.4162 0.2650 0.1927 -0.0997 0.0160  0.0294  7   UAR A "O3'" 
131 C  "C2'" . UAR A 7  ? 0.2523 0.2370 0.1701 -0.0251 -0.0069 0.0301  7   UAR A "C2'" 
132 O  "O2'" . UAR A 7  ? 0.2278 0.2470 0.1738 -0.0028 0.0044  0.0359  7   UAR A "O2'" 
133 C  "C1'" . UAR A 7  ? 0.2550 0.2212 0.1613 -0.0102 0.0286  0.0301  7   UAR A "C1'" 
134 N  N1    . UAR A 7  ? 0.2116 0.1909 0.1596 0.0232  0.0095  0.0339  7   UAR A N1    
135 C  C2    . UAR A 7  ? 0.2038 0.1856 0.1582 0.0369  0.0022  0.0481  7   UAR A C2    
136 O  O2    . UAR A 7  ? 0.2391 0.1917 0.1670 0.0165  0.0206  0.0351  7   UAR A O2    
137 N  N3    . UAR A 7  ? 0.1998 0.1751 0.1662 0.0450  0.0028  0.0480  7   UAR A N3    
138 C  C4    . UAR A 7  ? 0.2131 0.1656 0.1561 0.0607  -0.0083 0.0515  7   UAR A C4    
139 O  O4    . UAR A 7  ? 0.2072 0.1796 0.1994 0.0524  0.0085  0.0484  7   UAR A O4    
140 C  C5    . UAR A 7  ? 0.1905 0.1774 0.1697 0.0599  -0.0057 0.0382  7   UAR A C5    
141 C  C6    . UAR A 7  ? 0.1970 0.2050 0.1585 0.0410  -0.0174 0.0315  7   UAR A C6    
142 P  P     . DT  A 8  ? 0.4071 0.3900 0.1811 -0.1638 0.0207  -0.0001 8   DT  A P     
143 O  OP1   . DT  A 8  ? 0.6404 0.4312 0.2166 -0.2802 -0.0368 0.0396  8   DT  A OP1   
144 O  OP2   . DT  A 8  ? 0.3187 0.6278 0.2132 -0.1462 0.0317  -0.0699 8   DT  A OP2   
145 O  "O5'" . DT  A 8  ? 0.3036 0.2768 0.1954 -0.0460 0.0196  -0.0008 8   DT  A "O5'" 
146 C  "C5'" . DT  A 8  ? 0.3231 0.2272 0.1971 -0.0311 0.0148  0.0167  8   DT  A "C5'" 
147 C  "C4'" . DT  A 8  ? 0.2521 0.2356 0.1945 -0.0294 -0.0056 0.0200  8   DT  A "C4'" 
148 O  "O4'" . DT  A 8  ? 0.2397 0.2146 0.1997 -0.0040 -0.0001 0.0070  8   DT  A "O4'" 
149 C  "C3'" . DT  A 8  ? 0.2405 0.2518 0.1935 -0.0168 -0.0001 0.0092  8   DT  A "C3'" 
150 O  "O3'" . DT  A 8  ? 0.3350 0.2713 0.1845 -0.0492 -0.0058 0.0160  8   DT  A "O3'" 
151 C  "C2'" . DT  A 8  ? 0.2630 0.2496 0.2717 0.0006  -0.0479 0.0014  8   DT  A "C2'" 
152 C  "C1'" . DT  A 8  ? 0.2606 0.2267 0.1858 -0.0150 -0.0019 0.0107  8   DT  A "C1'" 
153 N  N1    . DT  A 8  ? 0.2014 0.2169 0.1609 0.0203  0.0062  0.0179  8   DT  A N1    
154 C  C2    . DT  A 8  ? 0.2006 0.1967 0.1719 0.0295  0.0197  0.0145  8   DT  A C2    
155 O  O2    . DT  A 8  ? 0.2187 0.2146 0.1756 0.0260  0.0251  0.0029  8   DT  A O2    
156 N  N3    . DT  A 8  ? 0.2002 0.1853 0.1486 0.0369  0.0137  0.0287  8   DT  A N3    
157 C  C4    . DT  A 8  ? 0.1855 0.1782 0.1695 0.0554  0.0216  0.0278  8   DT  A C4    
158 O  O4    . DT  A 8  ? 0.2122 0.1810 0.1592 0.0459  0.0133  0.0301  8   DT  A O4    
159 C  C5    . DT  A 8  ? 0.1791 0.1917 0.1660 0.0523  0.0172  0.0318  8   DT  A C5    
160 C  C7    . DT  A 8  ? 0.2191 0.1904 0.1996 0.0286  0.0555  0.0117  8   DT  A C7    
161 C  C6    . DT  A 8  ? 0.1994 0.2269 0.1572 0.0273  0.0121  0.0220  8   DT  A C6    
162 P  P     . DC  A 9  ? 0.2977 0.2957 0.2026 -0.0505 -0.0250 0.0114  9   DC  A P     
163 O  OP1   . DC  A 9  ? 0.3805 0.2907 0.2318 -0.0565 -0.0521 0.0047  9   DC  A OP1   
164 O  OP2   . DC  A 9  ? 0.2808 0.3759 0.2559 -0.0369 -0.0087 -0.0092 9   DC  A OP2   
165 O  "O5'" . DC  A 9  ? 0.3013 0.2715 0.1890 -0.0240 -0.0014 0.0179  9   DC  A "O5'" 
166 C  "C5'" . DC  A 9  ? 0.3157 0.2422 0.2133 -0.0044 0.0132  0.0264  9   DC  A "C5'" 
167 C  "C4'" . DC  A 9  ? 0.3240 0.2195 0.1600 -0.0222 0.0133  -0.0252 9   DC  A "C4'" 
168 O  "O4'" . DC  A 9  ? 0.3398 0.2147 0.1668 0.0303  0.0124  -0.0268 9   DC  A "O4'" 
169 C  "C3'" . DC  A 9  ? 0.3213 0.2270 0.1677 -0.0231 0.0144  -0.0077 9   DC  A "C3'" 
170 O  "O3'" . DC  A 9  ? 0.4017 0.2278 0.1680 -0.0030 0.0484  -0.0202 9   DC  A "O3'" 
171 C  "C2'" . DC  A 9  ? 0.3068 0.2653 0.1738 0.0134  -0.0026 -0.0300 9   DC  A "C2'" 
172 C  "C1'" . DC  A 9  ? 0.3129 0.2129 0.1683 -0.0029 0.0126  -0.0096 9   DC  A "C1'" 
173 N  N1    . DC  A 9  ? 0.2335 0.2026 0.1540 0.0100  0.0059  0.0179  9   DC  A N1    
174 C  C2    . DC  A 9  ? 0.2148 0.1820 0.1490 0.0307  0.0122  0.0123  9   DC  A C2    
175 O  O2    . DC  A 9  ? 0.2327 0.1819 0.1434 0.0204  0.0177  0.0111  9   DC  A O2    
176 N  N3    . DC  A 9  ? 0.1955 0.1906 0.1604 0.0466  0.0125  0.0164  9   DC  A N3    
177 C  C4    . DC  A 9  ? 0.1881 0.1906 0.1582 0.0452  0.0095  0.0201  9   DC  A C4    
178 N  N4    . DC  A 9  ? 0.2319 0.2334 0.1301 0.0529  0.0002  0.0121  9   DC  A N4    
179 C  C5    . DC  A 9  ? 0.2366 0.2061 0.1771 0.0191  0.0141  0.0113  9   DC  A C5    
180 C  C6    . DC  A 9  ? 0.2366 0.2014 0.1793 0.0151  0.0182  0.0195  9   DC  A C6    
181 P  P     . DG  A 10 ? 0.4258 0.2391 0.1767 -0.0141 0.0263  -0.0138 10  DG  A P     
182 O  OP1   . DG  A 10 ? 0.5632 0.2781 0.1935 0.0451  0.0915  -0.0348 10  DG  A OP1   
183 O  OP2   . DG  A 10 ? 0.5111 0.3731 0.2359 -0.1467 -0.0255 0.0190  10  DG  A OP2   
184 O  "O5'" . DG  A 10 ? 0.3720 0.2535 0.2092 -0.0023 0.0224  0.0090  10  DG  A "O5'" 
185 C  "C5'" . DG  A 10 ? 0.3611 0.2415 0.1866 0.0056  0.0706  -0.0150 10  DG  A "C5'" 
186 C  "C4'" . DG  A 10 ? 0.4651 0.2397 0.1583 0.0184  0.0163  -0.0276 10  DG  A "C4'" 
187 O  "O4'" . DG  A 10 ? 0.3803 0.2084 0.1713 0.0234  0.0284  0.0048  10  DG  A "O4'" 
188 C  "C3'" . DG  A 10 ? 0.5044 0.2416 0.1753 0.0141  0.0027  0.0159  10  DG  A "C3'" 
189 O  "O3'" . DG  A 10 ? 0.5833 0.2278 0.1617 0.0185  0.0527  -0.0033 10  DG  A "O3'" 
190 C  "C2'" . DG  A 10 ? 0.4383 0.2601 0.1884 -0.0359 -0.0330 -0.0152 10  DG  A "C2'" 
191 C  "C1'" . DG  A 10 ? 0.3692 0.2316 0.1710 0.0110  -0.0214 -0.0030 10  DG  A "C1'" 
192 N  N9    . DG  A 10 ? 0.3380 0.2101 0.1855 0.0268  -0.0147 0.0068  10  DG  A N9    
193 C  C8    . DG  A 10 ? 0.3051 0.2582 0.1824 0.0112  -0.0623 0.0239  10  DG  A C8    
194 N  N7    . DG  A 10 ? 0.2822 0.2523 0.2158 0.0038  -0.0308 0.0130  10  DG  A N7    
195 C  C5    . DG  A 10 ? 0.2554 0.2212 0.1720 0.0301  -0.0169 0.0272  10  DG  A C5    
196 C  C6    . DG  A 10 ? 0.2414 0.1817 0.1805 0.0360  0.0065  0.0389  10  DG  A C6    
197 O  O6    . DG  A 10 ? 0.2230 0.2175 0.1823 0.0306  0.0111  0.0238  10  DG  A O6    
198 N  N1    . DG  A 10 ? 0.2071 0.1973 0.1577 0.0476  0.0047  0.0406  10  DG  A N1    
199 C  C2    . DG  A 10 ? 0.2464 0.1936 0.1522 0.0373  0.0213  0.0256  10  DG  A C2    
200 N  N2    . DG  A 10 ? 0.2268 0.1786 0.1960 0.0401  0.0128  0.0314  10  DG  A N2    
201 N  N3    . DG  A 10 ? 0.2982 0.2106 0.1541 0.0223  0.0124  0.0192  10  DG  A N3    
202 C  C4    . DG  A 10 ? 0.2893 0.1840 0.1735 0.0447  -0.0067 0.0259  10  DG  A C4    
203 P  P     . DC  A 11 ? 0.6211 0.2508 0.1773 0.0181  0.0527  0.0033  11  DC  A P     
204 O  OP1   . DC  A 11 ? 0.6509 0.2584 0.2798 0.0261  0.1457  -0.0106 11  DC  A OP1   
205 O  OP2   . DC  A 11 ? 0.7245 0.2746 0.1936 -0.0213 -0.0138 0.0406  11  DC  A OP2   
206 O  "O5'" . DC  A 11 ? 0.5725 0.2531 0.2122 0.0227  0.0825  0.0085  11  DC  A "O5'" 
207 C  "C5'" . DC  A 11 ? 0.5395 0.2098 0.2270 0.0425  0.0998  0.0344  11  DC  A "C5'" 
208 C  "C4'" . DC  A 11 ? 0.4093 0.2130 0.2285 0.0557  0.1104  0.0346  11  DC  A "C4'" 
209 O  "O4'" . DC  A 11 ? 0.3696 0.2496 0.2054 0.0819  0.0729  0.0447  11  DC  A "O4'" 
210 C  "C3'" . DC  A 11 ? 0.3765 0.2127 0.2673 0.0486  0.0882  0.0446  11  DC  A "C3'" 
211 O  "O3'" . DC  A 11 ? 0.4041 0.2308 0.3662 0.0266  0.0841  0.0242  11  DC  A "O3'" 
212 C  "C2'" . DC  A 11 ? 0.3963 0.2789 0.1756 0.0851  0.0505  0.0330  11  DC  A "C2'" 
213 C  "C1'" . DC  A 11 ? 0.3734 0.2437 0.1955 0.0783  0.0533  0.0510  11  DC  A "C1'" 
214 N  N1    . DC  A 11 ? 0.3685 0.1889 0.1820 0.0601  0.0403  0.0034  11  DC  A N1    
215 C  C2    . DC  A 11 ? 0.2975 0.1991 0.1611 0.0600  0.0024  0.0173  11  DC  A C2    
216 O  O2    . DC  A 11 ? 0.3033 0.1772 0.1804 0.0369  0.0213  0.0159  11  DC  A O2    
217 N  N3    . DC  A 11 ? 0.2757 0.2218 0.1683 0.0469  -0.0081 -0.0013 11  DC  A N3    
218 C  C4    . DC  A 11 ? 0.2780 0.2299 0.2075 0.0793  -0.0514 -0.0252 11  DC  A C4    
219 N  N4    . DC  A 11 ? 0.2966 0.2492 0.2251 0.0226  -0.0532 -0.0260 11  DC  A N4    
220 C  C5    . DC  A 11 ? 0.3462 0.2752 0.1950 0.0716  -0.0510 -0.0331 11  DC  A C5    
221 C  C6    . DC  A 11 ? 0.4011 0.2543 0.2167 0.0557  0.0093  -0.0450 11  DC  A C6    
222 P  P     . DG  A 12 ? 0.6139 0.2221 0.4376 -0.0483 0.2171  -0.0302 12  DG  A P     
223 O  OP1   . DG  A 12 ? 0.5417 0.2742 0.7481 -0.0494 0.3296  -0.1366 12  DG  A OP1   
224 O  OP2   . DG  A 12 ? 0.9855 0.2759 0.3851 0.0927  0.2367  0.0403  12  DG  A OP2   
225 O  "O5'" . DG  A 12 ? 0.6086 0.2379 0.2776 0.0279  0.0313  0.0185  12  DG  A "O5'" 
226 C  "C5'" . DG  A 12 ? 0.5716 0.2309 0.3013 0.1143  -0.0532 -0.0051 12  DG  A "C5'" 
227 C  "C4'" . DG  A 12 ? 0.3249 0.2155 0.2340 0.0231  0.0019  0.0552  12  DG  A "C4'" 
228 O  "O4'" . DG  A 12 ? 0.3302 0.4216 0.3321 -0.0883 -0.0799 0.1908  12  DG  A "O4'" 
229 C  "C3'" . DG  A 12 ? 0.3025 0.2038 0.2178 0.0041  -0.0080 0.0296  12  DG  A "C3'" 
230 O  "O3'" . DG  A 12 ? 0.3305 0.1969 0.2442 0.0031  0.0085  0.0352  12  DG  A "O3'" 
231 C  "C2'" . DG  A 12 ? 0.2986 0.2115 0.2276 0.0191  0.0120  0.0592  12  DG  A "C2'" 
232 C  "C1'" . DG  A 12 ? 0.3252 0.1890 0.2489 -0.0123 0.0206  0.0488  12  DG  A "C1'" 
233 N  N9    . DG  A 12 ? 0.2872 0.1893 0.2128 0.0162  -0.0093 0.0388  12  DG  A N9    
234 C  C8    . DG  A 12 ? 0.2849 0.2125 0.2434 0.0243  -0.0329 0.0161  12  DG  A C8    
235 N  N7    . DG  A 12 ? 0.2774 0.2235 0.2447 0.0184  -0.0528 0.0277  12  DG  A N7    
236 C  C5    . DG  A 12 ? 0.2627 0.1704 0.2882 0.0196  -0.0244 0.0223  12  DG  A C5    
237 C  C6    . DG  A 12 ? 0.2207 0.2166 0.2854 0.0134  -0.0516 0.0331  12  DG  A C6    
238 O  O6    . DG  A 12 ? 0.2823 0.2370 0.3149 -0.0270 -0.0563 0.0417  12  DG  A O6    
239 N  N1    . DG  A 12 ? 0.2415 0.1940 0.2637 0.0150  -0.0386 0.0678  12  DG  A N1    
240 C  C2    . DG  A 12 ? 0.2766 0.1926 0.2032 -0.0121 -0.0243 0.0812  12  DG  A C2    
241 N  N2    . DG  A 12 ? 0.2527 0.2440 0.2061 -0.0018 -0.0162 0.0735  12  DG  A N2    
242 N  N3    . DG  A 12 ? 0.2566 0.2258 0.1876 -0.0129 -0.0289 0.0492  12  DG  A N3    
243 C  C4    . DG  A 12 ? 0.2523 0.1917 0.2153 0.0076  -0.0328 0.0515  12  DG  A C4    
244 O  "O5'" . DC  B 1  ? 0.3547 0.4316 0.6049 -0.1345 0.0263  0.1025  113 DC  B "O5'" 
245 C  "C5'" . DC  B 1  ? 0.2832 0.4437 0.3039 -0.0985 0.0750  0.0412  113 DC  B "C5'" 
246 C  "C4'" . DC  B 1  ? 0.2370 0.3601 0.3662 -0.0009 0.0277  0.0272  113 DC  B "C4'" 
247 O  "O4'" . DC  B 1  ? 0.2119 0.3686 0.3597 0.0183  0.0211  0.0895  113 DC  B "O4'" 
248 C  "C3'" . DC  B 1  ? 0.2846 0.3572 0.3535 0.0074  0.0449  0.0437  113 DC  B "C3'" 
249 O  "O3'" . DC  B 1  ? 0.2975 0.3370 0.3319 0.0723  0.0181  0.0353  113 DC  B "O3'" 
250 C  "C2'" . DC  B 1  ? 0.3377 0.2795 0.3131 0.0237  0.0335  0.0577  113 DC  B "C2'" 
251 C  "C1'" . DC  B 1  ? 0.2528 0.2673 0.3045 0.0238  0.0009  0.0486  113 DC  B "C1'" 
252 N  N1    . DC  B 1  ? 0.2772 0.2590 0.2926 -0.0056 -0.0083 0.0466  113 DC  B N1    
253 C  C2    . DC  B 1  ? 0.2644 0.2362 0.3042 0.0415  -0.0023 0.0652  113 DC  B C2    
254 O  O2    . DC  B 1  ? 0.2659 0.2946 0.2597 -0.0002 -0.0049 0.0599  113 DC  B O2    
255 N  N3    . DC  B 1  ? 0.2904 0.2800 0.2331 -0.0007 -0.0308 0.0694  113 DC  B N3    
256 C  C4    . DC  B 1  ? 0.3024 0.2497 0.3001 0.0081  -0.0380 0.0797  113 DC  B C4    
257 N  N4    . DC  B 1  ? 0.2459 0.3010 0.3352 -0.0138 -0.0515 0.0245  113 DC  B N4    
258 C  C5    . DC  B 1  ? 0.3101 0.2207 0.4112 0.0047  0.0159  0.0313  113 DC  B C5    
259 C  C6    . DC  B 1  ? 0.2581 0.2673 0.4221 0.0099  -0.0043 0.0078  113 DC  B C6    
260 P  P     . DG  B 2  ? 0.3648 0.4218 0.2849 0.0831  0.0771  0.0356  114 DG  B P     
261 O  OP1   . DG  B 2  ? 0.5094 0.5038 0.3035 0.2271  0.0150  0.0035  114 DG  B OP1   
262 O  OP2   . DG  B 2  ? 0.4635 0.5238 0.3524 -0.0200 0.1070  0.1023  114 DG  B OP2   
263 O  "O5'" . DG  B 2  ? 0.3400 0.3630 0.2113 0.0611  0.0125  0.0548  114 DG  B "O5'" 
264 C  "C5'" . DG  B 2  ? 0.3671 0.3165 0.2397 0.1018  0.0632  0.0449  114 DG  B "C5'" 
265 C  "C4'" . DG  B 2  ? 0.3383 0.2212 0.1761 0.0574  0.0119  0.0078  114 DG  B "C4'" 
266 O  "O4'" . DG  B 2  ? 0.3005 0.2085 0.1958 0.0340  -0.0101 0.0105  114 DG  B "O4'" 
267 C  "C3'" . DG  B 2  ? 0.3471 0.2407 0.1686 0.0487  0.0176  0.0168  114 DG  B "C3'" 
268 O  "O3'" . DG  B 2  ? 0.3735 0.2631 0.1808 0.0627  -0.0068 -0.0080 114 DG  B "O3'" 
269 C  "C2'" . DG  B 2  ? 0.2620 0.2512 0.1847 0.0544  0.0127  0.0155  114 DG  B "C2'" 
270 C  "C1'" . DG  B 2  ? 0.2462 0.2172 0.1830 0.0172  -0.0026 -0.0050 114 DG  B "C1'" 
271 N  N9    . DG  B 2  ? 0.2344 0.1992 0.2080 0.0159  0.0220  0.0063  114 DG  B N9    
272 C  C8    . DG  B 2  ? 0.2690 0.2473 0.1999 -0.0247 0.0173  0.0049  114 DG  B C8    
273 N  N7    . DG  B 2  ? 0.2369 0.2144 0.2214 0.0053  0.0093  0.0095  114 DG  B N7    
274 C  C5    . DG  B 2  ? 0.2074 0.1710 0.2126 0.0398  -0.0053 0.0188  114 DG  B C5    
275 C  C6    . DG  B 2  ? 0.2384 0.1559 0.1785 0.0244  -0.0237 0.0340  114 DG  B C6    
276 O  O6    . DG  B 2  ? 0.2367 0.1987 0.2167 0.0034  -0.0208 0.0019  114 DG  B O6    
277 N  N1    . DG  B 2  ? 0.2363 0.1596 0.1698 0.0292  -0.0115 0.0194  114 DG  B N1    
278 C  C2    . DG  B 2  ? 0.2232 0.1648 0.1535 0.0240  -0.0152 0.0219  114 DG  B C2    
279 N  N2    . DG  B 2  ? 0.2381 0.1848 0.1645 0.0354  0.0073  0.0415  114 DG  B N2    
280 N  N3    . DG  B 2  ? 0.2288 0.1863 0.1599 0.0138  -0.0074 0.0136  114 DG  B N3    
281 C  C4    . DG  B 2  ? 0.2022 0.1927 0.1658 0.0263  -0.0199 0.0185  114 DG  B C4    
282 P  P     . DC  B 3  ? 0.3809 0.2858 0.1755 0.0603  -0.0145 -0.0055 115 DC  B P     
283 O  OP1   . DC  B 3  ? 0.4215 0.3474 0.2441 0.0759  -0.0238 -0.0987 115 DC  B OP1   
284 O  OP2   . DC  B 3  ? 0.4048 0.3932 0.1847 0.0753  0.0180  0.0565  115 DC  B OP2   
285 O  "O5'" . DC  B 3  ? 0.3888 0.2290 0.1855 0.0571  0.0086  0.0172  115 DC  B "O5'" 
286 C  "C5'" . DC  B 3  ? 0.3591 0.1709 0.2475 0.0223  0.0104  0.0012  115 DC  B "C5'" 
287 C  "C4'" . DC  B 3  ? 0.3033 0.1702 0.2132 0.0255  -0.0008 0.0294  115 DC  B "C4'" 
288 O  "O4'" . DC  B 3  ? 0.2878 0.2056 0.1731 0.0345  0.0114  0.0146  115 DC  B "O4'" 
289 C  "C3'" . DC  B 3  ? 0.3145 0.1653 0.1920 0.0111  -0.0165 0.0211  115 DC  B "C3'" 
290 O  "O3'" . DC  B 3  ? 0.3198 0.2006 0.2257 -0.0002 -0.0346 0.0150  115 DC  B "O3'" 
291 C  "C2'" . DC  B 3  ? 0.2846 0.2391 0.3031 0.0412  -0.0457 -0.0698 115 DC  B "C2'" 
292 C  "C1'" . DC  B 3  ? 0.2638 0.2133 0.1758 0.0205  0.0188  0.0033  115 DC  B "C1'" 
293 N  N1    . DC  B 3  ? 0.2670 0.2040 0.1726 0.0318  0.0318  0.0203  115 DC  B N1    
294 C  C2    . DC  B 3  ? 0.2436 0.1838 0.1420 0.0431  -0.0095 0.0513  115 DC  B C2    
295 O  O2    . DC  B 3  ? 0.2618 0.1856 0.1609 0.0143  0.0147  0.0229  115 DC  B O2    
296 N  N3    . DC  B 3  ? 0.2273 0.1802 0.1596 0.0585  0.0273  0.0374  115 DC  B N3    
297 C  C4    . DC  B 3  ? 0.2642 0.1793 0.1556 0.0602  0.0421  0.0404  115 DC  B C4    
298 N  N4    . DC  B 3  ? 0.2749 0.2107 0.1817 0.0278  0.0389  0.0465  115 DC  B N4    
299 C  C5    . DC  B 3  ? 0.3195 0.1975 0.1521 0.0425  0.0376  0.0376  115 DC  B C5    
300 C  C6    . DC  B 3  ? 0.3154 0.2130 0.1527 0.0308  0.0253  0.0441  115 DC  B C6    
301 P  P     . DG  B 4  ? 0.3692 0.2448 0.2535 0.0159  -0.0945 -0.0054 116 DG  B P     
302 O  OP1   . DG  B 4  ? 0.4302 0.2869 0.3630 0.0059  -0.1499 -0.0551 116 DG  B OP1   
303 O  OP2   . DG  B 4  ? 0.4044 0.3447 0.2120 0.0340  -0.0991 0.0398  116 DG  B OP2   
304 O  "O5'" . DG  B 4  ? 0.3313 0.1918 0.2826 0.0256  -0.0669 0.0362  116 DG  B "O5'" 
305 C  "C5'" . DG  B 4  ? 0.2999 0.1945 0.3080 -0.0048 -0.0675 0.0421  116 DG  B "C5'" 
306 C  "C4'" . DG  B 4  ? 0.2544 0.2000 0.2983 -0.0190 -0.0459 0.0508  116 DG  B "C4'" 
307 O  "O4'" . DG  B 4  ? 0.2353 0.1731 0.2807 -0.0048 -0.0216 0.0468  116 DG  B "O4'" 
308 C  "C3'" . DG  B 4  ? 0.2416 0.2255 0.3554 -0.0124 -0.0426 0.0633  116 DG  B "C3'" 
309 O  "O3'" . DG  B 4  ? 0.2542 0.2592 0.4052 0.0044  -0.0136 0.0885  116 DG  B "O3'" 
310 C  "C2'" . DG  B 4  ? 0.2753 0.2055 0.2969 -0.0118 -0.0496 0.0533  116 DG  B "C2'" 
311 C  "C1'" . DG  B 4  ? 0.2425 0.2017 0.2540 -0.0086 -0.0213 0.0710  116 DG  B "C1'" 
312 N  N9    . DG  B 4  ? 0.2567 0.1687 0.1960 0.0111  -0.0169 0.0348  116 DG  B N9    
313 C  C8    . DG  B 4  ? 0.2937 0.1968 0.1822 -0.0117 -0.0248 0.0408  116 DG  B C8    
314 N  N7    . DG  B 4  ? 0.2949 0.1647 0.1685 -0.0035 -0.0241 0.0341  116 DG  B N7    
315 C  C5    . DG  B 4  ? 0.2374 0.1647 0.1698 0.0295  -0.0056 0.0240  116 DG  B C5    
316 C  C6    . DG  B 4  ? 0.1986 0.1528 0.1520 0.0429  0.0070  0.0244  116 DG  B C6    
317 O  O6    . DG  B 4  ? 0.2245 0.1835 0.1484 0.0401  0.0224  0.0286  116 DG  B O6    
318 N  N1    . DG  B 4  ? 0.1942 0.1837 0.1449 0.0459  0.0070  0.0235  116 DG  B N1    
319 C  C2    . DG  B 4  ? 0.1693 0.1695 0.1700 0.0483  0.0069  0.0326  116 DG  B C2    
320 N  N2    . DG  B 4  ? 0.2400 0.1701 0.1729 0.0405  0.0306  0.0190  116 DG  B N2    
321 N  N3    . DG  B 4  ? 0.2147 0.1619 0.1896 0.0329  -0.0005 0.0333  116 DG  B N3    
322 C  C4    . DG  B 4  ? 0.2231 0.1499 0.2033 0.0233  0.0024  0.0286  116 DG  B C4    
323 P  P     . DA  B 5  ? 0.2455 0.2719 0.4102 0.0044  0.0156  0.0909  117 DA  B P     
324 O  OP1   . DA  B 5  ? 0.2348 0.3400 0.5384 -0.0124 0.0265  0.1373  117 DA  B OP1   
325 O  OP2   . DA  B 5  ? 0.2783 0.3196 0.4539 -0.0226 -0.0732 0.1303  117 DA  B OP2   
326 O  "O5'" . DA  B 5  ? 0.2488 0.2501 0.3770 0.0115  0.0089  0.1177  117 DA  B "O5'" 
327 C  "C5'" . DA  B 5  ? 0.2455 0.2513 0.3222 0.0375  0.0704  0.1051  117 DA  B "C5'" 
328 C  "C4'" . DA  B 5  ? 0.2299 0.2470 0.3220 0.0331  0.0797  0.1082  117 DA  B "C4'" 
329 O  "O4'" . DA  B 5  ? 0.2328 0.2486 0.2869 0.0445  0.0807  0.0914  117 DA  B "O4'" 
330 C  "C3'" . DA  B 5  ? 0.2342 0.2549 0.3229 0.0378  0.0866  0.1024  117 DA  B "C3'" 
331 O  "O3'" . DA  B 5  ? 0.2408 0.2993 0.3309 0.0260  0.0937  0.0806  117 DA  B "O3'" 
332 C  "C2'" . DA  B 5  ? 0.2275 0.2280 0.3356 0.0464  0.1149  0.0991  117 DA  B "C2'" 
333 C  "C1'" . DA  B 5  ? 0.2288 0.2213 0.2717 0.0331  0.0798  0.0756  117 DA  B "C1'" 
334 N  N9    . DA  B 5  ? 0.2089 0.1879 0.2667 0.0413  0.0643  0.0495  117 DA  B N9    
335 C  C8    . DA  B 5  ? 0.1833 0.2134 0.2737 0.0396  0.0300  0.0489  117 DA  B C8    
336 N  N7    . DA  B 5  ? 0.1945 0.1963 0.2476 0.0374  0.0137  0.0412  117 DA  B N7    
337 C  C5    . DA  B 5  ? 0.1978 0.1662 0.2110 0.0502  0.0231  0.0517  117 DA  B C5    
338 C  C6    . DA  B 5  ? 0.1986 0.1559 0.1719 0.0480  0.0117  0.0499  117 DA  B C6    
339 N  N6    . DA  B 5  ? 0.2378 0.1730 0.1631 0.0716  0.0078  0.0431  117 DA  B N6    
340 N  N1    . DA  B 5  ? 0.2043 0.1536 0.1708 0.0577  0.0191  0.0345  117 DA  B N1    
341 C  C2    . DA  B 5  ? 0.1972 0.1758 0.1702 0.0561  0.0325  0.0406  117 DA  B C2    
342 N  N3    . DA  B 5  ? 0.2138 0.1872 0.1929 0.0404  0.0325  0.0564  117 DA  B N3    
343 C  C4    . DA  B 5  ? 0.1882 0.1953 0.2013 0.0471  0.0278  0.0602  117 DA  B C4    
344 P  P     . DA  B 6  ? 0.2841 0.3644 0.2720 0.0560  0.0921  0.0783  118 DA  B P     
345 O  OP1   . DA  B 6  ? 0.3967 0.4742 0.2652 0.0223  0.1401  0.1027  118 DA  B OP1   
346 O  OP2   . DA  B 6  ? 0.2738 0.4037 0.4203 0.0932  0.0576  0.0677  118 DA  B OP2   
347 O  "O5'" . DA  B 6  ? 0.3185 0.3035 0.2468 0.0917  0.1058  0.0586  118 DA  B "O5'" 
348 C  "C5'" . DA  B 6  ? 0.3081 0.3021 0.2816 0.0716  0.1220  0.0798  118 DA  B "C5'" 
349 C  "C4'" . DA  B 6  ? 0.3212 0.2831 0.2373 0.0938  0.1283  0.0567  118 DA  B "C4'" 
350 O  "O4'" . DA  B 6  ? 0.2692 0.2490 0.2337 0.0856  0.0855  0.0441  118 DA  B "O4'" 
351 C  "C3'" . DA  B 6  ? 0.3378 0.2747 0.2699 0.0952  0.1185  0.0338  118 DA  B "C3'" 
352 O  "O3'" . DA  B 6  ? 0.4146 0.2990 0.2417 0.0856  0.1265  0.0170  118 DA  B "O3'" 
353 C  "C2'" . DA  B 6  ? 0.2898 0.2541 0.2714 0.0971  0.0964  0.0231  118 DA  B "C2'" 
354 C  "C1'" . DA  B 6  ? 0.2615 0.2508 0.2419 0.0903  0.0704  0.0471  118 DA  B "C1'" 
355 N  N9    . DA  B 6  ? 0.2153 0.1931 0.2518 0.0720  0.0758  0.0565  118 DA  B N9    
356 C  C8    . DA  B 6  ? 0.2124 0.1930 0.2813 0.0692  0.0583  0.0726  118 DA  B C8    
357 N  N7    . DA  B 6  ? 0.1965 0.2190 0.2684 0.0492  0.0304  0.0776  118 DA  B N7    
358 C  C5    . DA  B 6  ? 0.1938 0.1780 0.2368 0.0611  0.0320  0.0614  118 DA  B C5    
359 C  C6    . DA  B 6  ? 0.1749 0.1995 0.2002 0.0577  -0.0073 0.0774  118 DA  B C6    
360 N  N6    . DA  B 6  ? 0.1980 0.2024 0.2242 0.0542  -0.0229 0.0515  118 DA  B N6    
361 N  N1    . DA  B 6  ? 0.2006 0.1730 0.1876 0.0464  0.0123  0.0587  118 DA  B N1    
362 C  C2    . DA  B 6  ? 0.2193 0.1909 0.1739 0.0616  0.0222  0.0449  118 DA  B C2    
363 N  N3    . DA  B 6  ? 0.2077 0.1986 0.2035 0.0546  0.0465  0.0395  118 DA  B N3    
364 C  C4    . DA  B 6  ? 0.1817 0.1901 0.2314 0.0822  0.0415  0.0519  118 DA  B C4    
365 P  P     . UAR B 7  ? 0.4290 0.3021 0.2951 0.0999  0.1441  0.0147  119 UAR B P     
366 O  OP1   . UAR B 7  ? 0.5867 0.3415 0.2804 0.1516  0.1435  -0.0145 119 UAR B OP1   
367 O  OP2   . UAR B 7  ? 0.3950 0.3720 0.5253 0.1079  0.1863  -0.0376 119 UAR B OP2   
368 O  "O5'" . UAR B 7  ? 0.3912 0.3200 0.2905 0.1274  0.1089  0.0538  119 UAR B "O5'" 
369 C  "C5'" . UAR B 7  ? 0.3699 0.2861 0.2182 0.0548  0.0342  0.0338  119 UAR B "C5'" 
370 C  "C4'" . UAR B 7  ? 0.3614 0.2464 0.2157 0.0937  0.0498  0.0188  119 UAR B "C4'" 
371 O  "O4'" . UAR B 7  ? 0.3224 0.2310 0.2163 0.0982  0.0339  0.0349  119 UAR B "O4'" 
372 C  "C3'" . UAR B 7  ? 0.4133 0.2290 0.2611 0.0836  -0.0106 0.0119  119 UAR B "C3'" 
373 O  "O3'" . UAR B 7  ? 0.6334 0.2906 0.2216 -0.0575 -0.0589 0.0292  119 UAR B "O3'" 
374 C  "C2'" . UAR B 7  ? 0.3636 0.1821 0.2693 0.0578  0.0010  0.0242  119 UAR B "C2'" 
375 O  "O2'" . UAR B 7  ? 0.3463 0.3364 0.3154 0.1424  -0.0023 0.0132  119 UAR B "O2'" 
376 C  "C1'" . UAR B 7  ? 0.3095 0.2034 0.2311 0.0551  0.0272  0.0363  119 UAR B "C1'" 
377 N  N1    . UAR B 7  ? 0.2688 0.1855 0.2288 0.0717  0.0385  0.0390  119 UAR B N1    
378 C  C2    . UAR B 7  ? 0.2572 0.1767 0.2270 0.0815  0.0345  0.0403  119 UAR B C2    
379 O  O2    . UAR B 7  ? 0.2701 0.2190 0.2170 0.0542  0.0325  0.0246  119 UAR B O2    
380 N  N3    . UAR B 7  ? 0.2252 0.1842 0.2376 0.0891  0.0174  0.0417  119 UAR B N3    
381 C  C4    . UAR B 7  ? 0.1897 0.2521 0.2416 0.0890  -0.0011 0.0718  119 UAR B C4    
382 O  O4    . UAR B 7  ? 0.2031 0.2374 0.2522 0.0747  0.0065  0.0678  119 UAR B O4    
383 C  C5    . UAR B 7  ? 0.2178 0.2068 0.2968 0.0923  0.0571  0.0186  119 UAR B C5    
384 C  C6    . UAR B 7  ? 0.2531 0.1791 0.2729 0.0837  0.0492  0.0531  119 UAR B C6    
385 P  P     . DT  B 8  ? 0.8126 0.2777 0.2647 -0.0547 0.0286  0.0013  120 DT  B P     
386 O  OP1   . DT  B 8  ? 1.0302 0.3515 0.3097 -0.1913 -0.0097 -0.0301 120 DT  B OP1   
387 O  OP2   . DT  B 8  ? 0.9014 0.2894 0.3862 0.0553  0.1305  -0.0725 120 DT  B OP2   
388 O  "O5'" . DT  B 8  ? 0.7663 0.2517 0.2659 -0.0151 0.0231  0.0311  120 DT  B "O5'" 
389 C  "C5'" . DT  B 8  ? 0.6699 0.2844 0.2274 -0.0597 -0.0462 0.0320  120 DT  B "C5'" 
390 C  "C4'" . DT  B 8  ? 0.5261 0.2086 0.2370 0.0026  -0.0701 0.0131  120 DT  B "C4'" 
391 O  "O4'" . DT  B 8  ? 0.4044 0.1865 0.2847 0.0412  -0.0584 0.0401  120 DT  B "O4'" 
392 C  "C3'" . DT  B 8  ? 0.5244 0.1931 0.3129 -0.0034 -0.0253 0.0308  120 DT  B "C3'" 
393 O  "O3'" . DT  B 8  ? 0.6399 0.2977 0.2461 -0.1086 -0.0463 0.0566  120 DT  B "O3'" 
394 C  "C2'" . DT  B 8  ? 0.5208 0.1566 0.3515 0.0425  -0.0576 0.0584  120 DT  B "C2'" 
395 C  "C1'" . DT  B 8  ? 0.3723 0.1890 0.2587 0.0341  -0.0222 0.0431  120 DT  B "C1'" 
396 N  N1    . DT  B 8  ? 0.3219 0.1666 0.2748 0.0674  -0.0021 0.0384  120 DT  B N1    
397 C  C2    . DT  B 8  ? 0.2422 0.1716 0.3360 0.0967  -0.0059 -0.0037 120 DT  B C2    
398 O  O2    . DT  B 8  ? 0.2435 0.1990 0.2716 0.0600  -0.0373 0.0112  120 DT  B O2    
399 N  N3    . DT  B 8  ? 0.2314 0.1880 0.3151 0.0897  -0.0266 0.0305  120 DT  B N3    
400 C  C4    . DT  B 8  ? 0.1828 0.3223 0.2906 0.1020  -0.0568 0.0377  120 DT  B C4    
401 O  O4    . DT  B 8  ? 0.2192 0.2353 0.3349 0.1017  -0.0153 0.0487  120 DT  B O4    
402 C  C5    . DT  B 8  ? 0.3224 0.2273 0.2620 0.0713  -0.0173 0.0887  120 DT  B C5    
403 C  C7    . DT  B 8  ? 0.3502 0.2943 0.2839 0.0296  0.0042  0.0471  120 DT  B C7    
404 C  C6    . DT  B 8  ? 0.3202 0.1811 0.2957 0.0973  0.0089  0.0543  120 DT  B C6    
405 P  P     . DC  B 9  ? 0.8007 0.2286 0.3149 -0.0456 0.0470  0.0213  121 DC  B P     
406 O  OP1   . DC  B 9  ? 0.9757 0.3164 0.3869 -0.2317 -0.0285 0.0399  121 DC  B OP1   
407 O  OP2   . DC  B 9  ? 1.1027 0.1868 0.5072 0.0308  0.3046  -0.0104 121 DC  B OP2   
408 O  "O5'" . DC  B 9  ? 0.4951 0.2503 0.2742 0.0931  0.0164  0.0772  121 DC  B "O5'" 
409 C  "C5'" . DC  B 9  ? 0.2646 0.3237 0.2906 0.0280  -0.0644 0.0251  121 DC  B "C5'" 
410 C  "C4'" . DC  B 9  ? 0.2356 0.3001 0.3010 0.0008  -0.0479 0.0073  121 DC  B "C4'" 
411 O  "O4'" . DC  B 9  ? 0.2315 0.2743 0.3374 0.0191  -0.0479 0.0430  121 DC  B "O4'" 
412 C  "C3'" . DC  B 9  ? 0.2951 0.3495 0.3214 -0.0615 -0.1024 0.0858  121 DC  B "C3'" 
413 O  "O3'" . DC  B 9  ? 0.2646 0.6662 0.3541 -0.0912 -0.1140 0.1789  121 DC  B "O3'" 
414 C  "C2'" . DC  B 9  ? 0.2775 0.2874 0.2551 -0.0186 -0.0712 0.0536  121 DC  B "C2'" 
415 C  "C1'" . DC  B 9  ? 0.2321 0.2819 0.2886 0.0026  -0.0430 0.0154  121 DC  B "C1'" 
416 N  N1    . DC  B 9  ? 0.2220 0.2305 0.3345 0.0316  -0.0259 0.0156  121 DC  B N1    
417 C  C2    . DC  B 9  ? 0.1760 0.2220 0.3060 0.0550  -0.0220 0.0227  121 DC  B C2    
418 O  O2    . DC  B 9  ? 0.2020 0.2619 0.3032 0.0406  -0.0074 0.0286  121 DC  B O2    
419 N  N3    . DC  B 9  ? 0.1670 0.2242 0.3097 0.0734  -0.0151 0.0186  121 DC  B N3    
420 C  C4    . DC  B 9  ? 0.1817 0.1972 0.2993 0.0737  -0.0226 0.0186  121 DC  B C4    
421 N  N4    . DC  B 9  ? 0.2066 0.1957 0.3179 0.0710  -0.0041 0.0523  121 DC  B N4    
422 C  C5    . DC  B 9  ? 0.2164 0.2145 0.3272 0.0572  -0.0378 0.0172  121 DC  B C5    
423 C  C6    . DC  B 9  ? 0.2480 0.1948 0.2853 0.0410  -0.0432 0.0550  121 DC  B C6    
424 P  P     . DG  B 10 ? 0.3801 0.7740 0.3965 -0.2226 -0.1914 0.2839  122 DG  B P     
425 O  OP1   . DG  B 10 ? 0.3326 0.8874 0.6626 -0.2611 -0.1696 0.3986  122 DG  B OP1   
426 O  OP2   . DG  B 10 ? 0.5488 0.5447 0.4615 -0.2726 -0.2688 0.2946  122 DG  B OP2   
427 O  "O5'" . DG  B 10 ? 0.3189 0.6672 0.3687 -0.1871 -0.1455 0.2437  122 DG  B "O5'" 
428 C  "C5'" . DG  B 10 ? 0.2403 0.7512 0.3462 -0.1154 -0.0824 0.2106  122 DG  B "C5'" 
429 C  "C4'" . DG  B 10 ? 0.2189 0.5146 0.3503 -0.0636 -0.0577 0.1376  122 DG  B "C4'" 
430 O  "O4'" . DG  B 10 ? 0.2175 0.4504 0.3159 -0.0343 -0.0478 0.0998  122 DG  B "O4'" 
431 C  "C3'" . DG  B 10 ? 0.3325 0.4480 0.2565 -0.0964 -0.0803 0.0743  122 DG  B "C3'" 
432 O  "O3'" . DG  B 10 ? 0.2935 0.3788 0.2607 -0.0626 -0.0677 0.0514  122 DG  B "O3'" 
433 C  "C2'" . DG  B 10 ? 0.3186 0.4256 0.2537 -0.0581 -0.0870 0.1206  122 DG  B "C2'" 
434 C  "C1'" . DG  B 10 ? 0.2612 0.3964 0.2982 -0.0202 -0.0413 0.0654  122 DG  B "C1'" 
435 N  N9    . DG  B 10 ? 0.2196 0.3070 0.2633 -0.0125 -0.0812 0.0510  122 DG  B N9    
436 C  C8    . DG  B 10 ? 0.3237 0.2209 0.2547 0.0025  -0.1081 0.0802  122 DG  B C8    
437 N  N7    . DG  B 10 ? 0.2538 0.2067 0.2686 0.0390  -0.0746 0.0247  122 DG  B N7    
438 C  C5    . DG  B 10 ? 0.2125 0.2075 0.2422 0.0541  -0.0633 0.0295  122 DG  B C5    
439 C  C6    . DG  B 10 ? 0.1921 0.2317 0.2374 0.0531  -0.0491 0.0084  122 DG  B C6    
440 O  O6    . DG  B 10 ? 0.2284 0.1942 0.2453 0.0679  -0.0237 0.0039  122 DG  B O6    
441 N  N1    . DG  B 10 ? 0.1923 0.2051 0.2218 0.0613  -0.0489 0.0262  122 DG  B N1    
442 C  C2    . DG  B 10 ? 0.2366 0.1875 0.2149 0.0527  -0.0448 0.0479  122 DG  B C2    
443 N  N2    . DG  B 10 ? 0.1937 0.2117 0.2272 0.0550  -0.0331 0.0255  122 DG  B N2    
444 N  N3    . DG  B 10 ? 0.2520 0.2184 0.2242 0.0282  -0.0504 0.0473  122 DG  B N3    
445 C  C4    . DG  B 10 ? 0.2189 0.2637 0.2361 0.0206  -0.0834 0.0467  122 DG  B C4    
446 P  P     . DC  B 11 ? 0.3045 0.3906 0.2792 -0.0761 -0.0534 0.0758  123 DC  B P     
447 O  OP1   . DC  B 11 ? 0.3108 0.5003 0.3478 -0.1156 -0.0413 0.1072  123 DC  B OP1   
448 O  OP2   . DC  B 11 ? 0.3433 0.3759 0.4140 -0.0500 -0.0924 0.0089  123 DC  B OP2   
449 O  "O5'" . DC  B 11 ? 0.2470 0.3718 0.3038 0.0011  -0.0540 0.0401  123 DC  B "O5'" 
450 C  "C5'" . DC  B 11 ? 0.1915 0.3935 0.2913 -0.0013 -0.0110 0.0319  123 DC  B "C5'" 
451 C  "C4'" . DC  B 11 ? 0.1861 0.3635 0.2568 0.0214  -0.0347 0.0392  123 DC  B "C4'" 
452 O  "O4'" . DC  B 11 ? 0.1992 0.3176 0.2608 0.0436  -0.0369 0.0444  123 DC  B "O4'" 
453 C  "C3'" . DC  B 11 ? 0.1871 0.3166 0.2332 0.0188  -0.0385 0.0269  123 DC  B "C3'" 
454 O  "O3'" . DC  B 11 ? 0.1956 0.3718 0.2250 0.0124  -0.0189 0.0301  123 DC  B "O3'" 
455 C  "C2'" . DC  B 11 ? 0.2015 0.3175 0.2168 0.0117  -0.0358 0.0187  123 DC  B "C2'" 
456 C  "C1'" . DC  B 11 ? 0.2131 0.3107 0.2332 0.0097  -0.0300 0.0144  123 DC  B "C1'" 
457 N  N1    . DC  B 11 ? 0.1862 0.3030 0.2066 -0.0040 -0.0543 0.0256  123 DC  B N1    
458 C  C2    . DC  B 11 ? 0.1861 0.2134 0.2514 0.0252  -0.0312 0.0200  123 DC  B C2    
459 O  O2    . DC  B 11 ? 0.2026 0.2363 0.2175 0.0215  -0.0167 0.0148  123 DC  B O2    
460 N  N3    . DC  B 11 ? 0.1734 0.1891 0.2524 0.0117  -0.0259 0.0280  123 DC  B N3    
461 C  C4    . DC  B 11 ? 0.1583 0.1940 0.2578 0.0071  -0.0304 0.0294  123 DC  B C4    
462 N  N4    . DC  B 11 ? 0.2441 0.2104 0.2215 -0.0105 -0.0310 0.0345  123 DC  B N4    
463 C  C5    . DC  B 11 ? 0.2186 0.2656 0.2576 -0.0466 -0.0128 0.0213  123 DC  B C5    
464 C  C6    . DC  B 11 ? 0.2145 0.2971 0.2155 -0.0281 -0.0389 0.0471  123 DC  B C6    
465 P  P     . DG  B 12 ? 0.2054 0.3706 0.2192 -0.0020 -0.0185 0.0560  124 DG  B P     
466 O  OP1   . DG  B 12 ? 0.2149 0.5278 0.2199 -0.0238 -0.0064 0.0822  124 DG  B OP1   
467 O  OP2   . DG  B 12 ? 0.2497 0.3273 0.3145 -0.0076 -0.0500 0.0633  124 DG  B OP2   
468 O  "O5'" . DG  B 12 ? 0.1891 0.3249 0.2257 0.0111  -0.0120 0.0274  124 DG  B "O5'" 
469 C  "C5'" . DG  B 12 ? 0.1782 0.3199 0.2058 0.0470  -0.0083 0.0144  124 DG  B "C5'" 
470 C  "C4'" . DG  B 12 ? 0.1963 0.2553 0.1788 0.0487  -0.0175 0.0114  124 DG  B "C4'" 
471 O  "O4'" . DG  B 12 ? 0.1922 0.2409 0.1870 0.0297  -0.0325 0.0050  124 DG  B "O4'" 
472 C  "C3'" . DG  B 12 ? 0.1654 0.2931 0.1734 0.0346  -0.0257 0.0049  124 DG  B "C3'" 
473 O  "O3'" . DG  B 12 ? 0.2022 0.2628 0.1760 0.0488  -0.0275 -0.0162 124 DG  B "O3'" 
474 C  "C2'" . DG  B 12 ? 0.1767 0.2849 0.1838 0.0033  -0.0245 0.0033  124 DG  B "C2'" 
475 C  "C1'" . DG  B 12 ? 0.2132 0.2337 0.1727 0.0396  -0.0174 -0.0185 124 DG  B "C1'" 
476 N  N9    . DG  B 12 ? 0.1970 0.2227 0.1691 0.0270  -0.0338 0.0183  124 DG  B N9    
477 C  C8    . DG  B 12 ? 0.1767 0.2380 0.1947 0.0259  -0.0332 0.0136  124 DG  B C8    
478 N  N7    . DG  B 12 ? 0.2344 0.2371 0.1957 0.0087  -0.0287 0.0192  124 DG  B N7    
479 C  C5    . DG  B 12 ? 0.1834 0.2110 0.1986 0.0365  -0.0283 -0.0029 124 DG  B C5    
480 C  C6    . DG  B 12 ? 0.2022 0.1988 0.1837 0.0432  -0.0395 0.0056  124 DG  B C6    
481 O  O6    . DG  B 12 ? 0.2363 0.2083 0.1826 0.0285  -0.0320 0.0042  124 DG  B O6    
482 N  N1    . DG  B 12 ? 0.1979 0.1994 0.1964 0.0480  -0.0322 0.0051  124 DG  B N1    
483 C  C2    . DG  B 12 ? 0.1728 0.2051 0.1846 0.0529  -0.0243 -0.0037 124 DG  B C2    
484 N  N2    . DG  B 12 ? 0.1993 0.1964 0.1728 0.0525  -0.0194 0.0096  124 DG  B N2    
485 N  N3    . DG  B 12 ? 0.2042 0.1937 0.1779 0.0409  -0.0138 0.0135  124 DG  B N3    
486 C  C4    . DG  B 12 ? 0.2002 0.1958 0.1553 0.0393  -0.0460 0.0196  124 DG  B C4    
487 MG MG    . MG  C .  ? 0.2526 0.1980 0.2204 0.0607  -0.0371 0.0155  493 MG  A MG    
488 O  O     . HOH D .  ? 0.3060 0.2079 0.2841 0.0078  0.0048  0.0418  301 HOH A O     
489 O  O     . HOH D .  ? 0.3443 0.3156 0.3654 0.0972  -0.0326 0.0831  302 HOH A O     
490 O  O     . HOH D .  ? 0.4121 0.2533 0.2510 0.0725  0.0122  0.0401  303 HOH A O     
491 O  O     . HOH D .  ? 0.3669 0.2176 0.7658 -0.0171 0.0549  0.0183  304 HOH A O     
492 O  O     . HOH D .  ? 0.2122 0.2664 0.1823 0.0384  0.0150  0.0512  305 HOH A O     
493 O  O     . HOH D .  ? 0.3602 0.5290 0.3406 0.1313  -0.0717 -0.0930 306 HOH A O     
494 O  O     . HOH D .  ? 0.2338 0.2517 0.2102 0.0607  0.0209  0.0396  307 HOH A O     
495 O  O     . HOH D .  ? 0.2108 0.2611 0.2147 0.0328  -0.0216 0.0517  308 HOH A O     
496 O  O     . HOH D .  ? 0.2803 0.2783 0.1928 0.0529  -0.0120 0.0507  309 HOH A O     
497 O  O     . HOH D .  ? 0.3034 0.3680 0.3642 0.0594  -0.0289 0.0634  312 HOH A O     
498 O  O     . HOH D .  ? 0.3261 0.2352 0.2034 0.0229  0.0396  0.0587  315 HOH A O     
499 O  O     . HOH D .  ? 0.4209 0.2387 0.2988 -0.0160 0.0351  -0.0185 316 HOH A O     
500 O  O     . HOH D .  ? 0.2591 0.2081 0.2157 0.0194  0.0407  0.0092  317 HOH A O     
501 O  O     . HOH D .  ? 0.2724 0.4311 0.2725 -0.0311 -0.0527 0.0564  318 HOH A O     
502 O  O     . HOH D .  ? 0.2093 0.4744 0.2366 0.0202  0.0380  0.0030  319 HOH A O     
503 O  O     . HOH D .  ? 0.2531 0.9082 0.3285 -0.0033 -0.0360 0.0761  320 HOH A O     
504 O  O     . HOH D .  ? 0.2804 0.6657 0.3820 -0.0121 -0.0119 0.2338  321 HOH A O     
505 O  O     . HOH D .  ? 0.2604 0.1960 0.2140 0.0525  0.0511  0.0286  323 HOH A O     
506 O  O     . HOH D .  ? 0.3713 0.4022 0.2493 0.1284  0.0934  0.1201  324 HOH A O     
507 O  O     . HOH D .  ? 0.3391 0.2453 0.1967 0.0481  0.0403  0.0312  325 HOH A O     
508 O  O     . HOH D .  ? 0.4931 0.5260 0.2819 0.1522  0.0432  0.0194  326 HOH A O     
509 O  O     . HOH D .  ? 0.4906 0.3583 0.3611 0.0253  0.0451  -0.0360 327 HOH A O     
510 O  O     . HOH D .  ? 0.7029 0.3789 0.2606 -0.0894 -0.1189 0.0206  328 HOH A O     
511 O  O     . HOH D .  ? 0.4489 0.3546 0.6011 0.0374  0.1490  -0.0416 329 HOH A O     
512 O  O     . HOH D .  ? 0.4534 0.2921 0.2774 0.0000  0.0133  0.0720  330 HOH A O     
513 O  O     . HOH D .  ? 0.2364 0.1885 0.2289 0.0492  -0.0291 -0.0003 340 HOH A O     
514 O  O     . HOH D .  ? 0.4349 0.2821 0.3131 -0.0406 -0.1139 0.0187  342 HOH A O     
515 O  O     . HOH D .  ? 0.2576 1.0830 0.6220 -0.0273 0.1154  -0.5686 343 HOH A O     
516 O  O     . HOH D .  ? 0.8051 0.3296 0.3179 -0.1119 0.0735  -0.0597 346 HOH A O     
517 O  O     . HOH D .  ? 0.4154 0.2670 0.2907 0.0898  0.0363  0.0485  347 HOH A O     
518 O  O     . HOH D .  ? 0.5179 0.3258 0.2887 0.0463  0.0783  -0.0215 348 HOH A O     
519 O  O     . HOH D .  ? 0.3444 0.3584 0.5917 -0.0007 0.0180  0.0815  351 HOH A O     
520 O  O     . HOH D .  ? 0.4830 0.4570 0.3502 -0.1889 -0.0470 -0.0744 352 HOH A O     
521 O  O     . HOH D .  ? 0.6791 0.5890 0.5400 -0.0116 -0.1418 0.0814  353 HOH A O     
522 O  O     . HOH D .  ? 1.1028 0.3981 0.2360 0.1527  0.0662  0.1163  355 HOH A O     
523 O  O     . HOH D .  ? 0.4228 0.3201 0.3743 -0.0085 0.0730  0.1143  356 HOH A O     
524 O  O     . HOH D .  ? 0.5623 0.7135 1.0778 0.3083  -0.2081 -0.4956 361 HOH A O     
525 O  O     . HOH D .  ? 0.3102 0.2736 0.3093 0.0716  0.0000  0.0678  362 HOH A O     
526 O  O     . HOH D .  ? 0.3182 0.3654 0.3556 0.0976  -0.0288 0.0842  363 HOH A O     
527 O  O     . HOH D .  ? 0.6690 0.3418 0.5470 0.0701  0.1504  0.0324  364 HOH A O     
528 O  O     . HOH D .  ? 0.5577 0.2888 0.6609 0.1388  0.1581  0.1362  366 HOH A O     
529 O  O     . HOH D .  ? 0.5453 0.7059 0.5578 -0.1418 0.1353  -0.2362 367 HOH A O     
530 O  O     . HOH D .  ? 0.4724 0.3529 0.2966 0.0031  0.0119  0.0248  368 HOH A O     
531 O  O     . HOH D .  ? 0.5058 0.2505 0.3574 0.0187  -0.0325 0.0302  370 HOH A O     
532 O  O     . HOH D .  ? 0.3551 0.4331 0.5515 -0.0692 -0.0039 -0.0656 371 HOH A O     
533 O  O     . HOH D .  ? 0.2609 0.2443 0.2130 -0.0039 0.0082  0.0284  372 HOH A O     
534 O  O     . HOH D .  ? 0.3707 0.2860 0.2738 0.0600  0.0195  0.0568  374 HOH A O     
535 O  O     . HOH D .  ? 0.3100 0.2475 0.2459 0.0102  0.0491  -0.0168 376 HOH A O     
536 O  O     . HOH D .  ? 0.2772 0.4684 0.3417 0.0232  0.0054  -0.0127 377 HOH A O     
537 O  O     . HOH D .  ? 0.5711 0.5163 0.3189 0.1950  -0.0103 -0.1552 379 HOH A O     
538 O  O     . HOH D .  ? 0.4909 0.5007 1.0788 0.2238  -0.2920 -0.2865 380 HOH A O     
539 O  O     . HOH D .  ? 0.5167 0.6685 0.7760 0.2113  -0.4427 -0.3954 381 HOH A O     
540 O  O     . HOH D .  ? 0.4848 0.4226 0.4345 0.1878  0.0642  0.1335  382 HOH A O     
541 O  O     . HOH D .  ? 0.5280 0.5254 0.2805 0.1672  0.0578  -0.0197 383 HOH A O     
542 O  O     . HOH D .  ? 1.1886 0.2664 0.4921 -0.0615 -0.2272 -0.0088 384 HOH A O     
543 O  O     . HOH D .  ? 0.7961 0.5613 0.2836 0.4316  -0.0043 -0.0805 385 HOH A O     
544 O  O     . HOH D .  ? 0.6968 0.3765 0.6904 0.0193  0.1290  0.0929  395 HOH A O     
545 O  O     . HOH D .  ? 0.6626 0.2538 0.6109 -0.0098 -0.2769 0.0141  399 HOH A O     
546 O  O     . HOH D .  ? 0.9049 0.5723 0.3392 0.3954  0.2818  0.2144  401 HOH A O     
547 O  O     . HOH D .  ? 0.3574 0.3647 1.4621 0.0550  0.1632  0.1891  404 HOH A O     
548 O  O     . HOH D .  ? 0.9170 0.2741 0.6514 -0.0711 0.4287  -0.0180 405 HOH A O     
549 O  O     . HOH D .  ? 1.0181 0.3075 0.9777 0.0352  -0.5882 0.0012  408 HOH A O     
550 O  O     . HOH D .  ? 0.9905 0.5740 0.2300 -0.1498 -0.0638 0.0363  409 HOH A O     
551 O  O     . HOH D .  ? 0.6972 0.4525 0.9154 -0.3271 -0.6197 0.3043  414 HOH A O     
552 O  O     . HOH D .  ? 0.5683 0.5118 0.4166 -0.0158 -0.1557 0.1309  421 HOH A O     
553 O  O     . HOH D .  ? 0.5346 0.5740 0.5528 -0.1573 -0.0540 0.1268  422 HOH A O     
554 O  O     . HOH D .  ? 0.3773 0.8038 0.4133 -0.2245 0.1407  -0.2061 423 HOH A O     
555 O  O     . HOH D .  ? 0.4111 0.4901 0.2187 0.0838  0.0249  0.0481  424 HOH A O     
556 O  O     . HOH D .  ? 0.3481 0.6755 0.5449 0.1868  0.1625  0.4277  425 HOH A O     
557 O  O     . HOH D .  ? 0.5992 0.2920 1.2198 0.0635  0.4957  0.2076  427 HOH A O     
558 O  O     . HOH D .  ? 0.7872 0.9023 0.3817 0.1017  -0.3195 -0.1471 430 HOH A O     
559 O  O     . HOH D .  ? 0.4884 0.8636 0.4710 0.1877  -0.1192 0.2186  446 HOH A O     
560 O  O     . HOH D .  ? 0.7528 0.9028 0.3010 -0.2234 -0.0701 0.0376  447 HOH A O     
561 O  O     . HOH D .  ? 0.7118 0.8687 0.3946 0.5241  -0.1758 -0.3206 449 HOH A O     
562 O  O     . HOH D .  ? 1.4206 0.4639 0.3878 -0.1087 0.3373  -0.0997 450 HOH A O     
563 O  O     . HOH D .  ? 0.5731 0.5367 0.3558 0.0958  -0.0545 0.1216  451 HOH A O     
564 O  O     . HOH D .  ? 0.4369 0.6418 0.8370 -0.1548 0.1772  -0.3021 453 HOH A O     
565 O  O     . HOH D .  ? 0.3665 0.3736 1.4577 -0.0344 -0.2312 -0.0828 456 HOH A O     
566 O  O     . HOH D .  ? 0.5737 0.3047 1.0065 -0.0414 -0.3006 0.1001  458 HOH A O     
567 O  O     . HOH D .  ? 0.7454 0.3438 0.4264 0.1242  -0.0973 0.0683  466 HOH A O     
568 O  O     . HOH D .  ? 0.2923 0.5639 0.4978 0.0630  0.1180  -0.1794 467 HOH A O     
569 O  O     . HOH D .  ? 0.7129 0.5723 0.6083 0.2301  0.0226  -0.1125 468 HOH A O     
570 O  O     . HOH D .  ? 0.6646 0.5256 1.1699 -0.2756 0.1337  0.1555  469 HOH A O     
571 O  O     . HOH D .  ? 1.2336 0.4674 0.3148 -0.3132 0.2179  0.0505  474 HOH A O     
572 O  O     . HOH D .  ? 0.7733 0.3043 0.7565 -0.0839 0.2205  0.0568  477 HOH A O     
573 O  O     . HOH D .  ? 0.8803 0.5879 0.8362 0.4507  0.5163  0.4052  478 HOH A O     
574 O  O     . HOH D .  ? 0.4599 0.8069 0.4865 0.2842  0.0458  0.1026  482 HOH A O     
575 O  O     . HOH D .  ? 0.9995 0.5478 0.5616 0.4227  0.2630  0.2926  483 HOH A O     
576 O  O     . HOH D .  ? 0.9802 0.6472 0.8242 -0.2038 0.4257  -0.0002 487 HOH A O     
577 O  O     . HOH D .  ? 0.4819 0.8989 0.4668 -0.0044 0.2527  0.1271  490 HOH A O     
578 O  O     . HOH D .  ? 0.6168 1.0720 0.8290 -0.2107 -0.0091 0.3855  494 HOH A O     
579 O  O     . HOH D .  ? 0.4926 1.1199 0.7249 0.1778  -0.2373 0.0407  496 HOH A O     
580 O  O     . HOH D .  ? 0.7568 0.2838 0.9422 0.0780  0.0541  -0.1001 499 HOH A O     
581 O  O     . HOH D .  ? 1.1032 0.9395 0.5079 0.2030  -0.0243 0.3041  500 HOH A O     
582 O  O     . HOH D .  ? 0.7123 0.2965 0.9640 -0.1758 -0.3335 0.0999  502 HOH A O     
583 O  O     . HOH E .  ? 0.2919 0.2037 0.2885 0.0199  0.0084  0.0448  310 HOH B O     
584 O  O     . HOH E .  ? 0.2786 0.2810 0.3617 0.0025  -0.0166 0.0720  311 HOH B O     
585 O  O     . HOH E .  ? 0.3633 0.3005 0.2827 -0.0204 -0.0033 0.0320  313 HOH B O     
586 O  O     . HOH E .  ? 0.3859 0.3707 0.9691 -0.1015 -0.1368 -0.0778 314 HOH B O     
587 O  O     . HOH E .  ? 0.2845 0.2503 0.2111 0.0617  0.0285  -0.0108 322 HOH B O     
588 O  O     . HOH E .  ? 0.5151 0.2773 0.8482 -0.1118 0.2835  -0.0983 331 HOH B O     
589 O  O     . HOH E .  ? 0.5528 0.8762 0.5730 -0.4568 0.1753  -0.2193 332 HOH B O     
590 O  O     . HOH E .  ? 0.8445 0.4125 0.3684 0.1853  -0.2726 -0.0134 333 HOH B O     
591 O  O     . HOH E .  ? 0.6303 0.4811 0.3173 -0.1156 0.2074  0.0317  334 HOH B O     
592 O  O     . HOH E .  ? 0.2723 0.3181 0.4997 0.0296  -0.0986 0.0669  335 HOH B O     
593 O  O     . HOH E .  ? 0.3727 0.2930 0.4138 0.0082  -0.0153 0.0627  336 HOH B O     
594 O  O     . HOH E .  ? 0.6108 0.5238 0.5670 0.3169  -0.0074 -0.2179 337 HOH B O     
595 O  O     . HOH E .  ? 0.2747 0.2246 0.3034 0.0975  -0.0087 0.0534  338 HOH B O     
596 O  O     . HOH E .  ? 0.2368 0.3037 0.3108 0.0174  -0.0162 -0.0210 339 HOH B O     
597 O  O     . HOH E .  ? 0.2815 0.2140 0.2353 0.0676  -0.0609 0.0257  341 HOH B O     
598 O  O     . HOH E .  ? 0.2934 0.3244 0.3296 -0.0200 -0.0003 0.0703  344 HOH B O     
599 O  O     . HOH E .  ? 0.4638 0.2988 0.3395 -0.0837 0.0629  -0.0423 345 HOH B O     
600 O  O     . HOH E .  ? 0.3135 0.3357 0.7730 -0.0056 -0.0401 0.1329  349 HOH B O     
601 O  O     . HOH E .  ? 0.3054 0.5287 0.3155 -0.0502 0.0307  -0.0989 350 HOH B O     
602 O  O     . HOH E .  ? 0.4608 0.2640 0.4876 -0.0690 -0.0011 -0.0054 354 HOH B O     
603 O  O     . HOH E .  ? 0.4735 0.4787 0.3923 -0.0050 -0.1129 0.0351  357 HOH B O     
604 O  O     . HOH E .  ? 0.5782 0.3337 0.3304 -0.0391 0.0036  0.0681  358 HOH B O     
605 O  O     . HOH E .  ? 0.3319 0.4631 0.4724 -0.2117 -0.1774 0.2075  359 HOH B O     
606 O  O     . HOH E .  ? 0.5861 0.4643 0.4478 -0.2147 -0.0374 0.0365  360 HOH B O     
607 O  O     . HOH E .  ? 0.3216 0.4196 0.4223 0.0856  0.0418  0.0266  365 HOH B O     
608 O  O     . HOH E .  ? 0.5972 0.4310 0.2049 0.0520  0.0771  0.0286  369 HOH B O     
609 O  O     . HOH E .  ? 0.5164 0.6134 0.5576 0.1631  -0.2103 0.0682  373 HOH B O     
610 O  O     . HOH E .  ? 0.6968 0.6947 0.4877 -0.1580 -0.0287 -0.1985 378 HOH B O     
611 O  O     . HOH E .  ? 0.5063 0.3738 0.6654 0.0298  -0.2876 -0.0001 387 HOH B O     
612 O  O     . HOH E .  ? 0.3625 0.5072 0.7466 0.0303  -0.2181 -0.0743 388 HOH B O     
613 O  O     . HOH E .  ? 0.6976 0.3756 0.3476 0.0021  -0.0061 -0.0172 389 HOH B O     
614 O  O     . HOH E .  ? 0.4074 0.3067 0.2938 -0.0111 -0.0347 0.0346  390 HOH B O     
615 O  O     . HOH E .  ? 0.2968 1.0517 0.6956 -0.1321 0.1065  -0.1954 391 HOH B O     
616 O  O     . HOH E .  ? 0.5102 0.5138 0.6725 0.0891  0.0730  0.2599  392 HOH B O     
617 O  O     . HOH E .  ? 0.3155 0.5670 0.6233 0.1177  0.1660  0.2570  393 HOH B O     
618 O  O     . HOH E .  ? 0.6515 0.4270 0.4862 0.1864  0.2188  0.1173  394 HOH B O     
619 O  O     . HOH E .  ? 0.5753 0.6428 0.3653 0.2939  0.0964  0.0551  396 HOH B O     
620 O  O     . HOH E .  ? 0.4626 0.5850 0.4244 -0.0594 0.0565  0.0407  397 HOH B O     
621 O  O     . HOH E .  ? 0.4585 0.5937 0.7381 0.0389  -0.1747 0.4601  398 HOH B O     
622 O  O     . HOH E .  ? 0.7481 0.5690 0.4445 -0.3578 0.1611  -0.1632 400 HOH B O     
623 O  O     . HOH E .  ? 0.3904 0.7842 0.2657 0.2365  -0.0253 -0.0167 402 HOH B O     
624 O  O     . HOH E .  ? 0.4265 0.6298 0.4104 0.0284  0.0585  -0.0295 403 HOH B O     
625 O  O     . HOH E .  ? 1.0331 0.3449 0.3761 0.1672  0.0486  -0.0478 406 HOH B O     
626 O  O     . HOH E .  ? 0.5558 0.3330 1.4216 -0.1380 -0.2222 -0.2491 407 HOH B O     
627 O  O     . HOH E .  ? 0.9158 0.9335 0.4515 -0.1342 0.3051  -0.1840 410 HOH B O     
628 O  O     . HOH E .  ? 0.4109 0.7534 0.6902 -0.2198 -0.3152 0.4812  412 HOH B O     
629 O  O     . HOH E .  ? 0.3171 0.5225 0.6211 0.2379  0.1659  0.0874  415 HOH B O     
630 O  O     . HOH E .  ? 0.8839 0.3452 0.7766 -0.0428 0.1231  0.2325  416 HOH B O     
631 O  O     . HOH E .  ? 0.7848 0.5090 0.3306 -0.2097 -0.0010 0.0859  417 HOH B O     
632 O  O     . HOH E .  ? 0.1543 0.8599 1.1950 0.0095  0.1319  -0.5642 418 HOH B O     
633 O  O     . HOH E .  ? 0.2386 1.1831 0.5824 0.1211  -0.0194 0.0505  420 HOH B O     
634 O  O     . HOH E .  ? 1.0968 0.4247 0.2131 -0.0349 -0.0787 0.0493  428 HOH B O     
635 O  O     . HOH E .  ? 0.7846 0.9689 0.3500 0.4429  -0.2030 -0.4015 429 HOH B O     
636 O  O     . HOH E .  ? 0.7226 0.6070 0.4474 -0.0487 -0.0825 0.0125  434 HOH B O     
637 O  O     . HOH E .  ? 0.3661 0.4979 0.9015 0.0779  -0.1042 -0.0476 436 HOH B O     
638 O  O     . HOH E .  ? 0.5250 0.5177 0.6168 0.1642  0.2634  -0.1098 438 HOH B O     
639 O  O     . HOH E .  ? 0.5531 0.5566 0.3181 0.1636  0.0062  0.1351  439 HOH B O     
640 O  O     . HOH E .  ? 0.5336 0.8228 0.4895 -0.3116 0.0424  -0.1314 440 HOH B O     
641 O  O     . HOH E .  ? 0.9179 0.4058 0.5951 -0.1247 -0.1215 0.1086  442 HOH B O     
642 O  O     . HOH E .  ? 1.3006 0.2435 0.2758 0.2440  0.1597  0.0682  443 HOH B O     
643 O  O     . HOH E .  ? 1.0545 0.3975 0.4899 -0.4273 -0.2941 0.1452  444 HOH B O     
644 O  O     . HOH E .  ? 0.5276 0.2655 1.1500 0.0317  -0.2898 -0.0723 445 HOH B O     
645 O  O     . HOH E .  ? 0.5624 0.7338 0.4169 -0.3412 -0.1209 0.2729  448 HOH B O     
646 O  O     . HOH E .  ? 0.4403 0.5783 0.8313 0.1556  -0.1269 0.0553  452 HOH B O     
647 O  O     . HOH E .  ? 0.5085 1.0760 0.6069 0.0528  -0.0868 -0.2018 454 HOH B O     
648 O  O     . HOH E .  ? 0.4760 1.3460 0.3757 0.3146  -0.0748 -0.2856 455 HOH B O     
649 O  O     . HOH E .  ? 0.5195 0.6604 0.8207 -0.0303 0.2793  -0.0173 457 HOH B O     
650 O  O     . HOH E .  ? 0.4250 0.3203 0.7359 0.0844  -0.2040 0.0519  459 HOH B O     
651 O  O     . HOH E .  ? 0.2323 0.9897 0.4686 0.0982  0.0943  0.3446  460 HOH B O     
652 O  O     . HOH E .  ? 0.2490 0.5669 0.3969 0.0380  0.0065  -0.1965 461 HOH B O     
653 O  O     . HOH E .  ? 0.4455 0.6532 1.1446 0.2044  0.1342  0.1118  462 HOH B O     
654 O  O     . HOH E .  ? 0.8811 0.4135 0.4106 -0.2440 -0.0132 0.0961  463 HOH B O     
655 O  O     . HOH E .  ? 0.5300 0.3570 0.7680 -0.0205 -0.1198 0.1125  465 HOH B O     
656 O  O     . HOH E .  ? 0.8981 1.0226 0.3809 -0.2603 -0.0127 -0.2981 473 HOH B O     
657 O  O     . HOH E .  ? 0.8796 0.4071 0.5462 -0.3449 -0.3182 0.0803  476 HOH B O     
658 O  O     . HOH E .  ? 0.7490 0.7081 0.4458 -0.3209 -0.2635 0.1677  479 HOH B O     
659 O  O     . HOH E .  ? 0.8486 0.2203 1.2159 -0.1195 -0.3658 0.0315  480 HOH B O     
660 O  O     . HOH E .  ? 0.7262 0.6371 0.2896 -0.0148 0.0182  0.1764  485 HOH B O     
661 O  O     . HOH E .  ? 0.9936 0.7128 0.2293 -0.3543 0.0159  0.0769  488 HOH B O     
662 O  O     . HOH E .  ? 0.4995 1.0207 0.5984 -0.2532 0.2057  0.1671  492 HOH B O     
663 O  O     . HOH E .  ? 0.8422 0.5644 0.6293 -0.0330 0.0354  -0.1026 495 HOH B O     
664 O  O     . HOH E .  ? 0.5094 0.6674 0.7804 0.1568  0.2500  0.2418  497 HOH B O     
665 O  O     . HOH E .  ? 1.0732 0.2355 1.4840 -0.1089 -0.1693 0.1972  498 HOH B O     
666 O  O     . HOH E .  ? 0.4203 0.8620 0.9070 -0.1520 0.1431  -0.0269 501 HOH B O     
# 
_database_PDB_caveat.id     1 
_database_PDB_caveat.text   
;chirality error at C2' center of UAR
;
# 
loop_
_pdbx_poly_seq_scheme.asym_id 
_pdbx_poly_seq_scheme.entity_id 
_pdbx_poly_seq_scheme.seq_id 
_pdbx_poly_seq_scheme.mon_id 
_pdbx_poly_seq_scheme.ndb_seq_num 
_pdbx_poly_seq_scheme.pdb_seq_num 
_pdbx_poly_seq_scheme.auth_seq_num 
_pdbx_poly_seq_scheme.pdb_mon_id 
_pdbx_poly_seq_scheme.auth_mon_id 
_pdbx_poly_seq_scheme.pdb_strand_id 
_pdbx_poly_seq_scheme.pdb_ins_code 
_pdbx_poly_seq_scheme.hetero 
A 1 1  DC  1  1   1   DC  CYT A . n 
A 1 2  DG  2  2   2   DG  GUA A . n 
A 1 3  DC  3  3   3   DC  CYT A . n 
A 1 4  DG  4  4   4   DG  GUA A . n 
A 1 5  DA  5  5   5   DA  ADE A . n 
A 1 6  DA  6  6   6   DA  ADE A . n 
A 1 7  UAR 7  7   7   UAR X   A . n 
A 1 8  DT  8  8   8   DT  THY A . n 
A 1 9  DC  9  9   9   DC  CYT A . n 
A 1 10 DG  10 10  10  DG  GUA A . n 
A 1 11 DC  11 11  11  DC  CYT A . n 
A 1 12 DG  12 12  12  DG  GUA A . n 
B 1 1  DC  1  113 113 DC  CYT B . n 
B 1 2  DG  2  114 114 DG  GUA B . n 
B 1 3  DC  3  115 115 DC  CYT B . n 
B 1 4  DG  4  116 116 DG  GUA B . n 
B 1 5  DA  5  117 117 DA  ADE B . n 
B 1 6  DA  6  118 118 DA  ADE B . n 
B 1 7  UAR 7  119 119 UAR X   B . n 
B 1 8  DT  8  120 120 DT  THY B . n 
B 1 9  DC  9  121 121 DC  CYT B . n 
B 1 10 DG  10 122 122 DG  GUA B . n 
B 1 11 DC  11 123 123 DC  CYT B . n 
B 1 12 DG  12 124 124 DG  GUA B . n 
# 
loop_
_pdbx_nonpoly_scheme.asym_id 
_pdbx_nonpoly_scheme.entity_id 
_pdbx_nonpoly_scheme.mon_id 
_pdbx_nonpoly_scheme.ndb_seq_num 
_pdbx_nonpoly_scheme.pdb_seq_num 
_pdbx_nonpoly_scheme.auth_seq_num 
_pdbx_nonpoly_scheme.pdb_mon_id 
_pdbx_nonpoly_scheme.auth_mon_id 
_pdbx_nonpoly_scheme.pdb_strand_id 
_pdbx_nonpoly_scheme.pdb_ins_code 
C 2 MG  1  493 493 MG  MG  A . 
D 3 HOH 1  301 301 HOH HOH A . 
D 3 HOH 2  302 302 HOH HOH A . 
D 3 HOH 3  303 303 HOH HOH A . 
D 3 HOH 4  304 304 HOH HOH A . 
D 3 HOH 5  305 305 HOH HOH A . 
D 3 HOH 6  306 306 HOH HOH A . 
D 3 HOH 7  307 307 HOH HOH A . 
D 3 HOH 8  308 308 HOH HOH A . 
D 3 HOH 9  309 309 HOH HOH A . 
D 3 HOH 10 312 312 HOH HOH A . 
D 3 HOH 11 315 315 HOH HOH A . 
D 3 HOH 12 316 316 HOH HOH A . 
D 3 HOH 13 317 317 HOH HOH A . 
D 3 HOH 14 318 318 HOH HOH A . 
D 3 HOH 15 319 319 HOH HOH A . 
D 3 HOH 16 320 320 HOH HOH A . 
D 3 HOH 17 321 321 HOH HOH A . 
D 3 HOH 18 323 323 HOH HOH A . 
D 3 HOH 19 324 324 HOH HOH A . 
D 3 HOH 20 325 325 HOH HOH A . 
D 3 HOH 21 326 326 HOH HOH A . 
D 3 HOH 22 327 327 HOH HOH A . 
D 3 HOH 23 328 328 HOH HOH A . 
D 3 HOH 24 329 329 HOH HOH A . 
D 3 HOH 25 330 330 HOH HOH A . 
D 3 HOH 26 340 340 HOH HOH A . 
D 3 HOH 27 342 342 HOH HOH A . 
D 3 HOH 28 343 343 HOH HOH A . 
D 3 HOH 29 346 346 HOH HOH A . 
D 3 HOH 30 347 347 HOH HOH A . 
D 3 HOH 31 348 348 HOH HOH A . 
D 3 HOH 32 351 351 HOH HOH A . 
D 3 HOH 33 352 352 HOH HOH A . 
D 3 HOH 34 353 353 HOH HOH A . 
D 3 HOH 35 355 355 HOH HOH A . 
D 3 HOH 36 356 356 HOH HOH A . 
D 3 HOH 37 361 361 HOH HOH A . 
D 3 HOH 38 362 362 HOH HOH A . 
D 3 HOH 39 363 363 HOH HOH A . 
D 3 HOH 40 364 364 HOH HOH A . 
D 3 HOH 41 366 366 HOH HOH A . 
D 3 HOH 42 367 367 HOH HOH A . 
D 3 HOH 43 368 368 HOH HOH A . 
D 3 HOH 44 370 370 HOH HOH A . 
D 3 HOH 45 371 371 HOH HOH A . 
D 3 HOH 46 372 372 HOH HOH A . 
D 3 HOH 47 374 374 HOH HOH A . 
D 3 HOH 48 376 376 HOH HOH A . 
D 3 HOH 49 377 377 HOH HOH A . 
D 3 HOH 50 379 379 HOH HOH A . 
D 3 HOH 51 380 380 HOH HOH A . 
D 3 HOH 52 381 381 HOH HOH A . 
D 3 HOH 53 382 382 HOH HOH A . 
D 3 HOH 54 383 383 HOH HOH A . 
D 3 HOH 55 384 384 HOH HOH A . 
D 3 HOH 56 385 385 HOH HOH A . 
D 3 HOH 57 395 395 HOH HOH A . 
D 3 HOH 58 399 399 HOH HOH A . 
D 3 HOH 59 401 401 HOH HOH A . 
D 3 HOH 60 404 404 HOH HOH A . 
D 3 HOH 61 405 405 HOH HOH A . 
D 3 HOH 62 408 408 HOH HOH A . 
D 3 HOH 63 409 409 HOH HOH A . 
D 3 HOH 64 414 414 HOH HOH A . 
D 3 HOH 65 421 421 HOH HOH A . 
D 3 HOH 66 422 422 HOH HOH A . 
D 3 HOH 67 423 423 HOH HOH A . 
D 3 HOH 68 424 424 HOH HOH A . 
D 3 HOH 69 425 425 HOH HOH A . 
D 3 HOH 70 427 427 HOH HOH A . 
D 3 HOH 71 430 430 HOH HOH A . 
D 3 HOH 72 446 446 HOH HOH A . 
D 3 HOH 73 447 447 HOH HOH A . 
D 3 HOH 74 449 449 HOH HOH A . 
D 3 HOH 75 450 450 HOH HOH A . 
D 3 HOH 76 451 451 HOH HOH A . 
D 3 HOH 77 453 453 HOH HOH A . 
D 3 HOH 78 456 456 HOH HOH A . 
D 3 HOH 79 458 458 HOH HOH A . 
D 3 HOH 80 466 466 HOH HOH A . 
D 3 HOH 81 467 467 HOH HOH A . 
D 3 HOH 82 468 468 HOH HOH A . 
D 3 HOH 83 469 469 HOH HOH A . 
D 3 HOH 84 474 474 HOH HOH A . 
D 3 HOH 85 477 477 HOH HOH A . 
D 3 HOH 86 478 478 HOH HOH A . 
D 3 HOH 87 482 482 HOH HOH A . 
D 3 HOH 88 483 483 HOH HOH A . 
D 3 HOH 89 487 487 HOH HOH A . 
D 3 HOH 90 490 490 HOH HOH A . 
D 3 HOH 91 494 494 HOH HOH A . 
D 3 HOH 92 496 496 HOH HOH A . 
D 3 HOH 93 499 499 HOH HOH A . 
D 3 HOH 94 500 500 HOH HOH A . 
D 3 HOH 95 502 502 HOH HOH A . 
E 3 HOH 1  310 310 HOH HOH B . 
E 3 HOH 2  311 311 HOH HOH B . 
E 3 HOH 3  313 313 HOH HOH B . 
E 3 HOH 4  314 314 HOH HOH B . 
E 3 HOH 5  322 322 HOH HOH B . 
E 3 HOH 6  331 331 HOH HOH B . 
E 3 HOH 7  332 332 HOH HOH B . 
E 3 HOH 8  333 333 HOH HOH B . 
E 3 HOH 9  334 334 HOH HOH B . 
E 3 HOH 10 335 335 HOH HOH B . 
E 3 HOH 11 336 336 HOH HOH B . 
E 3 HOH 12 337 337 HOH HOH B . 
E 3 HOH 13 338 338 HOH HOH B . 
E 3 HOH 14 339 339 HOH HOH B . 
E 3 HOH 15 341 341 HOH HOH B . 
E 3 HOH 16 344 344 HOH HOH B . 
E 3 HOH 17 345 345 HOH HOH B . 
E 3 HOH 18 349 349 HOH HOH B . 
E 3 HOH 19 350 350 HOH HOH B . 
E 3 HOH 20 354 354 HOH HOH B . 
E 3 HOH 21 357 357 HOH HOH B . 
E 3 HOH 22 358 358 HOH HOH B . 
E 3 HOH 23 359 359 HOH HOH B . 
E 3 HOH 24 360 360 HOH HOH B . 
E 3 HOH 25 365 365 HOH HOH B . 
E 3 HOH 26 369 369 HOH HOH B . 
E 3 HOH 27 373 373 HOH HOH B . 
E 3 HOH 28 378 378 HOH HOH B . 
E 3 HOH 29 387 387 HOH HOH B . 
E 3 HOH 30 388 388 HOH HOH B . 
E 3 HOH 31 389 389 HOH HOH B . 
E 3 HOH 32 390 390 HOH HOH B . 
E 3 HOH 33 391 391 HOH HOH B . 
E 3 HOH 34 392 392 HOH HOH B . 
E 3 HOH 35 393 393 HOH HOH B . 
E 3 HOH 36 394 394 HOH HOH B . 
E 3 HOH 37 396 396 HOH HOH B . 
E 3 HOH 38 397 397 HOH HOH B . 
E 3 HOH 39 398 398 HOH HOH B . 
E 3 HOH 40 400 400 HOH HOH B . 
E 3 HOH 41 402 402 HOH HOH B . 
E 3 HOH 42 403 403 HOH HOH B . 
E 3 HOH 43 406 406 HOH HOH B . 
E 3 HOH 44 407 407 HOH HOH B . 
E 3 HOH 45 410 410 HOH HOH B . 
E 3 HOH 46 412 412 HOH HOH B . 
E 3 HOH 47 415 415 HOH HOH B . 
E 3 HOH 48 416 416 HOH HOH B . 
E 3 HOH 49 417 417 HOH HOH B . 
E 3 HOH 50 418 418 HOH HOH B . 
E 3 HOH 51 420 420 HOH HOH B . 
E 3 HOH 52 428 428 HOH HOH B . 
E 3 HOH 53 429 429 HOH HOH B . 
E 3 HOH 54 434 434 HOH HOH B . 
E 3 HOH 55 436 436 HOH HOH B . 
E 3 HOH 56 438 438 HOH HOH B . 
E 3 HOH 57 439 439 HOH HOH B . 
E 3 HOH 58 440 440 HOH HOH B . 
E 3 HOH 59 442 442 HOH HOH B . 
E 3 HOH 60 443 443 HOH HOH B . 
E 3 HOH 61 444 444 HOH HOH B . 
E 3 HOH 62 445 445 HOH HOH B . 
E 3 HOH 63 448 448 HOH HOH B . 
E 3 HOH 64 452 452 HOH HOH B . 
E 3 HOH 65 454 454 HOH HOH B . 
E 3 HOH 66 455 455 HOH HOH B . 
E 3 HOH 67 457 457 HOH HOH B . 
E 3 HOH 68 459 459 HOH HOH B . 
E 3 HOH 69 460 460 HOH HOH B . 
E 3 HOH 70 461 461 HOH HOH B . 
E 3 HOH 71 462 462 HOH HOH B . 
E 3 HOH 72 463 463 HOH HOH B . 
E 3 HOH 73 465 465 HOH HOH B . 
E 3 HOH 74 473 473 HOH HOH B . 
E 3 HOH 75 476 476 HOH HOH B . 
E 3 HOH 76 479 479 HOH HOH B . 
E 3 HOH 77 480 480 HOH HOH B . 
E 3 HOH 78 485 485 HOH HOH B . 
E 3 HOH 79 488 488 HOH HOH B . 
E 3 HOH 80 492 492 HOH HOH B . 
E 3 HOH 81 495 495 HOH HOH B . 
E 3 HOH 82 497 497 HOH HOH B . 
E 3 HOH 83 498 498 HOH HOH B . 
E 3 HOH 84 501 501 HOH HOH B . 
# 
loop_
_pdbx_struct_mod_residue.id 
_pdbx_struct_mod_residue.label_asym_id 
_pdbx_struct_mod_residue.label_comp_id 
_pdbx_struct_mod_residue.label_seq_id 
_pdbx_struct_mod_residue.auth_asym_id 
_pdbx_struct_mod_residue.auth_comp_id 
_pdbx_struct_mod_residue.auth_seq_id 
_pdbx_struct_mod_residue.PDB_ins_code 
_pdbx_struct_mod_residue.parent_comp_id 
_pdbx_struct_mod_residue.details 
1 A UAR 7 A UAR 7   ? U 
;URACIL ARABINOSE-5'-PHOSPHATE
;
2 B UAR 7 B UAR 119 ? U 
;URACIL ARABINOSE-5'-PHOSPHATE
;
# 
_pdbx_struct_assembly.id                   1 
_pdbx_struct_assembly.details              author_defined_assembly 
_pdbx_struct_assembly.method_details       ? 
_pdbx_struct_assembly.oligomeric_details   dimeric 
_pdbx_struct_assembly.oligomeric_count     2 
# 
_pdbx_struct_assembly_gen.assembly_id       1 
_pdbx_struct_assembly_gen.oper_expression   1 
_pdbx_struct_assembly_gen.asym_id_list      A,B,C,D,E 
# 
_pdbx_struct_oper_list.id                   1 
_pdbx_struct_oper_list.type                 'identity operation' 
_pdbx_struct_oper_list.name                 1_555 
_pdbx_struct_oper_list.symmetry_operation   x,y,z 
_pdbx_struct_oper_list.matrix[1][1]         1.0000000000 
_pdbx_struct_oper_list.matrix[1][2]         0.0000000000 
_pdbx_struct_oper_list.matrix[1][3]         0.0000000000 
_pdbx_struct_oper_list.vector[1]            0.0000000000 
_pdbx_struct_oper_list.matrix[2][1]         0.0000000000 
_pdbx_struct_oper_list.matrix[2][2]         1.0000000000 
_pdbx_struct_oper_list.matrix[2][3]         0.0000000000 
_pdbx_struct_oper_list.vector[2]            0.0000000000 
_pdbx_struct_oper_list.matrix[3][1]         0.0000000000 
_pdbx_struct_oper_list.matrix[3][2]         0.0000000000 
_pdbx_struct_oper_list.matrix[3][3]         1.0000000000 
_pdbx_struct_oper_list.vector[3]            0.0000000000 
# 
loop_
_pdbx_struct_conn_angle.id 
_pdbx_struct_conn_angle.ptnr1_label_atom_id 
_pdbx_struct_conn_angle.ptnr1_label_alt_id 
_pdbx_struct_conn_angle.ptnr1_label_asym_id 
_pdbx_struct_conn_angle.ptnr1_label_comp_id 
_pdbx_struct_conn_angle.ptnr1_label_seq_id 
_pdbx_struct_conn_angle.ptnr1_auth_atom_id 
_pdbx_struct_conn_angle.ptnr1_auth_asym_id 
_pdbx_struct_conn_angle.ptnr1_auth_comp_id 
_pdbx_struct_conn_angle.ptnr1_auth_seq_id 
_pdbx_struct_conn_angle.ptnr1_PDB_ins_code 
_pdbx_struct_conn_angle.ptnr1_symmetry 
_pdbx_struct_conn_angle.ptnr2_label_atom_id 
_pdbx_struct_conn_angle.ptnr2_label_alt_id 
_pdbx_struct_conn_angle.ptnr2_label_asym_id 
_pdbx_struct_conn_angle.ptnr2_label_comp_id 
_pdbx_struct_conn_angle.ptnr2_label_seq_id 
_pdbx_struct_conn_angle.ptnr2_auth_atom_id 
_pdbx_struct_conn_angle.ptnr2_auth_asym_id 
_pdbx_struct_conn_angle.ptnr2_auth_comp_id 
_pdbx_struct_conn_angle.ptnr2_auth_seq_id 
_pdbx_struct_conn_angle.ptnr2_PDB_ins_code 
_pdbx_struct_conn_angle.ptnr2_symmetry 
_pdbx_struct_conn_angle.ptnr3_label_atom_id 
_pdbx_struct_conn_angle.ptnr3_label_alt_id 
_pdbx_struct_conn_angle.ptnr3_label_asym_id 
_pdbx_struct_conn_angle.ptnr3_label_comp_id 
_pdbx_struct_conn_angle.ptnr3_label_seq_id 
_pdbx_struct_conn_angle.ptnr3_auth_atom_id 
_pdbx_struct_conn_angle.ptnr3_auth_asym_id 
_pdbx_struct_conn_angle.ptnr3_auth_comp_id 
_pdbx_struct_conn_angle.ptnr3_auth_seq_id 
_pdbx_struct_conn_angle.ptnr3_PDB_ins_code 
_pdbx_struct_conn_angle.ptnr3_symmetry 
_pdbx_struct_conn_angle.value 
_pdbx_struct_conn_angle.value_esd 
1  O ? D HOH . ? A HOH 305 ? 3_446 MG ? C MG . ? A MG 493 ? 1_555 O ? D HOH . ? A HOH 308 ? 3_446 87.5  ? 
2  O ? D HOH . ? A HOH 305 ? 3_446 MG ? C MG . ? A MG 493 ? 1_555 O ? D HOH . ? A HOH 309 ? 3_446 92.0  ? 
3  O ? D HOH . ? A HOH 308 ? 3_446 MG ? C MG . ? A MG 493 ? 1_555 O ? D HOH . ? A HOH 309 ? 3_446 91.3  ? 
4  O ? D HOH . ? A HOH 305 ? 3_446 MG ? C MG . ? A MG 493 ? 1_555 O ? D HOH . ? A HOH 340 ? 1_555 92.3  ? 
5  O ? D HOH . ? A HOH 308 ? 3_446 MG ? C MG . ? A MG 493 ? 1_555 O ? D HOH . ? A HOH 340 ? 1_555 87.1  ? 
6  O ? D HOH . ? A HOH 309 ? 3_446 MG ? C MG . ? A MG 493 ? 1_555 O ? D HOH . ? A HOH 340 ? 1_555 175.3 ? 
7  O ? D HOH . ? A HOH 305 ? 3_446 MG ? C MG . ? A MG 493 ? 1_555 O ? D HOH . ? A HOH 372 ? 3_446 87.9  ? 
8  O ? D HOH . ? A HOH 308 ? 3_446 MG ? C MG . ? A MG 493 ? 1_555 O ? D HOH . ? A HOH 372 ? 3_446 175.3 ? 
9  O ? D HOH . ? A HOH 309 ? 3_446 MG ? C MG . ? A MG 493 ? 1_555 O ? D HOH . ? A HOH 372 ? 3_446 89.6  ? 
10 O ? D HOH . ? A HOH 340 ? 1_555 MG ? C MG . ? A MG 493 ? 1_555 O ? D HOH . ? A HOH 372 ? 3_446 92.4  ? 
11 O ? D HOH . ? A HOH 305 ? 3_446 MG ? C MG . ? A MG 493 ? 1_555 O ? E HOH . ? B HOH 341 ? 1_555 176.8 ? 
12 O ? D HOH . ? A HOH 308 ? 3_446 MG ? C MG . ? A MG 493 ? 1_555 O ? E HOH . ? B HOH 341 ? 1_555 90.1  ? 
13 O ? D HOH . ? A HOH 309 ? 3_446 MG ? C MG . ? A MG 493 ? 1_555 O ? E HOH . ? B HOH 341 ? 1_555 90.0  ? 
14 O ? D HOH . ? A HOH 340 ? 1_555 MG ? C MG . ? A MG 493 ? 1_555 O ? E HOH . ? B HOH 341 ? 1_555 85.6  ? 
15 O ? D HOH . ? A HOH 372 ? 3_446 MG ? C MG . ? A MG 493 ? 1_555 O ? E HOH . ? B HOH 341 ? 1_555 94.5  ? 
# 
loop_
_pdbx_audit_revision_history.ordinal 
_pdbx_audit_revision_history.data_content_type 
_pdbx_audit_revision_history.major_revision 
_pdbx_audit_revision_history.minor_revision 
_pdbx_audit_revision_history.revision_date 
1 'Structure model' 1 0 2006-05-23 
2 'Structure model' 1 1 2008-05-01 
3 'Structure model' 1 2 2011-07-13 
4 'Structure model' 1 3 2011-12-28 
5 'Structure model' 1 4 2023-08-30 
# 
_pdbx_audit_revision_details.ordinal             1 
_pdbx_audit_revision_details.revision_ordinal    1 
_pdbx_audit_revision_details.data_content_type   'Structure model' 
_pdbx_audit_revision_details.provider            repository 
_pdbx_audit_revision_details.type                'Initial release' 
_pdbx_audit_revision_details.description         ? 
_pdbx_audit_revision_details.details             ? 
# 
loop_
_pdbx_audit_revision_group.ordinal 
_pdbx_audit_revision_group.revision_ordinal 
_pdbx_audit_revision_group.data_content_type 
_pdbx_audit_revision_group.group 
1 2 'Structure model' 'Version format compliance' 
2 3 'Structure model' 'Version format compliance' 
3 4 'Structure model' Advisory                    
4 5 'Structure model' 'Data collection'           
5 5 'Structure model' 'Database references'       
6 5 'Structure model' 'Derived calculations'      
7 5 'Structure model' 'Refinement description'    
# 
loop_
_pdbx_audit_revision_category.ordinal 
_pdbx_audit_revision_category.revision_ordinal 
_pdbx_audit_revision_category.data_content_type 
_pdbx_audit_revision_category.category 
1 5 'Structure model' chem_comp_atom                
2 5 'Structure model' chem_comp_bond                
3 5 'Structure model' database_2                    
4 5 'Structure model' pdbx_initial_refinement_model 
5 5 'Structure model' pdbx_struct_conn_angle        
6 5 'Structure model' struct_conn                   
7 5 'Structure model' struct_site                   
# 
loop_
_pdbx_audit_revision_item.ordinal 
_pdbx_audit_revision_item.revision_ordinal 
_pdbx_audit_revision_item.data_content_type 
_pdbx_audit_revision_item.item 
1  5 'Structure model' '_database_2.pdbx_DOI'                        
2  5 'Structure model' '_database_2.pdbx_database_accession'         
3  5 'Structure model' '_pdbx_struct_conn_angle.ptnr1_auth_asym_id'  
4  5 'Structure model' '_pdbx_struct_conn_angle.ptnr1_auth_seq_id'   
5  5 'Structure model' '_pdbx_struct_conn_angle.ptnr1_label_asym_id' 
6  5 'Structure model' '_pdbx_struct_conn_angle.ptnr1_symmetry'      
7  5 'Structure model' '_pdbx_struct_conn_angle.ptnr3_auth_asym_id'  
8  5 'Structure model' '_pdbx_struct_conn_angle.ptnr3_auth_seq_id'   
9  5 'Structure model' '_pdbx_struct_conn_angle.ptnr3_label_asym_id' 
10 5 'Structure model' '_pdbx_struct_conn_angle.ptnr3_symmetry'      
11 5 'Structure model' '_pdbx_struct_conn_angle.value'               
12 5 'Structure model' '_struct_conn.conn_type_id'                   
13 5 'Structure model' '_struct_conn.id'                             
14 5 'Structure model' '_struct_conn.pdbx_dist_value'                
15 5 'Structure model' '_struct_conn.pdbx_leaving_atom_flag'         
16 5 'Structure model' '_struct_conn.ptnr1_auth_asym_id'             
17 5 'Structure model' '_struct_conn.ptnr1_auth_comp_id'             
18 5 'Structure model' '_struct_conn.ptnr1_auth_seq_id'              
19 5 'Structure model' '_struct_conn.ptnr1_label_asym_id'            
20 5 'Structure model' '_struct_conn.ptnr1_label_atom_id'            
21 5 'Structure model' '_struct_conn.ptnr1_label_comp_id'            
22 5 'Structure model' '_struct_conn.ptnr1_label_seq_id'             
23 5 'Structure model' '_struct_conn.ptnr1_symmetry'                 
24 5 'Structure model' '_struct_conn.ptnr2_auth_asym_id'             
25 5 'Structure model' '_struct_conn.ptnr2_auth_comp_id'             
26 5 'Structure model' '_struct_conn.ptnr2_auth_seq_id'              
27 5 'Structure model' '_struct_conn.ptnr2_label_asym_id'            
28 5 'Structure model' '_struct_conn.ptnr2_label_atom_id'            
29 5 'Structure model' '_struct_conn.ptnr2_label_comp_id'            
30 5 'Structure model' '_struct_conn.ptnr2_label_seq_id'             
31 5 'Structure model' '_struct_conn.ptnr2_symmetry'                 
32 5 'Structure model' '_struct_site.pdbx_auth_asym_id'              
33 5 'Structure model' '_struct_site.pdbx_auth_comp_id'              
34 5 'Structure model' '_struct_site.pdbx_auth_seq_id'               
# 
loop_
_software.name 
_software.classification 
_software.version 
_software.citation_id 
_software.pdbx_ordinal 
DENZO     'data reduction' . ? 1 
SCALEPACK 'data scaling'   . ? 2 
EPMR      phasing          . ? 3 
SHELXL-97 refinement       . ? 4 
# 
loop_
_pdbx_validate_rmsd_bond.id 
_pdbx_validate_rmsd_bond.PDB_model_num 
_pdbx_validate_rmsd_bond.auth_atom_id_1 
_pdbx_validate_rmsd_bond.auth_asym_id_1 
_pdbx_validate_rmsd_bond.auth_comp_id_1 
_pdbx_validate_rmsd_bond.auth_seq_id_1 
_pdbx_validate_rmsd_bond.PDB_ins_code_1 
_pdbx_validate_rmsd_bond.label_alt_id_1 
_pdbx_validate_rmsd_bond.auth_atom_id_2 
_pdbx_validate_rmsd_bond.auth_asym_id_2 
_pdbx_validate_rmsd_bond.auth_comp_id_2 
_pdbx_validate_rmsd_bond.auth_seq_id_2 
_pdbx_validate_rmsd_bond.PDB_ins_code_2 
_pdbx_validate_rmsd_bond.label_alt_id_2 
_pdbx_validate_rmsd_bond.bond_value 
_pdbx_validate_rmsd_bond.bond_target_value 
_pdbx_validate_rmsd_bond.bond_deviation 
_pdbx_validate_rmsd_bond.bond_standard_deviation 
_pdbx_validate_rmsd_bond.linker_flag 
1  1 "C2'" A DC 1   ? ? "C1'" A DC 1   ? ? 1.457 1.518 -0.061 0.010 N 
2  1 "O4'" A DC 1   ? ? "C1'" A DC 1   ? ? 1.505 1.420 0.085  0.011 N 
3  1 "C2'" A DG 2   ? ? "C1'" A DG 2   ? ? 1.456 1.518 -0.062 0.010 N 
4  1 "O4'" A DG 2   ? ? "C1'" A DG 2   ? ? 1.488 1.420 0.068  0.011 N 
5  1 "O3'" A DG 2   ? ? P     A DC 3   ? ? 1.529 1.607 -0.078 0.012 Y 
6  1 "C2'" A DC 3   ? ? "C1'" A DC 3   ? ? 1.446 1.518 -0.072 0.010 N 
7  1 "O4'" A DC 3   ? ? "C1'" A DC 3   ? ? 1.538 1.420 0.118  0.011 N 
8  1 "O4'" A DA 5   ? ? "C1'" A DA 5   ? ? 1.506 1.420 0.086  0.011 N 
9  1 "C2'" A DA 6   ? ? "C1'" A DA 6   ? ? 1.455 1.518 -0.063 0.010 N 
10 1 "O4'" A DA 6   ? ? "C1'" A DA 6   ? ? 1.503 1.420 0.083  0.011 N 
11 1 "C2'" A DT 8   ? ? "C1'" A DT 8   ? ? 1.454 1.518 -0.064 0.010 N 
12 1 "O4'" A DT 8   ? ? "C1'" A DT 8   ? ? 1.540 1.420 0.120  0.011 N 
13 1 "C2'" A DC 9   ? ? "C1'" A DC 9   ? ? 1.412 1.518 -0.106 0.010 N 
14 1 "O4'" A DC 9   ? ? "C1'" A DC 9   ? ? 1.569 1.420 0.149  0.011 N 
15 1 "C2'" A DC 11  ? ? "C1'" A DC 11  ? ? 1.437 1.518 -0.081 0.010 N 
16 1 "O4'" A DC 11  ? ? "C1'" A DC 11  ? ? 1.564 1.420 0.144  0.011 N 
17 1 "C2'" A DG 12  ? ? "C1'" A DG 12  ? ? 1.437 1.518 -0.081 0.010 N 
18 1 "O4'" A DG 12  ? ? "C1'" A DG 12  ? ? 1.526 1.420 0.106  0.011 N 
19 1 "O4'" B DC 113 ? ? "C1'" B DC 113 ? ? 1.519 1.420 0.099  0.011 N 
20 1 "C2'" B DG 114 ? ? "C1'" B DG 114 ? ? 1.449 1.518 -0.069 0.010 N 
21 1 "O4'" B DG 114 ? ? "C1'" B DG 114 ? ? 1.493 1.420 0.073  0.011 N 
22 1 "C2'" B DC 115 ? ? "C1'" B DC 115 ? ? 1.417 1.518 -0.101 0.010 N 
23 1 "O4'" B DC 115 ? ? "C1'" B DC 115 ? ? 1.547 1.420 0.127  0.011 N 
24 1 "C2'" B DA 117 ? ? "C1'" B DA 117 ? ? 1.457 1.518 -0.061 0.010 N 
25 1 "O4'" B DA 117 ? ? "C1'" B DA 117 ? ? 1.539 1.420 0.119  0.011 N 
26 1 "C2'" B DA 118 ? ? "C1'" B DA 118 ? ? 1.429 1.518 -0.089 0.010 N 
27 1 "O4'" B DA 118 ? ? "C1'" B DA 118 ? ? 1.554 1.420 0.134  0.011 N 
28 1 "C2'" B DT 120 ? ? "C1'" B DT 120 ? ? 1.428 1.518 -0.090 0.010 N 
29 1 "O4'" B DT 120 ? ? "C1'" B DT 120 ? ? 1.537 1.420 0.117  0.011 N 
30 1 "C2'" B DC 121 ? ? "C1'" B DC 121 ? ? 1.449 1.518 -0.069 0.010 N 
31 1 "O4'" B DC 121 ? ? "C1'" B DC 121 ? ? 1.543 1.420 0.123  0.011 N 
32 1 "O4'" B DG 122 ? ? "C1'" B DG 122 ? ? 1.518 1.420 0.098  0.011 N 
33 1 "C2'" B DC 123 ? ? "C1'" B DC 123 ? ? 1.412 1.518 -0.106 0.010 N 
34 1 "O4'" B DC 123 ? ? "C1'" B DC 123 ? ? 1.570 1.420 0.150  0.011 N 
35 1 "C2'" B DG 124 ? ? "C1'" B DG 124 ? ? 1.415 1.518 -0.103 0.010 N 
36 1 "O4'" B DG 124 ? ? "C1'" B DG 124 ? ? 1.559 1.420 0.139  0.011 N 
# 
loop_
_pdbx_validate_rmsd_angle.id 
_pdbx_validate_rmsd_angle.PDB_model_num 
_pdbx_validate_rmsd_angle.auth_atom_id_1 
_pdbx_validate_rmsd_angle.auth_asym_id_1 
_pdbx_validate_rmsd_angle.auth_comp_id_1 
_pdbx_validate_rmsd_angle.auth_seq_id_1 
_pdbx_validate_rmsd_angle.PDB_ins_code_1 
_pdbx_validate_rmsd_angle.label_alt_id_1 
_pdbx_validate_rmsd_angle.auth_atom_id_2 
_pdbx_validate_rmsd_angle.auth_asym_id_2 
_pdbx_validate_rmsd_angle.auth_comp_id_2 
_pdbx_validate_rmsd_angle.auth_seq_id_2 
_pdbx_validate_rmsd_angle.PDB_ins_code_2 
_pdbx_validate_rmsd_angle.label_alt_id_2 
_pdbx_validate_rmsd_angle.auth_atom_id_3 
_pdbx_validate_rmsd_angle.auth_asym_id_3 
_pdbx_validate_rmsd_angle.auth_comp_id_3 
_pdbx_validate_rmsd_angle.auth_seq_id_3 
_pdbx_validate_rmsd_angle.PDB_ins_code_3 
_pdbx_validate_rmsd_angle.label_alt_id_3 
_pdbx_validate_rmsd_angle.angle_value 
_pdbx_validate_rmsd_angle.angle_target_value 
_pdbx_validate_rmsd_angle.angle_deviation 
_pdbx_validate_rmsd_angle.angle_standard_deviation 
_pdbx_validate_rmsd_angle.linker_flag 
1  1 "O4'" A DC 1   ? ? "C1'" A DC 1   ? ? N1    A DC 1   ? ? 102.11 108.00 -5.89  0.70 N 
2  1 "O4'" A DG 2   ? ? "C1'" A DG 2   ? ? N9    A DG 2   ? ? 103.36 108.00 -4.64  0.70 N 
3  1 "C3'" A DG 2   ? ? "O3'" A DG 2   ? ? P     A DC 3   ? ? 127.22 119.70 7.52   1.20 Y 
4  1 "C1'" A DC 3   ? ? "O4'" A DC 3   ? ? "C4'" A DC 3   ? ? 103.71 110.10 -6.39  1.00 N 
5  1 "O4'" A DC 3   ? ? "C1'" A DC 3   ? ? N1    A DC 3   ? ? 100.01 108.00 -7.99  0.70 N 
6  1 "C3'" A DG 4   ? ? "O3'" A DG 4   ? ? P     A DA 5   ? ? 128.48 119.70 8.78   1.20 Y 
7  1 "O4'" A DA 5   ? ? "C1'" A DA 5   ? ? N9    A DA 5   ? ? 102.68 108.00 -5.32  0.70 N 
8  1 "O4'" A DA 6   ? ? "C1'" A DA 6   ? ? N9    A DA 6   ? ? 103.77 108.00 -4.23  0.70 N 
9  1 "C1'" A DT 8   ? ? "O4'" A DT 8   ? ? "C4'" A DT 8   ? ? 103.60 110.10 -6.50  1.00 N 
10 1 N1    A DT 8   ? ? "C1'" A DT 8   ? ? "C2'" A DT 8   ? ? 122.88 114.30 8.58   1.40 N 
11 1 "O4'" A DT 8   ? ? "C1'" A DT 8   ? ? N1    A DT 8   ? ? 102.17 108.00 -5.83  0.70 N 
12 1 "C3'" A DT 8   ? ? "O3'" A DT 8   ? ? P     A DC 9   ? ? 128.25 119.70 8.55   1.20 Y 
13 1 N1    A DC 9   ? ? "C1'" A DC 9   ? ? "C2'" A DC 9   ? ? 125.61 114.30 11.31  1.40 N 
14 1 "O4'" A DC 9   ? ? "C1'" A DC 9   ? ? N1    A DC 9   ? ? 96.26  108.00 -11.74 0.70 N 
15 1 "C1'" A DG 10  ? ? "O4'" A DG 10  ? ? "C4'" A DG 10  ? ? 103.76 110.10 -6.34  1.00 N 
16 1 "C3'" A DG 10  ? ? "C2'" A DG 10  ? ? "C1'" A DG 10  ? ? 97.25  102.40 -5.15  0.80 N 
17 1 "C3'" A DG 10  ? ? "O3'" A DG 10  ? ? P     A DC 11  ? ? 127.80 119.70 8.10   1.20 Y 
18 1 N1    A DC 11  ? ? "C1'" A DC 11  ? ? "C2'" A DC 11  ? ? 126.45 114.30 12.15  1.40 N 
19 1 "O4'" A DC 11  ? ? "C1'" A DC 11  ? ? N1    A DC 11  ? ? 96.53  108.00 -11.47 0.70 N 
20 1 C6    A DC 11  ? ? N1    A DC 11  ? ? C2    A DC 11  ? ? 117.84 120.30 -2.46  0.40 N 
21 1 C5    A DC 11  ? ? C6    A DC 11  ? ? N1    A DC 11  ? ? 124.42 121.00 3.42   0.50 N 
22 1 "O4'" A DG 12  ? ? "C1'" A DG 12  ? ? N9    A DG 12  ? ? 100.55 108.00 -7.45  0.70 N 
23 1 N1    B DC 113 ? ? "C1'" B DC 113 ? ? "C2'" B DC 113 ? ? 122.78 114.30 8.48   1.40 N 
24 1 "O4'" B DC 113 ? ? "C1'" B DC 113 ? ? N1    B DC 113 ? ? 98.68  108.00 -9.32  0.70 N 
25 1 N3    B DC 113 ? ? C4    B DC 113 ? ? C5    B DC 113 ? ? 125.26 121.90 3.36   0.40 N 
26 1 C4    B DC 113 ? ? C5    B DC 113 ? ? C6    B DC 113 ? ? 113.92 117.40 -3.48  0.50 N 
27 1 "C1'" B DC 115 ? ? "O4'" B DC 115 ? ? "C4'" B DC 115 ? ? 103.83 110.10 -6.27  1.00 N 
28 1 "O4'" B DC 115 ? ? "C1'" B DC 115 ? ? N1    B DC 115 ? ? 98.43  108.00 -9.57  0.70 N 
29 1 "O4'" B DG 116 ? ? "C1'" B DG 116 ? ? N9    B DG 116 ? ? 112.75 108.30 4.45   0.30 N 
30 1 "C3'" B DG 116 ? ? "O3'" B DG 116 ? ? P     B DA 117 ? ? 130.79 119.70 11.09  1.20 Y 
31 1 "O4'" B DA 117 ? ? "C1'" B DA 117 ? ? N9    B DA 117 ? ? 101.51 108.00 -6.49  0.70 N 
32 1 "C3'" B DA 117 ? ? "O3'" B DA 117 ? ? P     B DA 118 ? ? 127.81 119.70 8.11   1.20 Y 
33 1 "O4'" B DA 118 ? ? "C1'" B DA 118 ? ? N9    B DA 118 ? ? 100.34 108.00 -7.66  0.70 N 
34 1 "O4'" B DT 120 ? ? "C1'" B DT 120 ? ? N1    B DT 120 ? ? 102.23 108.00 -5.77  0.70 N 
35 1 "O5'" B DC 121 ? ? "C5'" B DC 121 ? ? "C4'" B DC 121 ? ? 103.56 109.40 -5.84  0.80 N 
36 1 N1    B DC 121 ? ? "C1'" B DC 121 ? ? "C2'" B DC 121 ? ? 124.00 114.30 9.70   1.40 N 
37 1 "O4'" B DC 121 ? ? "C1'" B DC 121 ? ? N1    B DC 121 ? ? 99.31  108.00 -8.69  0.70 N 
38 1 C2    B DC 121 ? ? N3    B DC 121 ? ? C4    B DC 121 ? ? 123.17 119.90 3.27   0.50 N 
39 1 N3    B DC 121 ? ? C4    B DC 121 ? ? C5    B DC 121 ? ? 118.87 121.90 -3.03  0.40 N 
40 1 "C3'" B DG 122 ? ? "O3'" B DG 122 ? ? P     B DC 123 ? ? 129.05 119.70 9.35   1.20 Y 
41 1 N1    B DC 123 ? ? "C1'" B DC 123 ? ? "C2'" B DC 123 ? ? 123.66 114.30 9.36   1.40 N 
42 1 "O4'" B DC 123 ? ? "C1'" B DC 123 ? ? N1    B DC 123 ? ? 98.75  108.00 -9.25  0.70 N 
43 1 "O4'" B DG 124 ? ? "C1'" B DG 124 ? ? N9    B DG 124 ? ? 100.02 108.00 -7.98  0.70 N 
# 
loop_
_chem_comp_atom.comp_id 
_chem_comp_atom.atom_id 
_chem_comp_atom.type_symbol 
_chem_comp_atom.pdbx_aromatic_flag 
_chem_comp_atom.pdbx_stereo_config 
_chem_comp_atom.pdbx_ordinal 
DA  OP3    O  N N 1   
DA  P      P  N N 2   
DA  OP1    O  N N 3   
DA  OP2    O  N N 4   
DA  "O5'"  O  N N 5   
DA  "C5'"  C  N N 6   
DA  "C4'"  C  N R 7   
DA  "O4'"  O  N N 8   
DA  "C3'"  C  N S 9   
DA  "O3'"  O  N N 10  
DA  "C2'"  C  N N 11  
DA  "C1'"  C  N R 12  
DA  N9     N  Y N 13  
DA  C8     C  Y N 14  
DA  N7     N  Y N 15  
DA  C5     C  Y N 16  
DA  C6     C  Y N 17  
DA  N6     N  N N 18  
DA  N1     N  Y N 19  
DA  C2     C  Y N 20  
DA  N3     N  Y N 21  
DA  C4     C  Y N 22  
DA  HOP3   H  N N 23  
DA  HOP2   H  N N 24  
DA  "H5'"  H  N N 25  
DA  "H5''" H  N N 26  
DA  "H4'"  H  N N 27  
DA  "H3'"  H  N N 28  
DA  "HO3'" H  N N 29  
DA  "H2'"  H  N N 30  
DA  "H2''" H  N N 31  
DA  "H1'"  H  N N 32  
DA  H8     H  N N 33  
DA  H61    H  N N 34  
DA  H62    H  N N 35  
DA  H2     H  N N 36  
DC  OP3    O  N N 37  
DC  P      P  N N 38  
DC  OP1    O  N N 39  
DC  OP2    O  N N 40  
DC  "O5'"  O  N N 41  
DC  "C5'"  C  N N 42  
DC  "C4'"  C  N R 43  
DC  "O4'"  O  N N 44  
DC  "C3'"  C  N S 45  
DC  "O3'"  O  N N 46  
DC  "C2'"  C  N N 47  
DC  "C1'"  C  N R 48  
DC  N1     N  N N 49  
DC  C2     C  N N 50  
DC  O2     O  N N 51  
DC  N3     N  N N 52  
DC  C4     C  N N 53  
DC  N4     N  N N 54  
DC  C5     C  N N 55  
DC  C6     C  N N 56  
DC  HOP3   H  N N 57  
DC  HOP2   H  N N 58  
DC  "H5'"  H  N N 59  
DC  "H5''" H  N N 60  
DC  "H4'"  H  N N 61  
DC  "H3'"  H  N N 62  
DC  "HO3'" H  N N 63  
DC  "H2'"  H  N N 64  
DC  "H2''" H  N N 65  
DC  "H1'"  H  N N 66  
DC  H41    H  N N 67  
DC  H42    H  N N 68  
DC  H5     H  N N 69  
DC  H6     H  N N 70  
DG  OP3    O  N N 71  
DG  P      P  N N 72  
DG  OP1    O  N N 73  
DG  OP2    O  N N 74  
DG  "O5'"  O  N N 75  
DG  "C5'"  C  N N 76  
DG  "C4'"  C  N R 77  
DG  "O4'"  O  N N 78  
DG  "C3'"  C  N S 79  
DG  "O3'"  O  N N 80  
DG  "C2'"  C  N N 81  
DG  "C1'"  C  N R 82  
DG  N9     N  Y N 83  
DG  C8     C  Y N 84  
DG  N7     N  Y N 85  
DG  C5     C  Y N 86  
DG  C6     C  N N 87  
DG  O6     O  N N 88  
DG  N1     N  N N 89  
DG  C2     C  N N 90  
DG  N2     N  N N 91  
DG  N3     N  N N 92  
DG  C4     C  Y N 93  
DG  HOP3   H  N N 94  
DG  HOP2   H  N N 95  
DG  "H5'"  H  N N 96  
DG  "H5''" H  N N 97  
DG  "H4'"  H  N N 98  
DG  "H3'"  H  N N 99  
DG  "HO3'" H  N N 100 
DG  "H2'"  H  N N 101 
DG  "H2''" H  N N 102 
DG  "H1'"  H  N N 103 
DG  H8     H  N N 104 
DG  H1     H  N N 105 
DG  H21    H  N N 106 
DG  H22    H  N N 107 
DT  OP3    O  N N 108 
DT  P      P  N N 109 
DT  OP1    O  N N 110 
DT  OP2    O  N N 111 
DT  "O5'"  O  N N 112 
DT  "C5'"  C  N N 113 
DT  "C4'"  C  N R 114 
DT  "O4'"  O  N N 115 
DT  "C3'"  C  N S 116 
DT  "O3'"  O  N N 117 
DT  "C2'"  C  N N 118 
DT  "C1'"  C  N R 119 
DT  N1     N  N N 120 
DT  C2     C  N N 121 
DT  O2     O  N N 122 
DT  N3     N  N N 123 
DT  C4     C  N N 124 
DT  O4     O  N N 125 
DT  C5     C  N N 126 
DT  C7     C  N N 127 
DT  C6     C  N N 128 
DT  HOP3   H  N N 129 
DT  HOP2   H  N N 130 
DT  "H5'"  H  N N 131 
DT  "H5''" H  N N 132 
DT  "H4'"  H  N N 133 
DT  "H3'"  H  N N 134 
DT  "HO3'" H  N N 135 
DT  "H2'"  H  N N 136 
DT  "H2''" H  N N 137 
DT  "H1'"  H  N N 138 
DT  H3     H  N N 139 
DT  H71    H  N N 140 
DT  H72    H  N N 141 
DT  H73    H  N N 142 
DT  H6     H  N N 143 
HOH O      O  N N 144 
HOH H1     H  N N 145 
HOH H2     H  N N 146 
MG  MG     MG N N 147 
UAR OP3    O  N N 148 
UAR P      P  N N 149 
UAR OP1    O  N N 150 
UAR OP2    O  N N 151 
UAR "O5'"  O  N N 152 
UAR "C5'"  C  N N 153 
UAR "C4'"  C  N R 154 
UAR "O4'"  O  N N 155 
UAR "C3'"  C  N S 156 
UAR "O3'"  O  N N 157 
UAR "C2'"  C  N S 158 
UAR "O2'"  O  N N 159 
UAR "C1'"  C  N R 160 
UAR N1     N  N N 161 
UAR C2     C  N N 162 
UAR O2     O  N N 163 
UAR N3     N  N N 164 
UAR C4     C  N N 165 
UAR O4     O  N N 166 
UAR C5     C  N N 167 
UAR C6     C  N N 168 
UAR HOP3   H  N N 169 
UAR HOP2   H  N N 170 
UAR "H5'"  H  N N 171 
UAR "H5''" H  N N 172 
UAR "H4'"  H  N N 173 
UAR "H3'"  H  N N 174 
UAR "HO3'" H  N N 175 
UAR "H2'"  H  N N 176 
UAR "HO2'" H  N N 177 
UAR "H1'"  H  N N 178 
UAR H3     H  N N 179 
UAR H5     H  N N 180 
UAR H6     H  N N 181 
# 
loop_
_chem_comp_bond.comp_id 
_chem_comp_bond.atom_id_1 
_chem_comp_bond.atom_id_2 
_chem_comp_bond.value_order 
_chem_comp_bond.pdbx_aromatic_flag 
_chem_comp_bond.pdbx_stereo_config 
_chem_comp_bond.pdbx_ordinal 
DA  OP3   P      sing N N 1   
DA  OP3   HOP3   sing N N 2   
DA  P     OP1    doub N N 3   
DA  P     OP2    sing N N 4   
DA  P     "O5'"  sing N N 5   
DA  OP2   HOP2   sing N N 6   
DA  "O5'" "C5'"  sing N N 7   
DA  "C5'" "C4'"  sing N N 8   
DA  "C5'" "H5'"  sing N N 9   
DA  "C5'" "H5''" sing N N 10  
DA  "C4'" "O4'"  sing N N 11  
DA  "C4'" "C3'"  sing N N 12  
DA  "C4'" "H4'"  sing N N 13  
DA  "O4'" "C1'"  sing N N 14  
DA  "C3'" "O3'"  sing N N 15  
DA  "C3'" "C2'"  sing N N 16  
DA  "C3'" "H3'"  sing N N 17  
DA  "O3'" "HO3'" sing N N 18  
DA  "C2'" "C1'"  sing N N 19  
DA  "C2'" "H2'"  sing N N 20  
DA  "C2'" "H2''" sing N N 21  
DA  "C1'" N9     sing N N 22  
DA  "C1'" "H1'"  sing N N 23  
DA  N9    C8     sing Y N 24  
DA  N9    C4     sing Y N 25  
DA  C8    N7     doub Y N 26  
DA  C8    H8     sing N N 27  
DA  N7    C5     sing Y N 28  
DA  C5    C6     sing Y N 29  
DA  C5    C4     doub Y N 30  
DA  C6    N6     sing N N 31  
DA  C6    N1     doub Y N 32  
DA  N6    H61    sing N N 33  
DA  N6    H62    sing N N 34  
DA  N1    C2     sing Y N 35  
DA  C2    N3     doub Y N 36  
DA  C2    H2     sing N N 37  
DA  N3    C4     sing Y N 38  
DC  OP3   P      sing N N 39  
DC  OP3   HOP3   sing N N 40  
DC  P     OP1    doub N N 41  
DC  P     OP2    sing N N 42  
DC  P     "O5'"  sing N N 43  
DC  OP2   HOP2   sing N N 44  
DC  "O5'" "C5'"  sing N N 45  
DC  "C5'" "C4'"  sing N N 46  
DC  "C5'" "H5'"  sing N N 47  
DC  "C5'" "H5''" sing N N 48  
DC  "C4'" "O4'"  sing N N 49  
DC  "C4'" "C3'"  sing N N 50  
DC  "C4'" "H4'"  sing N N 51  
DC  "O4'" "C1'"  sing N N 52  
DC  "C3'" "O3'"  sing N N 53  
DC  "C3'" "C2'"  sing N N 54  
DC  "C3'" "H3'"  sing N N 55  
DC  "O3'" "HO3'" sing N N 56  
DC  "C2'" "C1'"  sing N N 57  
DC  "C2'" "H2'"  sing N N 58  
DC  "C2'" "H2''" sing N N 59  
DC  "C1'" N1     sing N N 60  
DC  "C1'" "H1'"  sing N N 61  
DC  N1    C2     sing N N 62  
DC  N1    C6     sing N N 63  
DC  C2    O2     doub N N 64  
DC  C2    N3     sing N N 65  
DC  N3    C4     doub N N 66  
DC  C4    N4     sing N N 67  
DC  C4    C5     sing N N 68  
DC  N4    H41    sing N N 69  
DC  N4    H42    sing N N 70  
DC  C5    C6     doub N N 71  
DC  C5    H5     sing N N 72  
DC  C6    H6     sing N N 73  
DG  OP3   P      sing N N 74  
DG  OP3   HOP3   sing N N 75  
DG  P     OP1    doub N N 76  
DG  P     OP2    sing N N 77  
DG  P     "O5'"  sing N N 78  
DG  OP2   HOP2   sing N N 79  
DG  "O5'" "C5'"  sing N N 80  
DG  "C5'" "C4'"  sing N N 81  
DG  "C5'" "H5'"  sing N N 82  
DG  "C5'" "H5''" sing N N 83  
DG  "C4'" "O4'"  sing N N 84  
DG  "C4'" "C3'"  sing N N 85  
DG  "C4'" "H4'"  sing N N 86  
DG  "O4'" "C1'"  sing N N 87  
DG  "C3'" "O3'"  sing N N 88  
DG  "C3'" "C2'"  sing N N 89  
DG  "C3'" "H3'"  sing N N 90  
DG  "O3'" "HO3'" sing N N 91  
DG  "C2'" "C1'"  sing N N 92  
DG  "C2'" "H2'"  sing N N 93  
DG  "C2'" "H2''" sing N N 94  
DG  "C1'" N9     sing N N 95  
DG  "C1'" "H1'"  sing N N 96  
DG  N9    C8     sing Y N 97  
DG  N9    C4     sing Y N 98  
DG  C8    N7     doub Y N 99  
DG  C8    H8     sing N N 100 
DG  N7    C5     sing Y N 101 
DG  C5    C6     sing N N 102 
DG  C5    C4     doub Y N 103 
DG  C6    O6     doub N N 104 
DG  C6    N1     sing N N 105 
DG  N1    C2     sing N N 106 
DG  N1    H1     sing N N 107 
DG  C2    N2     sing N N 108 
DG  C2    N3     doub N N 109 
DG  N2    H21    sing N N 110 
DG  N2    H22    sing N N 111 
DG  N3    C4     sing N N 112 
DT  OP3   P      sing N N 113 
DT  OP3   HOP3   sing N N 114 
DT  P     OP1    doub N N 115 
DT  P     OP2    sing N N 116 
DT  P     "O5'"  sing N N 117 
DT  OP2   HOP2   sing N N 118 
DT  "O5'" "C5'"  sing N N 119 
DT  "C5'" "C4'"  sing N N 120 
DT  "C5'" "H5'"  sing N N 121 
DT  "C5'" "H5''" sing N N 122 
DT  "C4'" "O4'"  sing N N 123 
DT  "C4'" "C3'"  sing N N 124 
DT  "C4'" "H4'"  sing N N 125 
DT  "O4'" "C1'"  sing N N 126 
DT  "C3'" "O3'"  sing N N 127 
DT  "C3'" "C2'"  sing N N 128 
DT  "C3'" "H3'"  sing N N 129 
DT  "O3'" "HO3'" sing N N 130 
DT  "C2'" "C1'"  sing N N 131 
DT  "C2'" "H2'"  sing N N 132 
DT  "C2'" "H2''" sing N N 133 
DT  "C1'" N1     sing N N 134 
DT  "C1'" "H1'"  sing N N 135 
DT  N1    C2     sing N N 136 
DT  N1    C6     sing N N 137 
DT  C2    O2     doub N N 138 
DT  C2    N3     sing N N 139 
DT  N3    C4     sing N N 140 
DT  N3    H3     sing N N 141 
DT  C4    O4     doub N N 142 
DT  C4    C5     sing N N 143 
DT  C5    C7     sing N N 144 
DT  C5    C6     doub N N 145 
DT  C7    H71    sing N N 146 
DT  C7    H72    sing N N 147 
DT  C7    H73    sing N N 148 
DT  C6    H6     sing N N 149 
HOH O     H1     sing N N 150 
HOH O     H2     sing N N 151 
UAR OP3   P      sing N N 152 
UAR OP3   HOP3   sing N N 153 
UAR P     OP1    doub N N 154 
UAR P     OP2    sing N N 155 
UAR P     "O5'"  sing N N 156 
UAR OP2   HOP2   sing N N 157 
UAR "O5'" "C5'"  sing N N 158 
UAR "C5'" "C4'"  sing N N 159 
UAR "C5'" "H5'"  sing N N 160 
UAR "C5'" "H5''" sing N N 161 
UAR "C4'" "O4'"  sing N N 162 
UAR "C4'" "C3'"  sing N N 163 
UAR "C4'" "H4'"  sing N N 164 
UAR "O4'" "C1'"  sing N N 165 
UAR "C3'" "O3'"  sing N N 166 
UAR "C3'" "C2'"  sing N N 167 
UAR "C3'" "H3'"  sing N N 168 
UAR "O3'" "HO3'" sing N N 169 
UAR "C2'" "O2'"  sing N N 170 
UAR "C2'" "C1'"  sing N N 171 
UAR "C2'" "H2'"  sing N N 172 
UAR "O2'" "HO2'" sing N N 173 
UAR "C1'" N1     sing N N 174 
UAR "C1'" "H1'"  sing N N 175 
UAR N1    C2     sing N N 176 
UAR N1    C6     sing N N 177 
UAR C2    O2     doub N N 178 
UAR C2    N3     sing N N 179 
UAR N3    C4     sing N N 180 
UAR N3    H3     sing N N 181 
UAR C4    O4     doub N N 182 
UAR C4    C5     sing N N 183 
UAR C5    C6     doub N N 184 
UAR C5    H5     sing N N 185 
UAR C6    H6     sing N N 186 
# 
loop_
_ndb_struct_conf_na.entry_id 
_ndb_struct_conf_na.feature 
2FIH 'double helix'        
2FIH 'b-form double helix' 
# 
loop_
_ndb_struct_na_base_pair.model_number 
_ndb_struct_na_base_pair.i_label_asym_id 
_ndb_struct_na_base_pair.i_label_comp_id 
_ndb_struct_na_base_pair.i_label_seq_id 
_ndb_struct_na_base_pair.i_symmetry 
_ndb_struct_na_base_pair.j_label_asym_id 
_ndb_struct_na_base_pair.j_label_comp_id 
_ndb_struct_na_base_pair.j_label_seq_id 
_ndb_struct_na_base_pair.j_symmetry 
_ndb_struct_na_base_pair.shear 
_ndb_struct_na_base_pair.stretch 
_ndb_struct_na_base_pair.stagger 
_ndb_struct_na_base_pair.buckle 
_ndb_struct_na_base_pair.propeller 
_ndb_struct_na_base_pair.opening 
_ndb_struct_na_base_pair.pair_number 
_ndb_struct_na_base_pair.pair_name 
_ndb_struct_na_base_pair.i_auth_asym_id 
_ndb_struct_na_base_pair.i_auth_seq_id 
_ndb_struct_na_base_pair.i_PDB_ins_code 
_ndb_struct_na_base_pair.j_auth_asym_id 
_ndb_struct_na_base_pair.j_auth_seq_id 
_ndb_struct_na_base_pair.j_PDB_ins_code 
_ndb_struct_na_base_pair.hbond_type_28 
_ndb_struct_na_base_pair.hbond_type_12 
1 A DC  1  1_555 B DG  12 1_555 0.268  -0.151 0.073  6.754   -13.980 -1.147 1  A_DC1:DG124_B  A 1  ? B 124 ? 19 1 
1 A DG  2  1_555 B DC  11 1_555 -0.223 -0.199 0.561  11.078  -11.508 -3.168 2  A_DG2:DC123_B  A 2  ? B 123 ? 19 1 
1 A DC  3  1_555 B DG  10 1_555 0.153  -0.157 0.137  -1.291  -5.542  -0.435 3  A_DC3:DG122_B  A 3  ? B 122 ? 19 1 
1 A DG  4  1_555 B DC  9  1_555 -0.223 -0.112 -0.011 11.090  -10.398 0.579  4  A_DG4:DC121_B  A 4  ? B 121 ? 19 1 
1 A DA  5  1_555 B DT  8  1_555 0.073  -0.064 -0.062 3.512   -15.607 2.997  5  A_DA5:DT120_B  A 5  ? B 120 ? 20 1 
1 A DA  6  1_555 B UAR 7  1_555 0.031  -0.093 0.201  5.761   -16.742 3.781  6  A_DA6:UAR119_B A 6  ? B 119 ? 20 1 
1 A UAR 7  1_555 B DA  6  1_555 -0.019 -0.111 0.214  -4.526  -17.033 4.082  7  A_UAR7:DA118_B A 7  ? B 118 ? 20 1 
1 A DT  8  1_555 B DA  5  1_555 -0.067 -0.171 -0.111 -1.215  -15.052 3.542  8  A_DT8:DA117_B  A 8  ? B 117 ? 20 1 
1 A DC  9  1_555 B DG  4  1_555 0.218  -0.122 0.085  -14.351 -6.566  -1.461 9  A_DC9:DG116_B  A 9  ? B 116 ? 19 1 
1 A DG  10 1_555 B DC  3  1_555 -0.130 -0.095 0.285  4.726   -6.892  2.236  10 A_DG10:DC115_B A 10 ? B 115 ? 19 1 
1 A DC  11 1_555 B DG  2  1_555 0.120  -0.190 0.245  0.347   -17.278 -1.980 11 A_DC11:DG114_B A 11 ? B 114 ? 19 1 
1 A DG  12 1_555 B DC  1  1_555 -0.227 -0.102 0.232  2.654   -6.037  -2.145 12 A_DG12:DC113_B A 12 ? B 113 ? 19 1 
# 
loop_
_ndb_struct_na_base_pair_step.model_number 
_ndb_struct_na_base_pair_step.i_label_asym_id_1 
_ndb_struct_na_base_pair_step.i_label_comp_id_1 
_ndb_struct_na_base_pair_step.i_label_seq_id_1 
_ndb_struct_na_base_pair_step.i_symmetry_1 
_ndb_struct_na_base_pair_step.j_label_asym_id_1 
_ndb_struct_na_base_pair_step.j_label_comp_id_1 
_ndb_struct_na_base_pair_step.j_label_seq_id_1 
_ndb_struct_na_base_pair_step.j_symmetry_1 
_ndb_struct_na_base_pair_step.i_label_asym_id_2 
_ndb_struct_na_base_pair_step.i_label_comp_id_2 
_ndb_struct_na_base_pair_step.i_label_seq_id_2 
_ndb_struct_na_base_pair_step.i_symmetry_2 
_ndb_struct_na_base_pair_step.j_label_asym_id_2 
_ndb_struct_na_base_pair_step.j_label_comp_id_2 
_ndb_struct_na_base_pair_step.j_label_seq_id_2 
_ndb_struct_na_base_pair_step.j_symmetry_2 
_ndb_struct_na_base_pair_step.shift 
_ndb_struct_na_base_pair_step.slide 
_ndb_struct_na_base_pair_step.rise 
_ndb_struct_na_base_pair_step.tilt 
_ndb_struct_na_base_pair_step.roll 
_ndb_struct_na_base_pair_step.twist 
_ndb_struct_na_base_pair_step.x_displacement 
_ndb_struct_na_base_pair_step.y_displacement 
_ndb_struct_na_base_pair_step.helical_rise 
_ndb_struct_na_base_pair_step.inclination 
_ndb_struct_na_base_pair_step.tip 
_ndb_struct_na_base_pair_step.helical_twist 
_ndb_struct_na_base_pair_step.step_number 
_ndb_struct_na_base_pair_step.step_name 
_ndb_struct_na_base_pair_step.i_auth_asym_id_1 
_ndb_struct_na_base_pair_step.i_auth_seq_id_1 
_ndb_struct_na_base_pair_step.i_PDB_ins_code_1 
_ndb_struct_na_base_pair_step.j_auth_asym_id_1 
_ndb_struct_na_base_pair_step.j_auth_seq_id_1 
_ndb_struct_na_base_pair_step.j_PDB_ins_code_1 
_ndb_struct_na_base_pair_step.i_auth_asym_id_2 
_ndb_struct_na_base_pair_step.i_auth_seq_id_2 
_ndb_struct_na_base_pair_step.i_PDB_ins_code_2 
_ndb_struct_na_base_pair_step.j_auth_asym_id_2 
_ndb_struct_na_base_pair_step.j_auth_seq_id_2 
_ndb_struct_na_base_pair_step.j_PDB_ins_code_2 
1 A DC  1  1_555 B DG  12 1_555 A DG  2  1_555 B DC  11 1_555 0.038  -0.074 3.162 -3.322 6.011   34.217 -1.003 -0.550 3.088 10.090 
5.576  34.879 1  AA_DC1DG2:DC123DG124_BB   A 1  ? B 124 ? A 2  ? B 123 ? 
1 A DG  2  1_555 B DC  11 1_555 A DC  3  1_555 B DG  10 1_555 0.527  0.499  3.626 4.149  -7.345  42.329 1.477  -0.266 3.529 
-10.053 -5.679 43.124 2  AA_DG2DC3:DG122DC123_BB   A 2  ? B 123 ? A 3  ? B 122 ? 
1 A DC  3  1_555 B DG  10 1_555 A DG  4  1_555 B DC  9  1_555 -0.260 0.641  3.083 1.893  10.081  26.035 -1.014 0.979  3.085 21.352 
-4.008 27.950 3  AA_DC3DG4:DC121DG122_BB   A 3  ? B 122 ? A 4  ? B 121 ? 
1 A DG  4  1_555 B DC  9  1_555 A DA  5  1_555 B DT  8  1_555 0.048  -0.163 3.381 0.102  2.879   39.379 -0.591 -0.059 3.362 4.265 
-0.151 39.480 4  AA_DG4DA5:DT120DC121_BB   A 4  ? B 121 ? A 5  ? B 120 ? 
1 A DA  5  1_555 B DT  8  1_555 A DA  6  1_555 B UAR 7  1_555 0.089  -0.486 3.136 -2.415 -0.550  34.876 -0.729 -0.497 3.130 -0.916 
4.023  34.961 5  AA_DA5DA6:UAR119DT120_BB  A 5  ? B 120 ? A 6  ? B 119 ? 
1 A DA  6  1_555 B UAR 7  1_555 A UAR 7  1_555 B DA  6  1_555 -0.048 -0.793 3.384 -0.128 0.213   30.175 -1.567 0.065  3.379 0.409 
0.247  30.176 6  AA_DA6UAR7:DA118UAR119_BB A 6  ? B 119 ? A 7  ? B 118 ? 
1 A UAR 7  1_555 B DA  6  1_555 A DT  8  1_555 B DA  5  1_555 -0.035 -0.383 3.089 3.752  -1.946  34.679 -0.359 0.596  3.085 -3.250 
-6.265 34.928 7  AA_UAR7DT8:DA117DA118_BB  A 7  ? B 118 ? A 8  ? B 117 ? 
1 A DT  8  1_555 B DA  5  1_555 A DC  9  1_555 B DG  4  1_555 -0.190 -0.246 3.504 -0.823 -0.905  43.250 -0.240 0.171  3.511 -1.227 
1.116  43.267 8  AA_DT8DC9:DG116DA117_BB   A 8  ? B 117 ? A 9  ? B 116 ? 
1 A DC  9  1_555 B DG  4  1_555 A DG  10 1_555 B DC  3  1_555 0.559  0.728  2.958 -3.289 4.097   25.620 0.594  -2.050 2.943 9.117 
7.320  26.144 9  AA_DC9DG10:DC115DG116_BB  A 9  ? B 116 ? A 10 ? B 115 ? 
1 A DG  10 1_555 B DC  3  1_555 A DC  11 1_555 B DG  2  1_555 -1.255 0.563  3.425 -2.865 -10.901 42.913 1.803  1.387  3.268 
-14.600 3.837  44.301 10 AA_DG10DC11:DG114DC115_BB A 10 ? B 115 ? A 11 ? B 114 ? 
1 A DC  11 1_555 B DG  2  1_555 A DG  12 1_555 B DC  1  1_555 -0.187 0.290  3.199 -0.205 6.020   32.765 -0.484 0.293  3.201 10.561 
0.360  33.299 11 AA_DC11DG12:DC113DG114_BB A 11 ? B 114 ? A 12 ? B 113 ? 
# 
loop_
_pdbx_entity_nonpoly.entity_id 
_pdbx_entity_nonpoly.name 
_pdbx_entity_nonpoly.comp_id 
2 'MAGNESIUM ION' MG  
3 water           HOH 
# 
_pdbx_initial_refinement_model.id               1 
_pdbx_initial_refinement_model.entity_id_list   ? 
_pdbx_initial_refinement_model.type             'experimental model' 
_pdbx_initial_refinement_model.source_name      PDB 
_pdbx_initial_refinement_model.accession_code   355D 
_pdbx_initial_refinement_model.details          'NDB entry BDL084/PDB entry 355D' 
# 
